data_4TLA
#
_entry.id   4TLA
#
_cell.length_a   79.785
_cell.length_b   133.593
_cell.length_c   153.977
_cell.angle_alpha   90.00
_cell.angle_beta   90.00
_cell.angle_gamma   90.00
#
_symmetry.space_group_name_H-M   'P 21 21 21'
#
loop_
_entity.id
_entity.type
_entity.pdbx_description
1 polymer 'Circadian clock protein kinase KaiC'
2 non-polymer 'PHOSPHOAMINOPHOSPHONIC ACID-ADENYLATE ESTER'
3 non-polymer 'MAGNESIUM ION'
4 non-polymer 'CHLORIDE ION'
5 non-polymer "ADENOSINE-5'-DIPHOSPHATE"
6 water water
#
_entity_poly.entity_id   1
_entity_poly.type   'polypeptide(L)'
_entity_poly.pdbx_seq_one_letter_code
;MTSAEMTSPNNNSEHQAIAKMRTMIEGFDDISHGGLPIGRSTLVSGTTGTGKTLFSIQFLYNGIIEFDEPGVFVTFEETP
QDIIKNARSFGWDLAKLVDEGKLFILDASPDPEGQEVVGGFDLSALIERINYAIQKYRARRVSIDSVTSVFQQYDASSVV
RRELFRLVARLKQIGATTVMTTERIEEYGPIARYGVEEFVSDNVVILRNVLEGERRRRTLEILKLRGTSHMKGEYPFTIT
DHGINIFPLGAMR
;
_entity_poly.pdbx_strand_id   A,B,C,D,E,F
#
# COMPACT_ATOMS: atom_id res chain seq x y z
N GLN A 16 -16.76 21.33 38.08
CA GLN A 16 -16.21 22.29 37.14
C GLN A 16 -16.01 21.63 35.75
N ALA A 17 -16.60 20.45 35.57
CA ALA A 17 -16.55 19.73 34.29
C ALA A 17 -16.94 20.66 33.13
N ILE A 18 -16.33 20.46 31.95
CA ILE A 18 -16.42 21.45 30.88
C ILE A 18 -17.88 21.78 30.53
N ALA A 19 -18.16 23.06 30.38
CA ALA A 19 -19.48 23.55 29.97
C ALA A 19 -19.56 23.55 28.46
N LYS A 20 -20.78 23.59 27.89
CA LYS A 20 -20.93 23.57 26.43
C LYS A 20 -21.74 24.74 25.93
N MET A 21 -21.55 25.05 24.66
CA MET A 21 -22.26 26.10 23.99
C MET A 21 -23.18 25.48 22.93
N ARG A 22 -24.45 25.87 22.92
N ARG A 22 -24.45 25.86 22.92
CA ARG A 22 -25.43 25.33 21.98
CA ARG A 22 -25.41 25.30 21.98
C ARG A 22 -25.13 25.74 20.55
C ARG A 22 -25.12 25.73 20.55
N THR A 23 -25.14 24.77 19.64
CA THR A 23 -24.96 25.10 18.22
C THR A 23 -26.31 25.42 17.58
N MET A 24 -27.39 24.90 18.16
CA MET A 24 -28.75 24.99 17.63
C MET A 24 -28.87 24.34 16.26
N ILE A 25 -27.89 23.53 15.91
CA ILE A 25 -28.00 22.74 14.70
C ILE A 25 -28.86 21.53 15.00
N GLU A 26 -30.01 21.46 14.33
CA GLU A 26 -31.02 20.43 14.61
C GLU A 26 -30.40 19.06 14.88
N GLY A 27 -30.53 18.56 16.12
CA GLY A 27 -30.02 17.25 16.47
C GLY A 27 -28.60 17.18 17.03
N PHE A 28 -27.77 18.19 16.76
CA PHE A 28 -26.36 18.09 17.17
C PHE A 28 -26.25 18.26 18.68
N ASP A 29 -27.01 19.21 19.22
CA ASP A 29 -26.91 19.48 20.67
C ASP A 29 -27.40 18.29 21.50
N ASP A 30 -28.26 17.46 20.92
CA ASP A 30 -28.64 16.17 21.55
C ASP A 30 -27.47 15.18 21.52
N ILE A 31 -26.86 15.04 20.35
CA ILE A 31 -25.73 14.08 20.17
C ILE A 31 -24.53 14.47 21.05
N SER A 32 -24.25 15.76 21.14
CA SER A 32 -23.15 16.26 21.97
C SER A 32 -23.50 16.52 23.43
N HIS A 33 -24.71 16.15 23.84
CA HIS A 33 -25.18 16.41 25.20
C HIS A 33 -24.97 17.86 25.60
N GLY A 34 -25.37 18.77 24.72
CA GLY A 34 -25.42 20.16 25.09
C GLY A 34 -24.72 21.14 24.18
N GLY A 35 -23.96 20.65 23.21
CA GLY A 35 -23.26 21.54 22.29
C GLY A 35 -21.76 21.34 22.31
N LEU A 36 -21.01 22.34 21.85
CA LEU A 36 -19.55 22.23 21.76
C LEU A 36 -18.92 22.72 23.05
N PRO A 37 -17.87 22.03 23.52
CA PRO A 37 -17.18 22.46 24.74
C PRO A 37 -16.68 23.92 24.61
N ILE A 38 -17.01 24.74 25.61
CA ILE A 38 -16.70 26.18 25.61
C ILE A 38 -15.20 26.43 25.81
N GLY A 39 -14.66 27.38 25.04
CA GLY A 39 -13.27 27.78 25.17
C GLY A 39 -12.29 26.79 24.54
N ARG A 40 -12.81 25.89 23.70
CA ARG A 40 -11.98 24.87 23.05
C ARG A 40 -12.27 24.80 21.57
N SER A 41 -11.41 24.09 20.82
CA SER A 41 -11.58 23.92 19.39
C SER A 41 -12.11 22.53 19.09
N THR A 42 -12.96 22.46 18.09
CA THR A 42 -13.50 21.17 17.65
C THR A 42 -13.10 20.98 16.20
N LEU A 43 -12.40 19.90 15.94
CA LEU A 43 -12.03 19.54 14.59
C LEU A 43 -13.25 18.95 13.90
N VAL A 44 -13.59 19.49 12.74
CA VAL A 44 -14.65 18.92 11.91
C VAL A 44 -14.03 18.47 10.57
N SER A 45 -13.88 17.15 10.41
CA SER A 45 -13.16 16.58 9.28
C SER A 45 -14.09 15.86 8.32
N GLY A 46 -13.76 15.91 7.03
CA GLY A 46 -14.60 15.17 6.07
C GLY A 46 -14.08 15.29 4.66
N THR A 47 -14.52 14.36 3.81
CA THR A 47 -14.19 14.41 2.40
C THR A 47 -14.92 15.61 1.77
N THR A 48 -14.69 15.85 0.48
CA THR A 48 -15.22 17.09 -0.07
C THR A 48 -16.74 17.05 -0.19
N GLY A 49 -17.37 18.20 0.07
CA GLY A 49 -18.81 18.30 -0.02
C GLY A 49 -19.57 17.49 1.05
N THR A 50 -18.97 17.33 2.23
CA THR A 50 -19.65 16.58 3.30
C THR A 50 -20.50 17.52 4.17
N GLY A 51 -20.29 18.82 3.99
CA GLY A 51 -20.97 19.82 4.79
C GLY A 51 -20.13 20.53 5.84
N LYS A 52 -18.80 20.52 5.71
CA LYS A 52 -17.92 21.15 6.71
C LYS A 52 -18.10 22.68 6.78
N THR A 53 -18.06 23.34 5.62
CA THR A 53 -18.22 24.78 5.63
C THR A 53 -19.60 25.12 6.17
N LEU A 54 -20.61 24.36 5.75
CA LEU A 54 -21.96 24.59 6.23
C LEU A 54 -22.06 24.50 7.76
N PHE A 55 -21.51 23.43 8.34
CA PHE A 55 -21.50 23.29 9.80
C PHE A 55 -20.86 24.54 10.45
N SER A 56 -19.73 24.96 9.89
CA SER A 56 -18.97 26.02 10.52
CA SER A 56 -18.94 26.05 10.46
C SER A 56 -19.70 27.35 10.39
N ILE A 57 -20.47 27.51 9.31
CA ILE A 57 -21.28 28.74 9.16
C ILE A 57 -22.54 28.71 10.03
N GLN A 58 -23.21 27.55 10.12
CA GLN A 58 -24.38 27.45 10.99
C GLN A 58 -24.00 27.73 12.44
N PHE A 59 -22.83 27.26 12.83
CA PHE A 59 -22.31 27.49 14.17
C PHE A 59 -22.31 28.99 14.47
N LEU A 60 -21.72 29.77 13.57
CA LEU A 60 -21.63 31.21 13.77
C LEU A 60 -22.98 31.88 13.61
N TYR A 61 -23.70 31.50 12.57
CA TYR A 61 -25.00 32.10 12.27
C TYR A 61 -25.98 31.96 13.45
N ASN A 62 -26.12 30.73 13.95
CA ASN A 62 -27.03 30.49 15.07
C ASN A 62 -26.54 31.20 16.33
N GLY A 63 -25.23 31.33 16.46
CA GLY A 63 -24.69 32.09 17.59
C GLY A 63 -25.21 33.52 17.57
N ILE A 64 -25.10 34.17 16.42
CA ILE A 64 -25.56 35.56 16.26
C ILE A 64 -27.06 35.70 16.40
N ILE A 65 -27.81 34.94 15.60
CA ILE A 65 -29.28 35.02 15.60
C ILE A 65 -29.95 34.56 16.89
N GLU A 66 -29.49 33.48 17.51
CA GLU A 66 -30.18 32.96 18.68
C GLU A 66 -29.68 33.56 19.98
N PHE A 67 -28.40 33.90 20.06
CA PHE A 67 -27.81 34.25 21.35
C PHE A 67 -27.09 35.57 21.38
N ASP A 68 -27.12 36.27 20.25
CA ASP A 68 -26.40 37.53 20.08
C ASP A 68 -24.92 37.38 20.42
N GLU A 69 -24.35 36.25 20.03
CA GLU A 69 -22.92 36.00 20.24
C GLU A 69 -22.21 36.27 18.95
N PRO A 70 -21.36 37.31 18.91
CA PRO A 70 -20.66 37.66 17.67
C PRO A 70 -19.72 36.56 17.21
N GLY A 71 -19.48 36.47 15.91
CA GLY A 71 -18.66 35.39 15.37
C GLY A 71 -17.62 35.89 14.39
N VAL A 72 -16.49 35.21 14.34
CA VAL A 72 -15.46 35.45 13.34
C VAL A 72 -15.28 34.22 12.44
N PHE A 73 -15.29 34.42 11.13
CA PHE A 73 -15.05 33.34 10.17
C PHE A 73 -13.72 33.58 9.45
N VAL A 74 -12.77 32.66 9.61
CA VAL A 74 -11.48 32.75 8.92
C VAL A 74 -11.45 31.87 7.67
N THR A 75 -11.27 32.48 6.51
CA THR A 75 -11.30 31.73 5.29
C THR A 75 -9.94 31.81 4.63
N PHE A 76 -9.48 30.70 4.05
CA PHE A 76 -8.18 30.63 3.38
C PHE A 76 -8.28 30.46 1.86
N GLU A 77 -9.43 30.03 1.36
CA GLU A 77 -9.57 29.81 -0.07
C GLU A 77 -10.81 30.48 -0.64
N GLU A 78 -11.99 30.12 -0.13
CA GLU A 78 -13.20 30.77 -0.60
C GLU A 78 -13.12 32.28 -0.30
N THR A 79 -13.58 33.10 -1.23
CA THR A 79 -13.65 34.53 -0.97
C THR A 79 -14.82 34.84 -0.04
N PRO A 80 -14.72 35.94 0.72
CA PRO A 80 -15.88 36.35 1.50
C PRO A 80 -17.17 36.41 0.70
N GLN A 81 -17.13 36.89 -0.54
CA GLN A 81 -18.35 37.01 -1.31
C GLN A 81 -18.89 35.63 -1.69
N ASP A 82 -18.02 34.67 -1.99
CA ASP A 82 -18.52 33.33 -2.28
C ASP A 82 -19.16 32.70 -1.02
N ILE A 83 -18.54 32.90 0.13
CA ILE A 83 -19.10 32.42 1.39
CA ILE A 83 -19.11 32.41 1.38
C ILE A 83 -20.52 32.97 1.59
N ILE A 84 -20.67 34.27 1.39
CA ILE A 84 -21.93 34.97 1.53
C ILE A 84 -22.95 34.49 0.50
N LYS A 85 -22.50 34.34 -0.74
CA LYS A 85 -23.34 33.87 -1.82
C LYS A 85 -23.89 32.47 -1.53
N ASN A 86 -23.00 31.56 -1.15
CA ASN A 86 -23.40 30.18 -0.90
C ASN A 86 -24.40 30.07 0.26
N ALA A 87 -24.25 30.90 1.28
CA ALA A 87 -25.16 30.88 2.42
C ALA A 87 -26.59 31.28 2.04
N ARG A 88 -26.76 32.00 0.92
CA ARG A 88 -28.09 32.35 0.40
C ARG A 88 -28.92 31.10 0.07
N SER A 89 -28.22 30.03 -0.29
CA SER A 89 -28.85 28.75 -0.52
C SER A 89 -29.79 28.35 0.63
N PHE A 90 -29.47 28.79 1.85
CA PHE A 90 -30.24 28.39 3.03
C PHE A 90 -31.09 29.53 3.59
N GLY A 91 -31.17 30.62 2.83
CA GLY A 91 -31.95 31.76 3.24
C GLY A 91 -31.28 32.58 4.34
N TRP A 92 -29.96 32.54 4.39
CA TRP A 92 -29.25 33.33 5.39
C TRP A 92 -28.57 34.52 4.75
N ASP A 93 -28.80 35.68 5.35
CA ASP A 93 -28.23 36.93 4.89
C ASP A 93 -26.99 37.25 5.72
N LEU A 94 -25.82 36.79 5.28
CA LEU A 94 -24.57 37.07 6.00
C LEU A 94 -24.08 38.53 5.85
N ALA A 95 -24.26 39.11 4.67
CA ALA A 95 -23.85 40.50 4.43
C ALA A 95 -24.53 41.44 5.42
N LYS A 96 -25.80 41.18 5.68
CA LYS A 96 -26.55 41.95 6.67
C LYS A 96 -25.91 41.84 8.06
N LEU A 97 -25.51 40.64 8.45
CA LEU A 97 -24.84 40.47 9.74
C LEU A 97 -23.45 41.13 9.76
N VAL A 98 -22.73 41.14 8.64
CA VAL A 98 -21.43 41.81 8.60
C VAL A 98 -21.63 43.34 8.69
N ASP A 99 -22.67 43.83 8.03
CA ASP A 99 -22.96 45.26 8.07
C ASP A 99 -23.35 45.69 9.48
N GLU A 100 -24.02 44.80 10.22
CA GLU A 100 -24.40 45.11 11.61
C GLU A 100 -23.22 44.92 12.57
N GLY A 101 -22.14 44.35 12.05
CA GLY A 101 -20.94 44.12 12.86
C GLY A 101 -21.08 42.93 13.81
N LYS A 102 -22.02 42.05 13.51
CA LYS A 102 -22.24 40.87 14.36
C LYS A 102 -21.48 39.66 13.80
N LEU A 103 -21.09 39.75 12.54
CA LEU A 103 -20.24 38.74 11.90
C LEU A 103 -19.04 39.41 11.27
N PHE A 104 -17.88 38.79 11.39
CA PHE A 104 -16.72 39.27 10.65
C PHE A 104 -16.11 38.11 9.88
N ILE A 105 -16.03 38.25 8.56
CA ILE A 105 -15.29 37.30 7.75
C ILE A 105 -13.87 37.81 7.58
N LEU A 106 -12.92 37.03 8.05
CA LEU A 106 -11.50 37.36 7.94
C LEU A 106 -10.88 36.70 6.70
N ASP A 107 -10.39 37.54 5.79
CA ASP A 107 -9.85 37.03 4.55
C ASP A 107 -8.35 36.75 4.64
N ALA A 108 -8.00 35.49 4.84
CA ALA A 108 -6.60 35.08 4.88
C ALA A 108 -6.23 34.32 3.61
N SER A 109 -7.02 34.53 2.56
CA SER A 109 -6.79 33.90 1.26
C SER A 109 -5.50 34.42 0.63
N PRO A 110 -4.89 33.61 -0.25
CA PRO A 110 -3.76 34.11 -1.05
C PRO A 110 -4.25 34.99 -2.20
N ASP A 111 -3.37 35.83 -2.71
CA ASP A 111 -3.69 36.73 -3.81
C ASP A 111 -3.53 36.03 -5.17
N PRO A 112 -4.54 36.17 -6.06
CA PRO A 112 -4.36 35.74 -7.45
C PRO A 112 -3.33 36.63 -8.16
N GLU A 113 -2.05 36.24 -8.13
CA GLU A 113 -0.89 37.05 -8.53
C GLU A 113 -1.18 38.26 -9.42
N ASP A 122 3.92 31.35 8.31
CA ASP A 122 3.77 32.60 9.05
C ASP A 122 2.40 32.67 9.74
N LEU A 123 2.26 31.95 10.85
CA LEU A 123 0.96 31.88 11.48
C LEU A 123 0.86 32.73 12.73
N SER A 124 2.00 33.26 13.18
CA SER A 124 1.99 34.23 14.27
C SER A 124 1.23 35.48 13.84
N ALA A 125 1.41 35.84 12.58
CA ALA A 125 0.73 36.99 11.99
C ALA A 125 -0.77 36.76 11.94
N LEU A 126 -1.18 35.66 11.31
CA LEU A 126 -2.59 35.32 11.21
C LEU A 126 -3.27 35.28 12.58
N ILE A 127 -2.57 34.74 13.56
CA ILE A 127 -3.13 34.58 14.89
C ILE A 127 -3.48 35.93 15.53
N GLU A 128 -2.58 36.90 15.45
CA GLU A 128 -2.93 38.17 16.08
C GLU A 128 -3.87 39.00 15.21
N ARG A 129 -4.01 38.63 13.94
CA ARG A 129 -5.15 39.12 13.15
C ARG A 129 -6.47 38.58 13.74
N ILE A 130 -6.53 37.27 13.94
CA ILE A 130 -7.71 36.65 14.54
C ILE A 130 -8.00 37.25 15.91
N ASN A 131 -6.95 37.38 16.73
CA ASN A 131 -7.13 37.93 18.06
C ASN A 131 -7.66 39.35 18.01
N TYR A 132 -7.13 40.14 17.08
CA TYR A 132 -7.58 41.54 16.96
C TYR A 132 -9.07 41.56 16.63
N ALA A 133 -9.45 40.73 15.66
CA ALA A 133 -10.83 40.59 15.22
C ALA A 133 -11.72 40.12 16.36
N ILE A 134 -11.25 39.15 17.13
CA ILE A 134 -12.02 38.68 18.27
C ILE A 134 -12.28 39.81 19.27
N GLN A 135 -11.24 40.58 19.60
CA GLN A 135 -11.41 41.66 20.56
C GLN A 135 -12.24 42.79 19.94
N LYS A 136 -11.97 43.09 18.67
CA LYS A 136 -12.70 44.17 17.99
C LYS A 136 -14.21 43.91 17.89
N TYR A 137 -14.61 42.68 17.58
CA TYR A 137 -16.04 42.39 17.37
C TYR A 137 -16.68 41.69 18.57
N ARG A 138 -15.93 41.55 19.66
CA ARG A 138 -16.43 40.94 20.90
C ARG A 138 -16.93 39.50 20.59
N ALA A 139 -16.12 38.78 19.83
CA ALA A 139 -16.55 37.48 19.30
C ALA A 139 -16.44 36.42 20.38
N ARG A 140 -17.39 35.50 20.39
CA ARG A 140 -17.34 34.36 21.30
C ARG A 140 -17.16 33.06 20.51
N ARG A 141 -17.53 33.10 19.22
CA ARG A 141 -17.44 31.93 18.34
C ARG A 141 -16.52 32.21 17.17
N VAL A 142 -15.66 31.25 16.85
CA VAL A 142 -14.78 31.35 15.70
C VAL A 142 -14.93 30.12 14.81
N SER A 143 -14.90 30.31 13.50
CA SER A 143 -14.77 29.16 12.59
C SER A 143 -13.57 29.36 11.67
N ILE A 144 -12.71 28.35 11.60
CA ILE A 144 -11.54 28.40 10.71
C ILE A 144 -11.64 27.34 9.63
N ASP A 145 -11.78 27.80 8.39
N ASP A 145 -11.67 27.82 8.39
CA ASP A 145 -12.11 26.89 7.31
CA ASP A 145 -11.87 26.99 7.21
C ASP A 145 -10.87 26.49 6.51
C ASP A 145 -10.76 27.22 6.19
N SER A 146 -10.65 25.18 6.41
N SER A 146 -9.82 26.27 6.03
CA SER A 146 -9.46 24.62 5.76
CA SER A 146 -9.81 25.00 6.75
C SER A 146 -8.18 25.19 6.34
C SER A 146 -8.54 24.72 7.56
N ALA A 156 6.65 15.68 6.82
CA ALA A 156 6.38 16.99 7.41
C ALA A 156 5.26 16.91 8.45
N SER A 157 4.75 15.70 8.69
CA SER A 157 3.65 15.47 9.63
C SER A 157 4.00 15.95 11.05
N SER A 158 5.28 15.86 11.38
CA SER A 158 5.80 16.37 12.64
C SER A 158 5.55 17.87 12.79
N VAL A 159 5.79 18.62 11.71
CA VAL A 159 5.62 20.06 11.74
C VAL A 159 4.13 20.45 11.69
N VAL A 160 3.30 19.66 11.03
CA VAL A 160 1.87 19.96 11.01
C VAL A 160 1.31 19.78 12.44
N ARG A 161 1.66 18.66 13.07
CA ARG A 161 1.26 18.39 14.44
C ARG A 161 1.62 19.53 15.39
N ARG A 162 2.84 20.04 15.25
CA ARG A 162 3.31 21.11 16.12
C ARG A 162 2.63 22.42 15.79
N GLU A 163 2.35 22.63 14.51
CA GLU A 163 1.70 23.88 14.09
C GLU A 163 0.22 23.92 14.48
N LEU A 164 -0.48 22.81 14.31
CA LEU A 164 -1.86 22.72 14.75
C LEU A 164 -1.93 22.77 16.28
N PHE A 165 -0.94 22.19 16.96
CA PHE A 165 -0.89 22.24 18.43
C PHE A 165 -0.85 23.66 18.91
N ARG A 166 -0.01 24.45 18.26
CA ARG A 166 0.20 25.81 18.72
C ARG A 166 -1.05 26.64 18.42
N LEU A 167 -1.62 26.48 17.23
CA LEU A 167 -2.85 27.21 16.88
C LEU A 167 -4.00 26.93 17.88
N VAL A 168 -4.22 25.66 18.19
CA VAL A 168 -5.21 25.29 19.19
C VAL A 168 -4.95 26.02 20.52
N ALA A 169 -3.70 26.01 21.01
CA ALA A 169 -3.37 26.63 22.30
C ALA A 169 -3.65 28.13 22.30
N ARG A 170 -3.34 28.78 21.19
CA ARG A 170 -3.53 30.22 21.13
C ARG A 170 -5.01 30.60 21.20
N LEU A 171 -5.86 29.86 20.48
CA LEU A 171 -7.28 30.15 20.57
C LEU A 171 -7.84 29.88 21.98
N LYS A 172 -7.32 28.86 22.66
CA LYS A 172 -7.78 28.54 24.02
C LYS A 172 -7.45 29.68 24.98
N GLN A 173 -6.27 30.27 24.84
CA GLN A 173 -5.88 31.34 25.77
C GLN A 173 -6.78 32.57 25.60
N ILE A 174 -7.22 32.83 24.37
CA ILE A 174 -8.15 33.93 24.07
C ILE A 174 -9.56 33.67 24.60
N GLY A 175 -9.93 32.39 24.75
CA GLY A 175 -11.22 32.03 25.32
C GLY A 175 -12.30 31.78 24.28
N ALA A 176 -11.90 31.76 23.03
CA ALA A 176 -12.83 31.53 21.92
C ALA A 176 -13.32 30.08 21.90
N THR A 177 -14.53 29.86 21.40
CA THR A 177 -15.00 28.50 21.12
C THR A 177 -14.95 28.35 19.60
N THR A 178 -14.17 27.38 19.13
CA THR A 178 -13.75 27.33 17.74
C THR A 178 -14.11 26.03 17.02
N VAL A 179 -14.66 26.16 15.80
CA VAL A 179 -14.80 25.04 14.89
C VAL A 179 -13.68 25.14 13.86
N MET A 180 -12.82 24.13 13.77
CA MET A 180 -11.91 24.13 12.63
C MET A 180 -12.11 22.93 11.71
N THR A 181 -12.35 23.23 10.44
CA THR A 181 -12.56 22.17 9.45
C THR A 181 -11.24 21.63 8.97
N THR A 182 -11.22 20.34 8.61
CA THR A 182 -10.10 19.73 7.88
C THR A 182 -10.59 18.75 6.83
N GLU A 183 -9.71 18.50 5.86
CA GLU A 183 -10.00 17.62 4.75
C GLU A 183 -9.47 16.20 4.99
N ARG A 184 -10.14 15.22 4.38
CA ARG A 184 -9.67 13.84 4.38
C ARG A 184 -10.04 13.28 3.02
N ILE A 185 -9.48 12.14 2.63
CA ILE A 185 -9.73 11.69 1.27
C ILE A 185 -10.43 10.33 1.21
N GLU A 186 -10.60 9.66 2.35
CA GLU A 186 -11.45 8.48 2.36
C GLU A 186 -12.36 8.41 3.58
N GLU A 187 -13.53 7.79 3.41
CA GLU A 187 -14.59 7.86 4.40
C GLU A 187 -14.24 7.11 5.67
N TYR A 188 -13.48 6.03 5.54
CA TYR A 188 -13.09 5.26 6.72
C TYR A 188 -11.58 5.10 6.86
N GLY A 189 -10.84 6.03 6.29
CA GLY A 189 -9.40 6.03 6.48
C GLY A 189 -9.03 7.02 7.56
N PRO A 190 -7.84 7.63 7.42
CA PRO A 190 -7.39 8.63 8.39
C PRO A 190 -8.50 9.65 8.64
N ILE A 191 -8.53 10.14 9.85
CA ILE A 191 -9.51 11.12 10.26
C ILE A 191 -9.25 12.45 9.56
N ALA A 192 -7.98 12.82 9.43
CA ALA A 192 -7.67 14.00 8.66
C ALA A 192 -6.70 13.64 7.53
N ARG A 193 -5.66 14.45 7.30
CA ARG A 193 -4.71 14.20 6.21
C ARG A 193 -3.41 13.48 6.62
N TYR A 194 -2.77 13.97 7.67
CA TYR A 194 -1.45 13.47 8.09
C TYR A 194 -1.40 12.43 9.22
N GLY A 195 -2.56 12.02 9.74
CA GLY A 195 -2.61 11.05 10.83
C GLY A 195 -2.21 11.60 12.19
N VAL A 196 -2.19 12.93 12.32
CA VAL A 196 -1.83 13.50 13.61
C VAL A 196 -2.84 14.54 14.13
N GLU A 197 -3.57 15.17 13.20
CA GLU A 197 -4.41 16.30 13.56
C GLU A 197 -5.45 15.89 14.63
N GLU A 198 -6.01 14.69 14.49
CA GLU A 198 -7.01 14.23 15.45
C GLU A 198 -6.44 14.03 16.85
N PHE A 199 -5.15 13.71 16.94
CA PHE A 199 -4.53 13.49 18.25
C PHE A 199 -4.23 14.78 19.01
N VAL A 200 -4.02 15.88 18.29
CA VAL A 200 -3.71 17.12 18.97
C VAL A 200 -4.99 17.95 19.19
N SER A 201 -6.14 17.43 18.74
CA SER A 201 -7.42 18.13 18.91
C SER A 201 -8.15 17.63 20.17
N ASP A 202 -8.70 18.58 20.93
CA ASP A 202 -9.53 18.29 22.12
C ASP A 202 -10.81 17.57 21.76
N ASN A 203 -11.38 17.98 20.64
CA ASN A 203 -12.66 17.49 20.16
C ASN A 203 -12.62 17.14 18.71
N VAL A 204 -13.25 16.03 18.34
CA VAL A 204 -13.25 15.59 16.94
C VAL A 204 -14.60 15.12 16.46
N VAL A 205 -15.06 15.72 15.36
CA VAL A 205 -16.30 15.41 14.67
C VAL A 205 -15.95 15.00 13.25
N ILE A 206 -16.53 13.91 12.79
CA ILE A 206 -16.27 13.42 11.44
C ILE A 206 -17.57 13.43 10.64
N LEU A 207 -17.56 14.10 9.49
CA LEU A 207 -18.68 14.07 8.55
C LEU A 207 -18.36 13.07 7.44
N ARG A 208 -19.29 12.20 7.13
CA ARG A 208 -19.08 11.21 6.07
C ARG A 208 -20.16 11.33 5.03
N ASN A 209 -19.81 10.89 3.83
CA ASN A 209 -20.74 10.88 2.71
C ASN A 209 -20.50 9.56 2.01
N VAL A 210 -21.06 8.49 2.54
CA VAL A 210 -20.61 7.17 2.11
C VAL A 210 -21.42 6.69 0.94
N LEU A 211 -20.73 6.18 -0.06
CA LEU A 211 -21.37 5.66 -1.25
C LEU A 211 -21.55 4.16 -1.06
N GLU A 212 -22.77 3.70 -1.17
CA GLU A 212 -23.01 2.26 -1.10
C GLU A 212 -24.11 1.86 -2.06
N GLY A 213 -23.81 0.93 -2.96
CA GLY A 213 -24.79 0.53 -3.97
C GLY A 213 -25.39 1.70 -4.74
N GLU A 214 -24.50 2.59 -5.18
CA GLU A 214 -24.80 3.75 -6.04
C GLU A 214 -25.54 4.86 -5.33
N ARG A 215 -25.79 4.67 -4.03
CA ARG A 215 -26.49 5.69 -3.25
C ARG A 215 -25.56 6.30 -2.19
N ARG A 216 -25.74 7.59 -1.92
CA ARG A 216 -25.00 8.29 -0.87
C ARG A 216 -25.82 8.43 0.43
N ARG A 217 -25.10 8.39 1.54
CA ARG A 217 -25.68 8.57 2.86
C ARG A 217 -24.77 9.47 3.68
N ARG A 218 -25.30 10.61 4.12
CA ARG A 218 -24.52 11.50 4.98
C ARG A 218 -24.64 11.07 6.45
N THR A 219 -23.51 11.04 7.14
CA THR A 219 -23.55 10.80 8.61
C THR A 219 -22.60 11.73 9.35
N LEU A 220 -22.93 11.98 10.61
CA LEU A 220 -22.07 12.77 11.50
C LEU A 220 -21.69 11.90 12.68
N GLU A 221 -20.40 11.94 13.05
CA GLU A 221 -19.97 11.22 14.25
C GLU A 221 -19.20 12.12 15.19
N ILE A 222 -19.56 12.10 16.47
CA ILE A 222 -18.70 12.75 17.45
C ILE A 222 -17.75 11.67 17.95
N LEU A 223 -16.51 11.73 17.49
CA LEU A 223 -15.54 10.67 17.81
C LEU A 223 -15.03 10.81 19.23
N LYS A 224 -14.78 12.04 19.64
CA LYS A 224 -14.12 12.34 20.92
C LYS A 224 -14.49 13.73 21.43
N LEU A 225 -14.88 13.83 22.69
CA LEU A 225 -14.99 15.16 23.31
C LEU A 225 -14.27 15.05 24.64
N ARG A 226 -13.03 15.57 24.72
CA ARG A 226 -12.23 15.37 25.94
C ARG A 226 -13.02 15.94 27.12
N GLY A 227 -13.11 15.18 28.19
CA GLY A 227 -13.66 15.66 29.44
C GLY A 227 -15.15 15.77 29.56
N THR A 228 -15.88 15.15 28.64
CA THR A 228 -17.33 15.19 28.74
C THR A 228 -17.95 14.02 27.96
N SER A 229 -19.22 13.76 28.15
CA SER A 229 -19.91 12.68 27.44
C SER A 229 -20.55 13.14 26.12
N HIS A 230 -20.95 12.17 25.27
CA HIS A 230 -21.58 12.44 23.99
C HIS A 230 -22.07 11.10 23.46
N MET A 231 -23.05 11.14 22.57
CA MET A 231 -23.49 9.92 21.94
C MET A 231 -22.40 9.48 20.98
N LYS A 232 -22.36 8.18 20.75
CA LYS A 232 -21.28 7.53 20.01
C LYS A 232 -21.75 6.97 18.68
N GLY A 233 -20.82 6.83 17.74
CA GLY A 233 -21.18 6.27 16.44
C GLY A 233 -21.71 7.30 15.45
N GLU A 234 -22.11 6.82 14.28
CA GLU A 234 -22.59 7.68 13.20
C GLU A 234 -24.09 7.91 13.32
N TYR A 235 -24.51 9.15 13.07
CA TYR A 235 -25.95 9.54 12.99
C TYR A 235 -26.24 10.13 11.62
N PRO A 236 -27.30 9.64 10.95
CA PRO A 236 -27.62 10.14 9.60
C PRO A 236 -28.06 11.59 9.62
N PHE A 237 -27.69 12.36 8.58
CA PHE A 237 -28.20 13.70 8.45
C PHE A 237 -28.48 14.02 7.00
N THR A 238 -29.28 15.07 6.82
CA THR A 238 -29.48 15.63 5.49
C THR A 238 -29.07 17.09 5.46
N ILE A 239 -28.76 17.57 4.26
CA ILE A 239 -28.59 19.00 4.03
C ILE A 239 -29.78 19.42 3.20
N THR A 240 -30.52 20.41 3.68
CA THR A 240 -31.69 20.90 2.97
C THR A 240 -31.63 22.42 2.97
N ASP A 241 -32.74 23.06 2.57
CA ASP A 241 -32.86 24.51 2.54
C ASP A 241 -32.64 25.16 3.91
N HIS A 242 -32.77 24.36 4.97
CA HIS A 242 -32.63 24.89 6.32
C HIS A 242 -31.27 24.55 6.95
N GLY A 243 -30.35 23.96 6.17
CA GLY A 243 -29.03 23.64 6.70
C GLY A 243 -28.94 22.17 7.02
N ILE A 244 -28.10 21.83 8.00
CA ILE A 244 -27.90 20.45 8.44
C ILE A 244 -29.04 20.02 9.36
N ASN A 245 -29.63 18.87 9.07
CA ASN A 245 -30.64 18.26 9.92
C ASN A 245 -30.19 16.88 10.33
N ILE A 246 -29.80 16.72 11.59
CA ILE A 246 -29.37 15.42 12.08
C ILE A 246 -30.50 14.65 12.73
N PHE A 247 -30.54 13.35 12.47
CA PHE A 247 -31.55 12.49 13.10
C PHE A 247 -30.89 11.53 14.10
N PRO A 248 -30.93 11.88 15.40
CA PRO A 248 -30.35 11.05 16.48
C PRO A 248 -30.98 9.66 16.57
N GLN B 16 -31.10 35.47 -3.23
CA GLN B 16 -30.32 35.46 -4.46
C GLN B 16 -29.25 34.36 -4.48
N ALA B 17 -29.70 33.11 -4.38
CA ALA B 17 -28.81 31.95 -4.47
C ALA B 17 -28.22 31.78 -5.88
N ILE B 18 -27.24 30.90 -6.02
CA ILE B 18 -26.55 30.72 -7.30
C ILE B 18 -27.48 30.16 -8.40
N ALA B 19 -27.46 30.79 -9.59
CA ALA B 19 -28.23 30.31 -10.74
C ALA B 19 -27.40 29.33 -11.59
N LYS B 20 -28.06 28.59 -12.47
CA LYS B 20 -27.42 27.55 -13.28
C LYS B 20 -27.62 27.76 -14.78
N MET B 21 -26.68 27.30 -15.60
CA MET B 21 -26.87 27.31 -17.06
C MET B 21 -27.07 25.88 -17.55
N ARG B 22 -28.00 25.71 -18.49
CA ARG B 22 -28.36 24.38 -18.95
C ARG B 22 -27.26 23.79 -19.81
N THR B 23 -26.97 22.53 -19.58
CA THR B 23 -26.03 21.80 -20.44
C THR B 23 -26.75 21.31 -21.68
N MET B 24 -28.07 21.12 -21.53
CA MET B 24 -28.91 20.47 -22.54
C MET B 24 -28.61 18.98 -22.77
N ILE B 25 -27.87 18.34 -21.87
CA ILE B 25 -27.96 16.87 -21.71
C ILE B 25 -29.13 16.65 -20.76
N GLU B 26 -30.25 16.12 -21.25
CA GLU B 26 -31.52 16.33 -20.51
C GLU B 26 -31.49 15.70 -19.12
N GLY B 27 -30.88 14.52 -19.03
CA GLY B 27 -30.72 13.86 -17.75
C GLY B 27 -29.81 14.63 -16.81
N PHE B 28 -28.79 15.32 -17.35
CA PHE B 28 -27.88 16.07 -16.47
C PHE B 28 -28.57 17.29 -15.86
N ASP B 29 -29.32 18.02 -16.66
CA ASP B 29 -30.01 19.18 -16.12
C ASP B 29 -31.11 18.71 -15.14
N ASP B 30 -31.59 17.48 -15.28
CA ASP B 30 -32.56 16.95 -14.28
C ASP B 30 -31.86 16.69 -12.96
N ILE B 31 -30.73 16.00 -12.96
CA ILE B 31 -30.16 15.65 -11.66
C ILE B 31 -29.39 16.83 -11.02
N SER B 32 -28.99 17.82 -11.79
CA SER B 32 -28.34 19.00 -11.22
C SER B 32 -29.37 20.08 -10.89
N HIS B 33 -30.64 19.78 -11.11
CA HIS B 33 -31.74 20.77 -10.96
C HIS B 33 -31.52 22.08 -11.69
N GLY B 34 -31.20 22.00 -12.98
CA GLY B 34 -31.12 23.21 -13.78
C GLY B 34 -29.86 23.41 -14.61
N GLY B 35 -28.82 22.64 -14.34
CA GLY B 35 -27.57 22.85 -15.05
C GLY B 35 -26.36 23.13 -14.17
N LEU B 36 -25.31 23.68 -14.78
CA LEU B 36 -24.10 23.95 -14.05
C LEU B 36 -24.16 25.35 -13.46
N PRO B 37 -23.71 25.50 -12.21
CA PRO B 37 -23.72 26.82 -11.57
C PRO B 37 -22.93 27.87 -12.37
N ILE B 38 -23.58 29.00 -12.66
CA ILE B 38 -23.01 30.01 -13.54
C ILE B 38 -21.83 30.72 -12.89
N GLY B 39 -20.77 30.95 -13.68
CA GLY B 39 -19.60 31.70 -13.20
C GLY B 39 -18.61 30.92 -12.33
N ARG B 40 -18.80 29.61 -12.26
CA ARG B 40 -17.95 28.77 -11.45
C ARG B 40 -17.38 27.56 -12.18
N SER B 41 -16.42 26.90 -11.56
CA SER B 41 -15.72 25.80 -12.22
C SER B 41 -16.23 24.47 -11.71
N THR B 42 -16.40 23.52 -12.62
CA THR B 42 -16.86 22.19 -12.27
C THR B 42 -15.81 21.22 -12.70
N LEU B 43 -15.29 20.48 -11.74
CA LEU B 43 -14.36 19.39 -11.99
C LEU B 43 -15.12 18.16 -12.44
N VAL B 44 -14.70 17.57 -13.54
CA VAL B 44 -15.25 16.33 -14.05
C VAL B 44 -14.11 15.32 -14.06
N SER B 45 -14.20 14.34 -13.18
CA SER B 45 -13.10 13.38 -13.03
CA SER B 45 -13.11 13.38 -13.04
C SER B 45 -13.56 11.99 -13.43
N GLY B 46 -12.64 11.19 -13.95
CA GLY B 46 -13.00 9.82 -14.32
C GLY B 46 -11.79 9.08 -14.88
N THR B 47 -11.83 7.76 -14.86
CA THR B 47 -10.77 6.95 -15.44
C THR B 47 -10.75 7.19 -16.96
N THR B 48 -9.76 6.63 -17.67
CA THR B 48 -9.66 6.98 -19.08
C THR B 48 -10.81 6.32 -19.84
N GLY B 49 -11.38 7.03 -20.81
CA GLY B 49 -12.43 6.42 -21.60
C GLY B 49 -13.82 6.48 -20.94
N THR B 50 -13.99 7.35 -19.95
CA THR B 50 -15.29 7.50 -19.25
C THR B 50 -16.23 8.54 -19.90
N GLY B 51 -15.70 9.38 -20.79
CA GLY B 51 -16.52 10.39 -21.45
C GLY B 51 -16.26 11.81 -20.99
N LYS B 52 -15.12 12.05 -20.36
CA LYS B 52 -14.79 13.40 -19.89
C LYS B 52 -14.65 14.40 -21.01
N THR B 53 -13.88 14.04 -22.04
CA THR B 53 -13.70 14.96 -23.16
C THR B 53 -15.05 15.18 -23.82
N LEU B 54 -15.82 14.11 -23.99
CA LEU B 54 -17.13 14.27 -24.64
C LEU B 54 -18.03 15.19 -23.86
N PHE B 55 -18.08 14.98 -22.54
CA PHE B 55 -18.87 15.88 -21.68
C PHE B 55 -18.43 17.34 -21.88
N SER B 56 -17.12 17.59 -21.86
CA SER B 56 -16.65 18.97 -21.97
CA SER B 56 -16.60 18.96 -22.03
C SER B 56 -16.95 19.60 -23.36
N ILE B 57 -16.91 18.79 -24.41
CA ILE B 57 -17.24 19.29 -25.77
C ILE B 57 -18.75 19.50 -25.91
N GLN B 58 -19.54 18.56 -25.38
CA GLN B 58 -21.01 18.65 -25.49
C GLN B 58 -21.51 19.90 -24.77
N PHE B 59 -20.88 20.20 -23.63
CA PHE B 59 -21.14 21.44 -22.89
C PHE B 59 -20.97 22.68 -23.77
N LEU B 60 -19.87 22.72 -24.52
CA LEU B 60 -19.62 23.88 -25.38
C LEU B 60 -20.54 23.87 -26.62
N TYR B 61 -20.64 22.68 -27.23
CA TYR B 61 -21.43 22.54 -28.44
C TYR B 61 -22.89 22.92 -28.25
N ASN B 62 -23.49 22.39 -27.18
CA ASN B 62 -24.87 22.73 -26.88
C ASN B 62 -25.02 24.20 -26.55
N GLY B 63 -24.02 24.79 -25.89
CA GLY B 63 -24.09 26.21 -25.59
C GLY B 63 -24.18 27.07 -26.84
N ILE B 64 -23.39 26.72 -27.85
CA ILE B 64 -23.41 27.42 -29.12
C ILE B 64 -24.67 27.17 -29.90
N ILE B 65 -25.05 25.89 -30.07
CA ILE B 65 -26.19 25.54 -30.92
C ILE B 65 -27.53 26.01 -30.29
N GLU B 66 -27.67 25.84 -28.98
CA GLU B 66 -28.93 26.16 -28.30
C GLU B 66 -29.06 27.61 -27.88
N PHE B 67 -27.95 28.21 -27.46
CA PHE B 67 -28.05 29.55 -26.86
C PHE B 67 -27.17 30.61 -27.52
N ASP B 68 -26.40 30.21 -28.54
CA ASP B 68 -25.42 31.15 -29.16
C ASP B 68 -24.45 31.75 -28.11
N GLU B 69 -24.06 30.92 -27.15
CA GLU B 69 -23.01 31.24 -26.19
C GLU B 69 -21.69 30.68 -26.71
N PRO B 70 -20.76 31.58 -27.11
CA PRO B 70 -19.49 31.06 -27.64
C PRO B 70 -18.70 30.32 -26.59
N GLY B 71 -17.86 29.42 -27.08
CA GLY B 71 -17.05 28.60 -26.21
C GLY B 71 -15.57 28.54 -26.52
N VAL B 72 -14.79 28.27 -25.48
CA VAL B 72 -13.35 28.06 -25.62
C VAL B 72 -13.00 26.71 -25.05
N PHE B 73 -12.39 25.87 -25.88
CA PHE B 73 -11.93 24.57 -25.47
C PHE B 73 -10.41 24.62 -25.40
N VAL B 74 -9.87 24.33 -24.22
CA VAL B 74 -8.44 24.35 -24.01
C VAL B 74 -7.94 22.93 -24.01
N THR B 75 -7.08 22.58 -24.95
CA THR B 75 -6.63 21.19 -25.02
C THR B 75 -5.15 21.02 -24.68
N PHE B 76 -4.85 19.99 -23.88
CA PHE B 76 -3.48 19.68 -23.48
C PHE B 76 -2.92 18.39 -24.11
N GLU B 77 -3.78 17.42 -24.39
N GLU B 77 -3.80 17.44 -24.42
CA GLU B 77 -3.29 16.21 -25.04
CA GLU B 77 -3.40 16.12 -24.94
C GLU B 77 -3.63 16.18 -26.53
C GLU B 77 -3.67 15.98 -26.45
N GLU B 78 -4.91 16.21 -26.86
CA GLU B 78 -5.32 16.06 -28.26
C GLU B 78 -5.05 17.32 -29.06
N THR B 79 -4.72 17.14 -30.33
CA THR B 79 -4.61 18.29 -31.20
C THR B 79 -6.00 18.76 -31.57
N PRO B 80 -6.15 20.06 -31.92
CA PRO B 80 -7.43 20.56 -32.40
C PRO B 80 -7.94 19.72 -33.56
N GLN B 81 -7.07 19.30 -34.49
CA GLN B 81 -7.55 18.50 -35.63
C GLN B 81 -8.19 17.18 -35.18
N ASP B 82 -7.65 16.57 -34.14
CA ASP B 82 -8.20 15.32 -33.60
C ASP B 82 -9.50 15.56 -32.79
N ILE B 83 -9.58 16.67 -32.07
CA ILE B 83 -10.82 17.00 -31.37
C ILE B 83 -11.97 17.14 -32.37
N ILE B 84 -11.72 17.88 -33.45
CA ILE B 84 -12.68 18.05 -34.55
C ILE B 84 -13.04 16.70 -35.24
N LYS B 85 -12.03 15.89 -35.54
CA LYS B 85 -12.27 14.60 -36.17
C LYS B 85 -13.11 13.73 -35.23
N ASN B 86 -12.77 13.70 -33.96
CA ASN B 86 -13.48 12.81 -33.04
C ASN B 86 -14.93 13.24 -32.88
N ALA B 87 -15.20 14.53 -32.91
CA ALA B 87 -16.58 14.99 -32.74
C ALA B 87 -17.46 14.61 -33.94
N ARG B 88 -16.86 14.37 -35.11
CA ARG B 88 -17.64 13.95 -36.28
C ARG B 88 -18.41 12.63 -35.98
N SER B 89 -17.91 11.85 -35.03
CA SER B 89 -18.58 10.61 -34.54
C SER B 89 -20.02 10.90 -34.13
N PHE B 90 -20.26 12.13 -33.63
CA PHE B 90 -21.59 12.48 -33.16
C PHE B 90 -22.34 13.39 -34.10
N GLY B 91 -21.86 13.51 -35.33
CA GLY B 91 -22.47 14.39 -36.32
C GLY B 91 -22.28 15.88 -35.98
N TRP B 92 -21.28 16.19 -35.17
CA TRP B 92 -21.06 17.63 -34.83
C TRP B 92 -19.95 18.17 -35.72
N ASP B 93 -20.16 19.35 -36.32
CA ASP B 93 -19.17 19.97 -37.22
C ASP B 93 -18.49 21.11 -36.46
N LEU B 94 -17.45 20.77 -35.71
CA LEU B 94 -16.79 21.76 -34.88
C LEU B 94 -15.92 22.70 -35.77
N ALA B 95 -15.46 22.21 -36.92
CA ALA B 95 -14.65 23.07 -37.80
C ALA B 95 -15.48 24.25 -38.31
N LYS B 96 -16.74 23.98 -38.59
CA LYS B 96 -17.64 25.03 -38.98
C LYS B 96 -17.81 26.07 -37.85
N LEU B 97 -18.02 25.59 -36.62
CA LEU B 97 -18.20 26.51 -35.49
C LEU B 97 -16.94 27.38 -35.24
N VAL B 98 -15.78 26.78 -35.41
CA VAL B 98 -14.52 27.52 -35.30
C VAL B 98 -14.47 28.57 -36.40
N ASP B 99 -14.81 28.17 -37.62
CA ASP B 99 -14.71 29.09 -38.75
C ASP B 99 -15.66 30.25 -38.58
N GLU B 100 -16.80 30.00 -37.92
CA GLU B 100 -17.78 31.04 -37.72
C GLU B 100 -17.42 31.93 -36.54
N GLY B 101 -16.38 31.56 -35.80
CA GLY B 101 -15.95 32.29 -34.62
C GLY B 101 -16.83 32.09 -33.38
N LYS B 102 -17.55 30.95 -33.34
CA LYS B 102 -18.39 30.58 -32.20
C LYS B 102 -17.64 29.73 -31.20
N LEU B 103 -16.63 29.05 -31.70
CA LEU B 103 -15.81 28.14 -30.90
C LEU B 103 -14.33 28.46 -31.15
N PHE B 104 -13.51 28.37 -30.10
CA PHE B 104 -12.06 28.42 -30.30
C PHE B 104 -11.43 27.29 -29.56
N ILE B 105 -10.59 26.53 -30.28
CA ILE B 105 -9.87 25.43 -29.68
C ILE B 105 -8.45 25.92 -29.49
N LEU B 106 -8.06 26.03 -28.22
CA LEU B 106 -6.82 26.65 -27.81
C LEU B 106 -5.82 25.54 -27.59
N ASP B 107 -4.75 25.57 -28.36
CA ASP B 107 -3.81 24.47 -28.37
C ASP B 107 -2.67 24.72 -27.38
N ALA B 108 -2.66 23.92 -26.33
CA ALA B 108 -1.62 24.00 -25.31
C ALA B 108 -0.93 22.65 -25.22
N SER B 109 -1.23 21.77 -26.17
CA SER B 109 -0.61 20.44 -26.24
C SER B 109 0.87 20.61 -26.59
N PRO B 110 1.73 19.69 -26.14
CA PRO B 110 3.17 19.89 -26.28
C PRO B 110 3.68 19.63 -27.70
N ASP B 111 4.81 20.24 -28.04
CA ASP B 111 5.42 20.10 -29.35
C ASP B 111 6.09 18.72 -29.49
N PRO B 112 5.68 17.97 -30.53
CA PRO B 112 6.25 16.67 -30.93
C PRO B 112 7.78 16.68 -30.98
N ASP B 122 4.40 27.32 -17.39
CA ASP B 122 4.06 28.69 -17.03
C ASP B 122 2.54 28.88 -16.92
N LEU B 123 2.03 28.77 -15.70
CA LEU B 123 0.58 28.87 -15.48
C LEU B 123 0.03 30.25 -15.81
N SER B 124 0.75 31.30 -15.46
CA SER B 124 0.35 32.67 -15.78
C SER B 124 0.22 32.94 -17.29
N ALA B 125 1.11 32.36 -18.09
CA ALA B 125 1.03 32.54 -19.53
C ALA B 125 -0.23 31.85 -20.07
N LEU B 126 -0.48 30.63 -19.64
CA LEU B 126 -1.70 29.93 -20.05
C LEU B 126 -2.96 30.74 -19.69
N ILE B 127 -3.01 31.24 -18.46
CA ILE B 127 -4.18 31.99 -17.99
C ILE B 127 -4.42 33.25 -18.82
N GLU B 128 -3.35 33.93 -19.20
CA GLU B 128 -3.55 35.11 -20.04
C GLU B 128 -4.02 34.74 -21.47
N ARG B 129 -3.54 33.62 -22.00
CA ARG B 129 -4.05 33.09 -23.27
C ARG B 129 -5.56 32.78 -23.20
N ILE B 130 -5.97 32.16 -22.11
CA ILE B 130 -7.39 31.83 -21.91
C ILE B 130 -8.18 33.10 -21.82
N ASN B 131 -7.72 34.03 -21.00
CA ASN B 131 -8.40 35.33 -20.89
C ASN B 131 -8.52 36.08 -22.22
N TYR B 132 -7.42 36.11 -22.98
CA TYR B 132 -7.40 36.74 -24.30
C TYR B 132 -8.42 36.10 -25.25
N ALA B 133 -8.50 34.77 -25.25
CA ALA B 133 -9.50 34.06 -26.07
C ALA B 133 -10.94 34.37 -25.64
N ILE B 134 -11.20 34.31 -24.34
CA ILE B 134 -12.54 34.61 -23.87
C ILE B 134 -12.97 36.00 -24.33
N GLN B 135 -12.07 36.98 -24.27
CA GLN B 135 -12.41 38.31 -24.74
C GLN B 135 -12.60 38.38 -26.25
N LYS B 136 -11.68 37.74 -26.97
CA LYS B 136 -11.70 37.79 -28.43
C LYS B 136 -13.04 37.25 -28.98
N TYR B 137 -13.50 36.15 -28.38
CA TYR B 137 -14.66 35.41 -28.87
C TYR B 137 -15.95 35.68 -28.10
N ARG B 138 -15.88 36.54 -27.08
CA ARG B 138 -16.98 36.80 -26.15
C ARG B 138 -17.55 35.51 -25.57
N ALA B 139 -16.67 34.61 -25.16
CA ALA B 139 -17.08 33.28 -24.72
C ALA B 139 -17.69 33.34 -23.31
N ARG B 140 -18.69 32.50 -23.09
CA ARG B 140 -19.37 32.34 -21.79
C ARG B 140 -19.07 30.98 -21.16
N ARG B 141 -18.65 30.04 -21.99
CA ARG B 141 -18.38 28.69 -21.54
C ARG B 141 -16.95 28.33 -21.88
N VAL B 142 -16.29 27.66 -20.95
CA VAL B 142 -14.91 27.26 -21.17
C VAL B 142 -14.79 25.81 -20.76
N SER B 143 -14.09 25.02 -21.54
CA SER B 143 -13.75 23.68 -21.11
C SER B 143 -12.24 23.55 -21.15
N ILE B 144 -11.68 22.93 -20.12
CA ILE B 144 -10.24 22.71 -20.01
C ILE B 144 -9.99 21.25 -19.81
N ASP B 145 -9.38 20.63 -20.83
N ASP B 145 -9.48 20.63 -20.87
CA ASP B 145 -9.11 19.19 -20.80
CA ASP B 145 -9.29 19.21 -20.89
C ASP B 145 -7.74 18.84 -21.40
C ASP B 145 -7.91 18.87 -20.31
N SER B 146 -6.81 18.33 -20.58
N SER B 146 -7.92 18.07 -19.24
CA SER B 146 -6.99 18.19 -19.14
CA SER B 146 -6.76 17.68 -18.42
C SER B 146 -5.83 18.85 -18.36
C SER B 146 -6.32 18.80 -17.48
N ASP B 155 5.10 18.80 -8.96
CA ASP B 155 4.74 17.49 -8.41
C ASP B 155 4.01 17.63 -7.07
N ALA B 156 4.59 18.43 -6.16
CA ALA B 156 4.03 18.61 -4.82
C ALA B 156 2.54 19.00 -4.85
N SER B 157 1.75 18.30 -4.04
CA SER B 157 0.32 18.56 -3.94
C SER B 157 0.03 20.02 -3.61
N SER B 158 0.88 20.60 -2.79
CA SER B 158 0.79 22.00 -2.41
C SER B 158 0.87 22.93 -3.63
N VAL B 159 1.80 22.62 -4.53
CA VAL B 159 2.00 23.41 -5.76
C VAL B 159 0.77 23.30 -6.65
N VAL B 160 0.36 22.07 -6.92
CA VAL B 160 -0.83 21.79 -7.69
C VAL B 160 -2.05 22.52 -7.11
N ARG B 161 -2.27 22.33 -5.81
CA ARG B 161 -3.41 22.95 -5.16
C ARG B 161 -3.39 24.46 -5.37
N ARG B 162 -2.21 25.05 -5.31
CA ARG B 162 -2.12 26.50 -5.39
C ARG B 162 -2.25 27.01 -6.83
N GLU B 163 -1.64 26.31 -7.78
CA GLU B 163 -1.79 26.67 -9.20
C GLU B 163 -3.23 26.50 -9.68
N LEU B 164 -3.82 25.33 -9.39
CA LEU B 164 -5.22 25.08 -9.73
C LEU B 164 -6.13 26.13 -9.13
N PHE B 165 -5.91 26.50 -7.85
CA PHE B 165 -6.70 27.54 -7.22
C PHE B 165 -6.59 28.90 -7.95
N ARG B 166 -5.38 29.25 -8.38
CA ARG B 166 -5.17 30.49 -9.14
C ARG B 166 -5.90 30.47 -10.49
N LEU B 167 -5.82 29.35 -11.19
CA LEU B 167 -6.56 29.18 -12.43
C LEU B 167 -8.05 29.35 -12.17
N VAL B 168 -8.58 28.59 -11.21
CA VAL B 168 -9.99 28.68 -10.87
C VAL B 168 -10.40 30.10 -10.46
N ALA B 169 -9.57 30.76 -9.65
CA ALA B 169 -9.88 32.11 -9.19
C ALA B 169 -9.98 33.12 -10.34
N ARG B 170 -9.07 32.99 -11.32
CA ARG B 170 -9.09 33.92 -12.45
C ARG B 170 -10.31 33.71 -13.35
N LEU B 171 -10.65 32.45 -13.61
CA LEU B 171 -11.82 32.17 -14.43
C LEU B 171 -13.09 32.71 -13.80
N LYS B 172 -13.20 32.56 -12.48
CA LYS B 172 -14.36 33.08 -11.74
C LYS B 172 -14.40 34.61 -11.81
N GLN B 173 -13.23 35.23 -11.72
CA GLN B 173 -13.16 36.68 -11.80
C GLN B 173 -13.54 37.16 -13.21
N ILE B 174 -13.16 36.39 -14.23
CA ILE B 174 -13.46 36.72 -15.63
C ILE B 174 -14.97 36.57 -15.91
N GLY B 175 -15.63 35.66 -15.19
CA GLY B 175 -17.05 35.44 -15.38
C GLY B 175 -17.44 34.14 -16.11
N ALA B 176 -16.44 33.36 -16.49
CA ALA B 176 -16.62 32.13 -17.24
C ALA B 176 -17.32 31.06 -16.41
N THR B 177 -18.09 30.21 -17.09
CA THR B 177 -18.57 28.97 -16.51
C THR B 177 -17.71 27.87 -17.13
N THR B 178 -16.99 27.14 -16.29
CA THR B 178 -15.92 26.25 -16.73
C THR B 178 -16.11 24.79 -16.35
N VAL B 179 -15.84 23.90 -17.31
CA VAL B 179 -15.70 22.49 -17.05
C VAL B 179 -14.22 22.15 -17.15
N MET B 180 -13.69 21.51 -16.12
CA MET B 180 -12.26 21.12 -16.11
C MET B 180 -12.18 19.64 -15.84
N THR B 181 -11.54 18.90 -16.73
CA THR B 181 -11.49 17.44 -16.54
C THR B 181 -10.21 17.03 -15.83
N THR B 182 -10.25 15.89 -15.15
CA THR B 182 -9.05 15.30 -14.59
C THR B 182 -9.16 13.81 -14.64
N GLU B 183 -8.00 13.18 -14.66
CA GLU B 183 -7.96 11.74 -14.64
C GLU B 183 -7.91 11.18 -13.21
N ARG B 184 -8.26 9.91 -13.09
CA ARG B 184 -8.14 9.14 -11.87
C ARG B 184 -7.84 7.71 -12.26
N ILE B 185 -7.34 6.93 -11.30
CA ILE B 185 -6.88 5.56 -11.55
C ILE B 185 -7.92 4.49 -11.23
N GLU B 186 -8.75 4.72 -10.21
CA GLU B 186 -9.71 3.70 -9.78
C GLU B 186 -11.16 4.21 -9.83
N GLU B 187 -12.11 3.32 -10.00
CA GLU B 187 -13.52 3.73 -10.08
C GLU B 187 -14.02 4.19 -8.72
N TYR B 188 -13.55 3.49 -7.69
CA TYR B 188 -13.88 3.84 -6.31
C TYR B 188 -12.57 4.01 -5.60
N GLY B 189 -12.15 5.25 -5.50
CA GLY B 189 -10.81 5.59 -5.08
C GLY B 189 -10.78 7.10 -5.06
N PRO B 190 -9.58 7.68 -4.97
CA PRO B 190 -9.43 9.13 -4.95
C PRO B 190 -10.19 9.77 -6.14
N ILE B 191 -10.71 10.95 -5.90
CA ILE B 191 -11.42 11.72 -6.92
C ILE B 191 -10.52 12.11 -8.09
N ALA B 192 -9.36 12.69 -7.79
CA ALA B 192 -8.38 13.02 -8.85
C ALA B 192 -7.03 12.40 -8.49
N ARG B 193 -5.94 13.00 -8.95
CA ARG B 193 -4.64 12.33 -8.84
C ARG B 193 -3.73 12.89 -7.75
N TYR B 194 -3.98 14.12 -7.31
CA TYR B 194 -3.14 14.75 -6.27
C TYR B 194 -3.80 14.88 -4.91
N GLY B 195 -5.03 14.42 -4.78
CA GLY B 195 -5.75 14.51 -3.51
C GLY B 195 -6.17 15.90 -3.08
N VAL B 196 -6.11 16.87 -4.00
CA VAL B 196 -6.40 18.26 -3.67
C VAL B 196 -7.35 18.93 -4.68
N GLU B 197 -7.44 18.38 -5.88
CA GLU B 197 -8.18 19.05 -6.95
C GLU B 197 -9.66 19.27 -6.59
N GLU B 198 -10.25 18.26 -5.95
CA GLU B 198 -11.69 18.34 -5.63
C GLU B 198 -12.02 19.39 -4.58
N PHE B 199 -11.05 19.74 -3.73
CA PHE B 199 -11.27 20.72 -2.65
C PHE B 199 -11.17 22.18 -3.13
N VAL B 200 -10.55 22.37 -4.29
CA VAL B 200 -10.35 23.68 -4.93
C VAL B 200 -11.50 24.03 -5.90
N SER B 201 -12.27 23.01 -6.27
CA SER B 201 -13.36 23.17 -7.21
C SER B 201 -14.68 23.47 -6.50
N ASP B 202 -15.50 24.33 -7.10
CA ASP B 202 -16.85 24.61 -6.54
C ASP B 202 -17.76 23.39 -6.64
N ASN B 203 -17.62 22.68 -7.76
CA ASN B 203 -18.49 21.58 -8.12
C ASN B 203 -17.66 20.39 -8.53
N VAL B 204 -18.16 19.19 -8.22
CA VAL B 204 -17.47 17.96 -8.61
C VAL B 204 -18.45 16.98 -9.19
N VAL B 205 -18.10 16.51 -10.38
CA VAL B 205 -18.82 15.46 -11.08
C VAL B 205 -17.89 14.30 -11.29
N ILE B 206 -18.35 13.07 -11.05
CA ILE B 206 -17.51 11.91 -11.24
C ILE B 206 -18.12 10.99 -12.27
N LEU B 207 -17.34 10.65 -13.30
CA LEU B 207 -17.81 9.68 -14.28
C LEU B 207 -17.16 8.40 -13.95
N ARG B 208 -17.93 7.32 -13.99
CA ARG B 208 -17.38 6.00 -13.74
C ARG B 208 -17.68 5.08 -14.91
N ASN B 209 -16.84 4.05 -15.03
CA ASN B 209 -17.00 3.04 -16.03
C ASN B 209 -16.71 1.70 -15.35
N VAL B 210 -17.65 1.22 -14.55
CA VAL B 210 -17.36 0.10 -13.65
C VAL B 210 -17.45 -1.24 -14.34
N LEU B 211 -16.43 -2.08 -14.12
CA LEU B 211 -16.37 -3.41 -14.71
C LEU B 211 -16.82 -4.41 -13.66
N GLU B 212 -17.88 -5.15 -13.95
CA GLU B 212 -18.36 -6.15 -13.02
C GLU B 212 -18.92 -7.33 -13.81
N GLY B 213 -18.44 -8.53 -13.53
CA GLY B 213 -18.93 -9.68 -14.27
C GLY B 213 -18.73 -9.56 -15.77
N GLU B 214 -17.58 -9.01 -16.16
CA GLU B 214 -17.15 -8.89 -17.56
C GLU B 214 -17.92 -7.83 -18.36
N ARG B 215 -18.83 -7.10 -17.71
CA ARG B 215 -19.59 -6.07 -18.41
C ARG B 215 -19.26 -4.69 -17.84
N ARG B 216 -19.25 -3.66 -18.70
CA ARG B 216 -19.06 -2.28 -18.23
C ARG B 216 -20.40 -1.57 -18.10
N ARG B 217 -20.48 -0.73 -17.08
CA ARG B 217 -21.65 0.12 -16.82
C ARG B 217 -21.17 1.53 -16.57
N ARG B 218 -21.62 2.49 -17.37
CA ARG B 218 -21.20 3.87 -17.15
C ARG B 218 -22.12 4.54 -16.15
N THR B 219 -21.58 5.34 -15.24
CA THR B 219 -22.45 6.17 -14.38
C THR B 219 -21.90 7.56 -14.18
N LEU B 220 -22.79 8.49 -13.90
CA LEU B 220 -22.43 9.85 -13.59
C LEU B 220 -22.96 10.20 -12.22
N GLU B 221 -22.13 10.89 -11.45
CA GLU B 221 -22.49 11.34 -10.11
C GLU B 221 -22.15 12.80 -9.94
N ILE B 222 -23.13 13.59 -9.49
CA ILE B 222 -22.80 14.91 -9.00
C ILE B 222 -22.50 14.79 -7.49
N LEU B 223 -21.23 14.94 -7.15
CA LEU B 223 -20.81 14.74 -5.77
C LEU B 223 -21.10 15.97 -4.93
N LYS B 224 -20.87 17.13 -5.53
CA LYS B 224 -20.89 18.38 -4.80
C LYS B 224 -21.26 19.50 -5.73
N LEU B 225 -22.16 20.39 -5.30
CA LEU B 225 -22.31 21.69 -5.96
C LEU B 225 -22.37 22.73 -4.85
N ARG B 226 -21.33 23.55 -4.66
CA ARG B 226 -21.40 24.55 -3.58
C ARG B 226 -22.62 25.47 -3.74
N GLY B 227 -23.28 25.77 -2.62
CA GLY B 227 -24.32 26.81 -2.65
C GLY B 227 -25.62 26.43 -3.32
N THR B 228 -25.79 25.15 -3.66
CA THR B 228 -27.04 24.75 -4.31
C THR B 228 -27.31 23.25 -4.16
N SER B 229 -28.52 22.86 -4.54
N SER B 229 -28.54 22.86 -4.52
CA SER B 229 -28.99 21.47 -4.38
CA SER B 229 -29.00 21.48 -4.39
C SER B 229 -28.80 20.63 -5.65
C SER B 229 -28.72 20.64 -5.64
N HIS B 230 -28.83 19.30 -5.48
CA HIS B 230 -28.65 18.36 -6.59
C HIS B 230 -29.00 16.93 -6.15
N MET B 231 -29.35 16.09 -7.11
N MET B 231 -29.35 16.09 -7.11
CA MET B 231 -29.59 14.68 -6.81
CA MET B 231 -29.60 14.68 -6.79
C MET B 231 -28.29 14.00 -6.45
C MET B 231 -28.28 14.03 -6.41
N LYS B 232 -28.38 12.93 -5.67
CA LYS B 232 -27.21 12.25 -5.11
C LYS B 232 -27.00 10.84 -5.63
N GLY B 233 -25.74 10.40 -5.57
CA GLY B 233 -25.39 9.05 -5.95
C GLY B 233 -25.18 8.90 -7.45
N GLU B 234 -25.04 7.65 -7.91
CA GLU B 234 -24.72 7.36 -9.31
C GLU B 234 -25.95 7.19 -10.18
N TYR B 235 -25.91 7.75 -11.39
CA TYR B 235 -26.97 7.60 -12.39
C TYR B 235 -26.38 7.00 -13.64
N PRO B 236 -27.08 6.04 -14.23
CA PRO B 236 -26.55 5.35 -15.41
C PRO B 236 -26.55 6.28 -16.62
N PHE B 237 -25.57 6.13 -17.50
CA PHE B 237 -25.63 6.86 -18.76
C PHE B 237 -25.03 6.04 -19.90
N THR B 238 -25.26 6.47 -21.14
CA THR B 238 -24.66 5.83 -22.29
C THR B 238 -24.03 6.87 -23.15
N ILE B 239 -23.09 6.42 -23.97
CA ILE B 239 -22.56 7.25 -25.06
C ILE B 239 -22.97 6.59 -26.36
N THR B 240 -23.68 7.33 -27.20
CA THR B 240 -24.14 6.83 -28.49
C THR B 240 -23.77 7.85 -29.54
N ASP B 241 -24.27 7.69 -30.76
CA ASP B 241 -24.06 8.66 -31.84
CA ASP B 241 -23.96 8.68 -31.81
C ASP B 241 -24.57 10.06 -31.50
N HIS B 242 -25.29 10.17 -30.40
CA HIS B 242 -25.98 11.37 -29.94
CA HIS B 242 -25.80 11.49 -30.09
C HIS B 242 -25.19 12.04 -28.81
N GLY B 243 -24.07 11.44 -28.42
CA GLY B 243 -23.31 11.89 -27.27
C GLY B 243 -23.80 11.27 -25.99
N ILE B 244 -23.76 12.04 -24.91
CA ILE B 244 -24.07 11.48 -23.60
C ILE B 244 -25.57 11.50 -23.34
N ASN B 245 -26.11 10.39 -22.88
CA ASN B 245 -27.52 10.36 -22.50
C ASN B 245 -27.64 9.77 -21.14
N ILE B 246 -28.16 10.59 -20.24
CA ILE B 246 -28.29 10.16 -18.86
C ILE B 246 -29.75 9.80 -18.57
N PHE B 247 -29.93 8.69 -17.87
CA PHE B 247 -31.26 8.12 -17.64
C PHE B 247 -31.60 7.97 -16.16
N PRO B 248 -32.04 9.06 -15.50
CA PRO B 248 -32.49 8.91 -14.11
C PRO B 248 -33.70 7.99 -14.00
N GLU C 14 -11.85 12.72 -44.38
CA GLU C 14 -12.22 14.06 -44.79
C GLU C 14 -13.07 14.74 -43.70
N HIS C 15 -14.32 14.99 -44.02
CA HIS C 15 -15.31 15.50 -43.07
C HIS C 15 -16.11 14.33 -42.46
N GLN C 16 -15.54 13.15 -42.51
CA GLN C 16 -16.24 11.98 -41.98
C GLN C 16 -15.66 11.54 -40.65
N ALA C 17 -16.42 10.70 -39.93
CA ALA C 17 -15.90 10.08 -38.71
C ALA C 17 -14.71 9.19 -39.08
N ILE C 18 -13.88 8.86 -38.10
CA ILE C 18 -12.65 8.13 -38.38
C ILE C 18 -12.99 6.75 -38.96
N ALA C 19 -12.20 6.32 -39.95
CA ALA C 19 -12.37 5.00 -40.58
C ALA C 19 -11.47 3.98 -39.88
N LYS C 20 -11.65 2.70 -40.18
CA LYS C 20 -10.88 1.66 -39.49
C LYS C 20 -10.22 0.70 -40.47
N MET C 21 -9.12 0.09 -40.05
CA MET C 21 -8.52 -0.93 -40.91
C MET C 21 -8.72 -2.27 -40.26
N ARG C 22 -9.08 -3.23 -41.09
N ARG C 22 -9.13 -3.24 -41.07
CA ARG C 22 -9.42 -4.57 -40.61
CA ARG C 22 -9.48 -4.55 -40.55
C ARG C 22 -8.18 -5.29 -40.12
C ARG C 22 -8.23 -5.30 -40.12
N THR C 23 -8.27 -5.87 -38.92
CA THR C 23 -7.19 -6.68 -38.39
C THR C 23 -7.24 -8.10 -38.95
N MET C 24 -8.46 -8.53 -39.30
CA MET C 24 -8.77 -9.89 -39.72
C MET C 24 -8.53 -10.91 -38.61
N ILE C 25 -8.38 -10.44 -37.38
CA ILE C 25 -8.27 -11.29 -36.22
C ILE C 25 -9.70 -11.68 -35.89
N GLU C 26 -10.01 -12.97 -35.99
CA GLU C 26 -11.39 -13.44 -35.90
C GLU C 26 -12.07 -12.92 -34.62
N GLY C 27 -13.18 -12.22 -34.82
CA GLY C 27 -13.95 -11.70 -33.70
C GLY C 27 -13.60 -10.25 -33.38
N PHE C 28 -12.35 -9.85 -33.63
CA PHE C 28 -11.93 -8.53 -33.17
C PHE C 28 -12.58 -7.42 -34.02
N ASP C 29 -12.71 -7.66 -35.31
CA ASP C 29 -13.25 -6.61 -36.16
C ASP C 29 -14.73 -6.41 -35.82
N ASP C 30 -15.39 -7.42 -35.27
CA ASP C 30 -16.76 -7.24 -34.77
C ASP C 30 -16.79 -6.42 -33.48
N ILE C 31 -15.99 -6.82 -32.50
CA ILE C 31 -15.90 -6.07 -31.24
C ILE C 31 -15.56 -4.58 -31.47
N SER C 32 -14.65 -4.33 -32.41
CA SER C 32 -14.22 -2.95 -32.71
C SER C 32 -15.09 -2.25 -33.74
N HIS C 33 -16.14 -2.92 -34.21
CA HIS C 33 -16.99 -2.37 -35.27
C HIS C 33 -16.18 -1.94 -36.49
N GLY C 34 -15.31 -2.81 -36.98
CA GLY C 34 -14.66 -2.52 -38.26
C GLY C 34 -13.15 -2.60 -38.25
N GLY C 35 -12.54 -2.63 -37.06
CA GLY C 35 -11.09 -2.75 -37.00
C GLY C 35 -10.46 -1.62 -36.17
N LEU C 36 -9.18 -1.37 -36.40
CA LEU C 36 -8.45 -0.35 -35.67
C LEU C 36 -8.55 0.98 -36.37
N PRO C 37 -8.82 2.05 -35.61
CA PRO C 37 -8.87 3.39 -36.20
C PRO C 37 -7.62 3.71 -37.02
N ILE C 38 -7.82 4.09 -38.28
CA ILE C 38 -6.70 4.32 -39.19
C ILE C 38 -5.88 5.54 -38.84
N GLY C 39 -4.57 5.38 -38.95
CA GLY C 39 -3.62 6.46 -38.74
C GLY C 39 -3.40 6.82 -37.29
N ARG C 40 -3.84 5.97 -36.36
CA ARG C 40 -3.65 6.21 -34.95
C ARG C 40 -3.02 5.02 -34.24
N SER C 41 -2.58 5.24 -33.01
CA SER C 41 -2.00 4.19 -32.16
C SER C 41 -3.02 3.50 -31.27
N THR C 42 -2.89 2.17 -31.15
CA THR C 42 -3.71 1.45 -30.20
C THR C 42 -2.78 0.75 -29.20
N LEU C 43 -3.00 0.98 -27.91
CA LEU C 43 -2.24 0.33 -26.88
C LEU C 43 -2.87 -1.03 -26.61
N VAL C 44 -2.06 -2.07 -26.56
CA VAL C 44 -2.56 -3.39 -26.16
C VAL C 44 -1.78 -3.74 -24.90
N SER C 45 -2.45 -3.74 -23.75
N SER C 45 -2.44 -3.73 -23.75
CA SER C 45 -1.80 -3.92 -22.45
CA SER C 45 -1.75 -3.94 -22.50
C SER C 45 -2.28 -5.19 -21.76
C SER C 45 -2.18 -5.28 -21.92
N GLY C 46 -1.39 -5.83 -21.02
CA GLY C 46 -1.73 -7.12 -20.44
C GLY C 46 -0.59 -7.70 -19.65
N THR C 47 -0.90 -8.62 -18.74
CA THR C 47 0.14 -9.24 -17.96
C THR C 47 0.99 -10.12 -18.86
N THR C 48 2.09 -10.61 -18.33
CA THR C 48 3.00 -11.50 -19.09
C THR C 48 2.28 -12.72 -19.63
N GLY C 49 2.51 -13.03 -20.89
CA GLY C 49 1.89 -14.22 -21.46
C GLY C 49 0.41 -14.08 -21.80
N THR C 50 -0.10 -12.85 -21.99
CA THR C 50 -1.50 -12.72 -22.31
C THR C 50 -1.77 -12.79 -23.82
N GLY C 51 -0.73 -12.68 -24.64
CA GLY C 51 -0.92 -12.67 -26.09
C GLY C 51 -0.72 -11.34 -26.79
N LYS C 52 -0.10 -10.37 -26.11
CA LYS C 52 0.16 -9.04 -26.71
C LYS C 52 1.02 -9.11 -27.97
N THR C 53 2.15 -9.79 -27.85
CA THR C 53 3.08 -9.90 -28.97
C THR C 53 2.39 -10.64 -30.10
N LEU C 54 1.71 -11.73 -29.77
CA LEU C 54 0.90 -12.42 -30.80
C LEU C 54 -0.11 -11.49 -31.52
N PHE C 55 -0.84 -10.69 -30.75
CA PHE C 55 -1.79 -9.76 -31.37
C PHE C 55 -1.07 -8.85 -32.37
N SER C 56 0.08 -8.34 -31.95
CA SER C 56 0.80 -7.32 -32.71
C SER C 56 1.43 -7.92 -33.98
N ILE C 57 1.79 -9.21 -33.93
CA ILE C 57 2.31 -9.90 -35.11
CA ILE C 57 2.31 -9.89 -35.11
C ILE C 57 1.19 -10.24 -36.08
N GLN C 58 0.07 -10.76 -35.54
CA GLN C 58 -1.07 -11.17 -36.34
C GLN C 58 -1.63 -9.98 -37.13
N PHE C 59 -1.60 -8.82 -36.50
CA PHE C 59 -2.03 -7.56 -37.10
C PHE C 59 -1.22 -7.27 -38.36
N LEU C 60 0.10 -7.39 -38.26
CA LEU C 60 0.99 -7.12 -39.40
C LEU C 60 0.92 -8.20 -40.46
N TYR C 61 0.85 -9.45 -40.00
CA TYR C 61 0.82 -10.61 -40.90
C TYR C 61 -0.44 -10.58 -41.76
N ASN C 62 -1.60 -10.35 -41.13
CA ASN C 62 -2.84 -10.30 -41.87
C ASN C 62 -2.84 -9.13 -42.86
N GLY C 63 -2.25 -8.00 -42.49
CA GLY C 63 -2.15 -6.88 -43.41
C GLY C 63 -1.38 -7.27 -44.67
N ILE C 64 -0.26 -7.95 -44.49
CA ILE C 64 0.56 -8.38 -45.64
C ILE C 64 -0.19 -9.43 -46.47
N ILE C 65 -0.68 -10.47 -45.82
CA ILE C 65 -1.28 -11.58 -46.55
C ILE C 65 -2.63 -11.22 -47.14
N GLU C 66 -3.46 -10.46 -46.42
CA GLU C 66 -4.82 -10.25 -46.89
C GLU C 66 -4.96 -9.03 -47.78
N PHE C 67 -4.14 -8.01 -47.53
CA PHE C 67 -4.31 -6.71 -48.17
C PHE C 67 -3.07 -6.22 -48.92
N ASP C 68 -1.99 -7.00 -48.88
CA ASP C 68 -0.70 -6.56 -49.41
C ASP C 68 -0.25 -5.22 -48.79
N GLU C 69 -0.55 -5.02 -47.51
CA GLU C 69 -0.10 -3.83 -46.79
C GLU C 69 1.17 -4.18 -46.03
N PRO C 70 2.29 -3.53 -46.36
CA PRO C 70 3.58 -3.89 -45.75
C PRO C 70 3.62 -3.47 -44.29
N GLY C 71 4.44 -4.16 -43.50
CA GLY C 71 4.49 -3.89 -42.07
C GLY C 71 5.87 -3.70 -41.53
N VAL C 72 5.95 -2.93 -40.45
CA VAL C 72 7.18 -2.77 -39.71
C VAL C 72 6.96 -3.17 -38.25
N PHE C 73 7.83 -4.05 -37.76
CA PHE C 73 7.72 -4.56 -36.38
C PHE C 73 8.94 -4.09 -35.66
N VAL C 74 8.74 -3.23 -34.66
CA VAL C 74 9.83 -2.70 -33.86
C VAL C 74 9.94 -3.55 -32.58
N THR C 75 11.06 -4.21 -32.36
N THR C 75 11.08 -4.19 -32.40
CA THR C 75 11.15 -5.10 -31.21
CA THR C 75 11.32 -5.05 -31.24
C THR C 75 12.12 -4.56 -30.12
C THR C 75 12.08 -4.31 -30.14
N PHE C 76 11.58 -4.38 -28.91
CA PHE C 76 12.34 -3.89 -27.77
C PHE C 76 12.70 -4.99 -26.77
N GLU C 77 11.97 -6.10 -26.81
CA GLU C 77 12.19 -7.18 -25.83
C GLU C 77 12.94 -8.33 -26.49
N GLU C 78 12.33 -8.89 -27.52
CA GLU C 78 12.82 -10.10 -28.19
C GLU C 78 13.74 -9.83 -29.40
N THR C 79 14.59 -10.79 -29.73
CA THR C 79 15.42 -10.65 -30.93
C THR C 79 14.60 -10.98 -32.18
N PRO C 80 14.97 -10.40 -33.33
CA PRO C 80 14.22 -10.75 -34.55
C PRO C 80 14.25 -12.26 -34.82
N GLN C 81 15.36 -12.94 -34.52
CA GLN C 81 15.48 -14.37 -34.78
C GLN C 81 14.43 -15.12 -33.96
N ASP C 82 14.26 -14.73 -32.71
CA ASP C 82 13.28 -15.38 -31.86
C ASP C 82 11.84 -15.05 -32.25
N ILE C 83 11.57 -13.80 -32.63
CA ILE C 83 10.27 -13.41 -33.15
C ILE C 83 9.86 -14.31 -34.34
N ILE C 84 10.81 -14.54 -35.24
CA ILE C 84 10.54 -15.34 -36.42
C ILE C 84 10.34 -16.81 -36.06
N LYS C 85 11.19 -17.31 -35.19
CA LYS C 85 11.11 -18.71 -34.79
C LYS C 85 9.80 -18.99 -34.04
N ASN C 86 9.41 -18.12 -33.12
CA ASN C 86 8.19 -18.33 -32.36
C ASN C 86 6.90 -18.21 -33.20
N ALA C 87 6.94 -17.38 -34.22
CA ALA C 87 5.78 -17.21 -35.10
C ALA C 87 5.48 -18.47 -35.91
N ARG C 88 6.46 -19.36 -36.06
CA ARG C 88 6.19 -20.66 -36.71
C ARG C 88 5.11 -21.45 -35.95
N SER C 89 4.89 -21.09 -34.70
CA SER C 89 3.87 -21.77 -33.86
C SER C 89 2.48 -21.62 -34.48
N PHE C 90 2.29 -20.53 -35.22
CA PHE C 90 0.98 -20.22 -35.81
C PHE C 90 0.98 -20.44 -37.34
N GLY C 91 2.01 -21.11 -37.85
CA GLY C 91 2.06 -21.45 -39.26
C GLY C 91 2.42 -20.25 -40.10
N TRP C 92 3.05 -19.29 -39.47
CA TRP C 92 3.44 -18.09 -40.19
C TRP C 92 4.92 -18.09 -40.52
N ASP C 93 5.23 -17.94 -41.80
CA ASP C 93 6.62 -17.85 -42.28
C ASP C 93 7.04 -16.40 -42.41
N LEU C 94 7.50 -15.78 -41.31
CA LEU C 94 7.93 -14.37 -41.36
C LEU C 94 9.24 -14.13 -42.14
N ALA C 95 10.13 -15.12 -42.14
CA ALA C 95 11.40 -14.98 -42.87
C ALA C 95 11.14 -14.78 -44.37
N LYS C 96 10.19 -15.53 -44.92
CA LYS C 96 9.79 -15.33 -46.32
C LYS C 96 9.28 -13.89 -46.60
N LEU C 97 8.49 -13.35 -45.68
CA LEU C 97 7.93 -12.02 -45.88
C LEU C 97 9.02 -10.96 -45.78
N VAL C 98 10.01 -11.23 -44.92
CA VAL C 98 11.14 -10.31 -44.78
C VAL C 98 11.97 -10.38 -46.08
N ASP C 99 12.17 -11.59 -46.58
CA ASP C 99 12.96 -11.75 -47.81
C ASP C 99 12.29 -11.06 -48.99
N GLU C 100 10.96 -11.06 -48.99
CA GLU C 100 10.16 -10.48 -50.05
C GLU C 100 9.99 -8.98 -49.87
N GLY C 101 10.48 -8.45 -48.75
CA GLY C 101 10.40 -7.02 -48.50
C GLY C 101 9.03 -6.51 -48.06
N LYS C 102 8.15 -7.40 -47.61
CA LYS C 102 6.81 -7.01 -47.19
C LYS C 102 6.74 -6.78 -45.69
N LEU C 103 7.71 -7.36 -44.97
CA LEU C 103 7.84 -7.17 -43.54
C LEU C 103 9.26 -6.72 -43.24
N PHE C 104 9.40 -5.73 -42.36
CA PHE C 104 10.72 -5.38 -41.84
C PHE C 104 10.68 -5.48 -40.32
N ILE C 105 11.60 -6.25 -39.75
CA ILE C 105 11.71 -6.29 -38.30
C ILE C 105 12.87 -5.37 -37.89
N LEU C 106 12.56 -4.34 -37.13
CA LEU C 106 13.59 -3.38 -36.70
C LEU C 106 14.09 -3.74 -35.29
N ASP C 107 15.38 -4.09 -35.17
CA ASP C 107 15.93 -4.56 -33.89
C ASP C 107 16.32 -3.41 -32.98
N ALA C 108 15.53 -3.19 -31.93
CA ALA C 108 15.91 -2.28 -30.85
C ALA C 108 15.95 -3.01 -29.50
N SER C 109 16.29 -4.29 -29.51
CA SER C 109 16.29 -5.10 -28.26
C SER C 109 17.62 -4.84 -27.54
N PRO C 110 17.72 -5.20 -26.24
CA PRO C 110 18.91 -4.83 -25.45
C PRO C 110 20.19 -5.50 -25.92
N ASP C 111 21.29 -4.77 -25.86
CA ASP C 111 22.59 -5.35 -26.18
C ASP C 111 22.96 -6.40 -25.14
N PRO C 112 23.28 -7.63 -25.60
CA PRO C 112 23.70 -8.68 -24.67
C PRO C 112 25.05 -8.38 -24.02
N GLU C 113 25.76 -7.38 -24.58
CA GLU C 113 27.06 -6.90 -24.08
C GLU C 113 28.09 -8.00 -23.92
N ASP C 122 19.99 7.61 -27.00
CA ASP C 122 19.48 8.47 -28.07
C ASP C 122 18.27 7.82 -28.75
N LEU C 123 17.09 8.22 -28.30
CA LEU C 123 15.86 7.66 -28.83
C LEU C 123 15.31 8.52 -29.97
N SER C 124 15.83 9.74 -30.11
CA SER C 124 15.51 10.56 -31.27
C SER C 124 15.99 9.86 -32.52
N ALA C 125 17.18 9.29 -32.44
CA ALA C 125 17.75 8.52 -33.55
C ALA C 125 16.87 7.32 -33.87
N LEU C 126 16.30 6.73 -32.83
CA LEU C 126 15.43 5.56 -33.00
C LEU C 126 14.17 5.91 -33.78
N ILE C 127 13.53 7.01 -33.39
CA ILE C 127 12.33 7.47 -34.09
C ILE C 127 12.61 7.71 -35.57
N GLU C 128 13.76 8.28 -35.89
CA GLU C 128 14.13 8.52 -37.28
C GLU C 128 14.34 7.23 -38.06
N ARG C 129 14.87 6.20 -37.42
CA ARG C 129 15.06 4.90 -38.09
CA ARG C 129 15.06 4.91 -38.09
C ARG C 129 13.70 4.23 -38.33
N ILE C 130 12.80 4.37 -37.36
CA ILE C 130 11.44 3.86 -37.52
C ILE C 130 10.79 4.57 -38.72
N ASN C 131 10.87 5.90 -38.76
CA ASN C 131 10.37 6.64 -39.92
C ASN C 131 10.96 6.17 -41.24
N TYR C 132 12.29 6.08 -41.30
CA TYR C 132 12.94 5.63 -42.53
C TYR C 132 12.47 4.25 -42.99
N ALA C 133 12.30 3.34 -42.04
CA ALA C 133 11.86 1.98 -42.36
C ALA C 133 10.45 2.01 -42.92
N ILE C 134 9.58 2.81 -42.32
CA ILE C 134 8.21 2.88 -42.77
C ILE C 134 8.15 3.36 -44.22
N GLN C 135 8.97 4.36 -44.53
CA GLN C 135 9.02 4.93 -45.87
C GLN C 135 9.69 3.97 -46.86
N LYS C 136 10.79 3.36 -46.44
CA LYS C 136 11.49 2.41 -47.30
C LYS C 136 10.62 1.23 -47.71
N TYR C 137 9.88 0.66 -46.76
CA TYR C 137 9.05 -0.51 -47.04
C TYR C 137 7.60 -0.13 -47.38
N ARG C 138 7.33 1.18 -47.43
CA ARG C 138 5.99 1.72 -47.72
C ARG C 138 4.96 1.04 -46.82
N ALA C 139 5.30 0.96 -45.53
CA ALA C 139 4.44 0.25 -44.58
C ALA C 139 3.22 1.05 -44.19
N ARG C 140 2.11 0.37 -44.03
CA ARG C 140 0.89 1.05 -43.57
C ARG C 140 0.52 0.60 -42.16
N ARG C 141 1.12 -0.51 -41.73
CA ARG C 141 0.88 -1.04 -40.37
C ARG C 141 2.20 -1.11 -39.65
N VAL C 142 2.18 -0.73 -38.38
CA VAL C 142 3.37 -0.75 -37.54
C VAL C 142 3.04 -1.44 -36.20
N SER C 143 3.92 -2.29 -35.70
CA SER C 143 3.75 -2.78 -34.35
C SER C 143 4.99 -2.41 -33.53
N ILE C 144 4.76 -1.90 -32.32
CA ILE C 144 5.85 -1.55 -31.41
C ILE C 144 5.76 -2.47 -30.21
N ASP C 145 6.71 -3.40 -30.07
CA ASP C 145 6.53 -4.43 -29.05
C ASP C 145 7.31 -4.17 -27.77
N SER C 146 6.57 -4.14 -26.67
CA SER C 146 7.08 -4.00 -25.29
C SER C 146 7.58 -2.58 -24.96
N VAL C 147 6.65 -1.63 -24.95
CA VAL C 147 6.95 -0.28 -24.49
C VAL C 147 7.53 -0.33 -23.09
N THR C 148 7.00 -1.23 -22.25
CA THR C 148 7.56 -1.46 -20.92
C THR C 148 9.09 -1.60 -20.90
N SER C 149 9.61 -2.39 -21.84
CA SER C 149 11.06 -2.65 -21.93
C SER C 149 11.88 -1.38 -22.19
N VAL C 150 11.45 -0.54 -23.12
CA VAL C 150 12.19 0.68 -23.38
C VAL C 150 12.14 1.57 -22.13
N PHE C 151 11.04 1.50 -21.37
CA PHE C 151 10.96 2.21 -20.10
C PHE C 151 11.98 1.72 -19.07
N GLN C 152 12.19 0.41 -19.00
CA GLN C 152 13.11 -0.15 -18.03
C GLN C 152 14.57 0.13 -18.35
N GLN C 153 14.87 0.43 -19.61
CA GLN C 153 16.26 0.71 -20.00
C GLN C 153 16.69 2.11 -19.57
N TYR C 154 15.71 3.00 -19.39
CA TYR C 154 15.96 4.38 -19.01
C TYR C 154 15.34 4.68 -17.63
N ASP C 155 14.88 3.63 -16.95
CA ASP C 155 14.34 3.72 -15.59
C ASP C 155 13.13 4.64 -15.46
N ALA C 156 12.24 4.59 -16.44
CA ALA C 156 11.01 5.39 -16.45
C ALA C 156 11.26 6.89 -16.24
N SER C 157 12.46 7.34 -16.57
CA SER C 157 12.75 8.77 -16.61
C SER C 157 11.84 9.41 -17.64
N SER C 158 11.38 10.64 -17.40
CA SER C 158 10.44 11.20 -18.35
C SER C 158 11.12 11.66 -19.62
N VAL C 159 12.39 11.29 -19.77
CA VAL C 159 13.09 11.40 -21.05
C VAL C 159 12.61 10.30 -22.00
N VAL C 160 12.29 9.12 -21.47
CA VAL C 160 11.71 8.04 -22.29
C VAL C 160 10.22 8.34 -22.49
N ARG C 161 9.62 9.00 -21.52
CA ARG C 161 8.17 9.17 -21.50
C ARG C 161 7.64 10.07 -22.59
N ARG C 162 8.28 11.20 -22.87
CA ARG C 162 7.85 12.02 -23.97
C ARG C 162 8.78 11.94 -25.19
N GLU C 163 9.78 11.08 -25.08
CA GLU C 163 10.36 10.57 -26.31
C GLU C 163 9.36 9.58 -26.90
N LEU C 164 8.59 8.95 -26.00
CA LEU C 164 7.49 8.10 -26.41
C LEU C 164 6.40 8.94 -27.09
N PHE C 165 6.10 10.11 -26.53
CA PHE C 165 5.09 10.97 -27.15
C PHE C 165 5.59 11.45 -28.52
N ARG C 166 6.88 11.75 -28.61
CA ARG C 166 7.48 12.09 -29.91
C ARG C 166 7.29 10.96 -30.93
N LEU C 167 7.39 9.71 -30.47
CA LEU C 167 7.14 8.58 -31.35
C LEU C 167 5.66 8.52 -31.77
N VAL C 168 4.74 8.56 -30.79
CA VAL C 168 3.30 8.48 -31.08
C VAL C 168 2.90 9.57 -32.08
N ALA C 169 3.38 10.79 -31.83
CA ALA C 169 3.14 11.96 -32.69
C ALA C 169 3.61 11.74 -34.10
N ARG C 170 4.87 11.32 -34.24
CA ARG C 170 5.48 11.10 -35.53
C ARG C 170 4.80 10.01 -36.33
N LEU C 171 4.36 8.95 -35.64
CA LEU C 171 3.62 7.88 -36.30
C LEU C 171 2.33 8.45 -36.88
N LYS C 172 1.66 9.31 -36.11
CA LYS C 172 0.40 9.88 -36.52
C LYS C 172 0.60 10.78 -37.75
N GLN C 173 1.72 11.49 -37.78
CA GLN C 173 2.05 12.33 -38.92
C GLN C 173 2.24 11.54 -40.21
N ILE C 174 2.94 10.40 -40.15
CA ILE C 174 3.14 9.58 -41.35
C ILE C 174 1.84 8.88 -41.76
N GLY C 175 0.85 8.86 -40.85
CA GLY C 175 -0.39 8.16 -41.09
C GLY C 175 -0.29 6.65 -40.89
N ALA C 176 0.72 6.22 -40.13
CA ALA C 176 0.88 4.81 -39.81
C ALA C 176 -0.26 4.37 -38.88
N THR C 177 -0.74 3.14 -39.04
CA THR C 177 -1.71 2.61 -38.08
C THR C 177 -0.92 1.63 -37.19
N THR C 178 -0.90 1.87 -35.89
CA THR C 178 0.14 1.29 -35.05
C THR C 178 -0.46 0.53 -33.87
N VAL C 179 0.09 -0.65 -33.56
CA VAL C 179 -0.21 -1.35 -32.30
C VAL C 179 1.03 -1.20 -31.42
N MET C 180 0.83 -0.82 -30.18
CA MET C 180 1.90 -0.77 -29.20
C MET C 180 1.55 -1.70 -28.04
N THR C 181 2.45 -2.64 -27.73
CA THR C 181 2.17 -3.53 -26.61
C THR C 181 2.91 -3.09 -25.37
N THR C 182 2.32 -3.37 -24.22
CA THR C 182 2.94 -3.00 -22.96
C THR C 182 2.45 -3.86 -21.81
N GLU C 183 3.23 -3.94 -20.74
CA GLU C 183 2.91 -4.84 -19.64
C GLU C 183 2.06 -4.19 -18.54
N ARG C 184 1.27 -4.99 -17.86
CA ARG C 184 0.67 -4.55 -16.61
C ARG C 184 0.89 -5.66 -15.59
N ILE C 185 0.76 -5.34 -14.31
CA ILE C 185 1.06 -6.30 -13.23
C ILE C 185 -0.15 -7.07 -12.71
N GLU C 186 -1.32 -6.43 -12.65
CA GLU C 186 -2.50 -7.10 -12.12
C GLU C 186 -3.58 -7.30 -13.18
N GLU C 187 -4.40 -8.33 -13.03
CA GLU C 187 -5.47 -8.48 -14.03
C GLU C 187 -6.55 -7.41 -13.89
N TYR C 188 -6.89 -7.05 -12.66
CA TYR C 188 -7.87 -5.98 -12.47
C TYR C 188 -7.25 -4.89 -11.65
N GLY C 189 -6.48 -4.05 -12.31
CA GLY C 189 -5.76 -2.96 -11.68
C GLY C 189 -5.44 -1.95 -12.76
N PRO C 190 -4.36 -1.19 -12.57
CA PRO C 190 -4.00 -0.14 -13.53
C PRO C 190 -3.90 -0.67 -14.97
N ILE C 191 -4.17 0.20 -15.92
CA ILE C 191 -4.16 -0.18 -17.33
C ILE C 191 -2.78 -0.61 -17.81
N ALA C 192 -1.74 0.07 -17.35
CA ALA C 192 -0.39 -0.19 -17.86
C ALA C 192 0.62 0.21 -16.81
N ARG C 193 1.63 -0.64 -16.66
CA ARG C 193 2.76 -0.31 -15.83
C ARG C 193 3.38 0.97 -16.38
N TYR C 194 3.87 1.78 -15.46
CA TYR C 194 4.49 3.08 -15.72
C TYR C 194 3.55 4.12 -16.31
N GLY C 195 2.25 3.88 -16.33
CA GLY C 195 1.32 4.86 -16.92
C GLY C 195 1.45 5.05 -18.43
N VAL C 196 1.78 3.98 -19.15
CA VAL C 196 1.92 4.12 -20.60
C VAL C 196 0.66 4.64 -21.34
N GLU C 197 -0.53 4.45 -20.79
CA GLU C 197 -1.76 4.82 -21.51
C GLU C 197 -1.95 6.33 -21.61
N GLU C 198 -1.10 7.07 -20.93
CA GLU C 198 -1.10 8.52 -21.05
C GLU C 198 -0.58 9.00 -22.41
N PHE C 199 0.29 8.20 -23.05
CA PHE C 199 0.90 8.57 -24.34
C PHE C 199 0.29 7.85 -25.52
N VAL C 200 0.13 6.55 -25.38
CA VAL C 200 -0.61 5.78 -26.37
C VAL C 200 -2.06 5.86 -25.92
N SER C 201 -2.62 7.06 -26.06
CA SER C 201 -3.86 7.38 -25.37
CA SER C 201 -3.86 7.41 -25.38
C SER C 201 -5.11 7.28 -26.25
N ASP C 202 -4.95 7.31 -27.57
CA ASP C 202 -6.13 7.30 -28.45
C ASP C 202 -7.02 6.06 -28.24
N ASN C 203 -6.41 4.87 -28.35
CA ASN C 203 -7.17 3.63 -28.22
C ASN C 203 -6.50 2.67 -27.21
N VAL C 204 -7.31 2.00 -26.42
CA VAL C 204 -6.79 1.08 -25.40
C VAL C 204 -7.50 -0.27 -25.45
N VAL C 205 -6.72 -1.34 -25.60
CA VAL C 205 -7.21 -2.71 -25.59
C VAL C 205 -6.53 -3.40 -24.41
N ILE C 206 -7.27 -4.14 -23.60
CA ILE C 206 -6.70 -4.85 -22.46
C ILE C 206 -6.87 -6.37 -22.63
N LEU C 207 -5.75 -7.08 -22.60
CA LEU C 207 -5.78 -8.55 -22.60
C LEU C 207 -5.63 -9.02 -21.15
N ARG C 208 -6.43 -9.99 -20.75
CA ARG C 208 -6.38 -10.52 -19.40
C ARG C 208 -6.25 -12.04 -19.46
N ASN C 209 -5.68 -12.58 -18.39
CA ASN C 209 -5.47 -14.00 -18.22
C ASN C 209 -5.96 -14.24 -16.77
N VAL C 210 -7.26 -14.38 -16.56
CA VAL C 210 -7.77 -14.31 -15.19
C VAL C 210 -7.78 -15.68 -14.54
N LEU C 211 -7.40 -15.75 -13.27
CA LEU C 211 -7.52 -16.99 -12.53
C LEU C 211 -8.97 -17.22 -12.05
N GLU C 212 -9.55 -18.31 -12.51
CA GLU C 212 -10.86 -18.78 -12.10
C GLU C 212 -10.60 -20.01 -11.27
N GLY C 213 -10.42 -19.85 -9.98
CA GLY C 213 -10.00 -20.94 -9.12
C GLY C 213 -8.58 -21.25 -9.55
N GLU C 214 -8.33 -22.48 -9.99
CA GLU C 214 -6.98 -22.81 -10.44
C GLU C 214 -6.89 -22.82 -11.96
N ARG C 215 -7.97 -22.41 -12.64
CA ARG C 215 -7.99 -22.39 -14.11
C ARG C 215 -7.76 -20.97 -14.61
N ARG C 216 -7.27 -20.84 -15.85
CA ARG C 216 -7.08 -19.51 -16.48
C ARG C 216 -8.10 -19.31 -17.58
N ARG C 217 -8.65 -18.10 -17.66
CA ARG C 217 -9.57 -17.70 -18.71
C ARG C 217 -9.01 -16.45 -19.43
N ARG C 218 -8.77 -16.51 -20.75
CA ARG C 218 -8.22 -15.36 -21.46
C ARG C 218 -9.38 -14.47 -21.94
N THR C 219 -9.25 -13.15 -21.75
CA THR C 219 -10.25 -12.22 -22.27
C THR C 219 -9.61 -11.00 -22.89
N LEU C 220 -10.36 -10.39 -23.79
CA LEU C 220 -9.92 -9.18 -24.49
C LEU C 220 -11.00 -8.13 -24.26
N GLU C 221 -10.59 -6.92 -23.94
CA GLU C 221 -11.56 -5.82 -23.77
C GLU C 221 -11.09 -4.63 -24.58
N ILE C 222 -11.97 -4.02 -25.37
CA ILE C 222 -11.65 -2.70 -25.91
C ILE C 222 -12.18 -1.65 -24.91
N LEU C 223 -11.26 -1.01 -24.20
CA LEU C 223 -11.66 -0.07 -23.17
C LEU C 223 -12.15 1.25 -23.76
N LYS C 224 -11.47 1.68 -24.81
N LYS C 224 -11.44 1.72 -24.78
CA LYS C 224 -11.60 3.03 -25.37
CA LYS C 224 -11.78 3.00 -25.39
C LYS C 224 -11.17 3.05 -26.82
C LYS C 224 -11.20 3.09 -26.79
N LEU C 225 -11.98 3.67 -27.69
CA LEU C 225 -11.54 4.03 -29.04
C LEU C 225 -12.04 5.45 -29.26
N ARG C 226 -11.13 6.41 -29.30
CA ARG C 226 -11.56 7.80 -29.45
C ARG C 226 -12.28 8.00 -30.77
N GLY C 227 -13.38 8.74 -30.74
CA GLY C 227 -14.05 9.14 -31.97
C GLY C 227 -14.84 8.07 -32.70
N THR C 228 -15.09 6.94 -32.04
CA THR C 228 -15.84 5.88 -32.69
C THR C 228 -16.44 4.88 -31.67
N SER C 229 -17.34 4.03 -32.13
CA SER C 229 -18.02 3.07 -31.27
C SER C 229 -17.28 1.75 -31.21
N HIS C 230 -17.62 0.98 -30.19
CA HIS C 230 -17.05 -0.36 -30.00
C HIS C 230 -17.87 -1.09 -28.96
N MET C 231 -17.81 -2.42 -29.01
CA MET C 231 -18.40 -3.24 -27.95
CA MET C 231 -18.44 -3.20 -27.95
C MET C 231 -17.65 -3.09 -26.64
N LYS C 232 -18.37 -3.28 -25.55
CA LYS C 232 -17.89 -3.04 -24.19
C LYS C 232 -17.73 -4.30 -23.36
N GLY C 233 -16.79 -4.23 -22.42
CA GLY C 233 -16.54 -5.29 -21.46
C GLY C 233 -15.60 -6.33 -22.01
N GLU C 234 -15.52 -7.47 -21.34
CA GLU C 234 -14.59 -8.52 -21.71
C GLU C 234 -15.19 -9.57 -22.61
N TYR C 235 -14.39 -10.06 -23.56
CA TYR C 235 -14.78 -11.14 -24.47
C TYR C 235 -13.74 -12.24 -24.40
N PRO C 236 -14.18 -13.48 -24.15
CA PRO C 236 -13.20 -14.55 -24.01
C PRO C 236 -12.57 -14.93 -25.37
N PHE C 237 -11.32 -15.40 -25.31
CA PHE C 237 -10.63 -15.88 -26.50
C PHE C 237 -9.69 -17.00 -26.14
N THR C 238 -9.22 -17.72 -27.15
CA THR C 238 -8.17 -18.69 -26.95
C THR C 238 -7.06 -18.43 -27.95
N ILE C 239 -5.88 -18.98 -27.67
CA ILE C 239 -4.79 -18.89 -28.61
C ILE C 239 -4.67 -20.30 -29.20
N THR C 240 -4.64 -20.37 -30.52
CA THR C 240 -4.68 -21.62 -31.27
C THR C 240 -3.50 -21.66 -32.20
N ASP C 241 -3.40 -22.73 -32.98
CA ASP C 241 -2.37 -22.85 -34.00
C ASP C 241 -2.63 -21.87 -35.13
N HIS C 242 -3.77 -21.17 -35.10
CA HIS C 242 -3.97 -20.10 -36.09
C HIS C 242 -3.99 -18.69 -35.46
N GLY C 243 -3.47 -18.57 -34.23
CA GLY C 243 -3.39 -17.28 -33.56
C GLY C 243 -4.55 -16.99 -32.63
N ILE C 244 -4.88 -15.72 -32.45
CA ILE C 244 -5.96 -15.38 -31.54
C ILE C 244 -7.31 -15.71 -32.14
N ASN C 245 -8.17 -16.30 -31.33
CA ASN C 245 -9.54 -16.60 -31.76
C ASN C 245 -10.56 -16.15 -30.70
N ILE C 246 -11.25 -15.04 -30.97
CA ILE C 246 -12.25 -14.50 -30.06
C ILE C 246 -13.65 -14.96 -30.46
N PHE C 247 -14.59 -14.91 -29.52
CA PHE C 247 -16.00 -15.03 -29.84
C PHE C 247 -16.85 -14.06 -29.01
N PRO C 248 -17.48 -13.08 -29.67
CA PRO C 248 -18.45 -12.16 -29.05
C PRO C 248 -19.76 -12.87 -28.67
N SER D 13 4.33 -33.92 -28.24
CA SER D 13 3.65 -33.82 -29.52
C SER D 13 4.59 -33.34 -30.62
N GLU D 14 4.32 -33.78 -31.84
CA GLU D 14 5.20 -33.55 -32.99
C GLU D 14 5.01 -32.14 -33.55
N HIS D 15 3.75 -31.73 -33.66
CA HIS D 15 3.49 -30.47 -34.33
C HIS D 15 3.53 -29.30 -33.34
N GLN D 16 4.74 -28.98 -32.90
CA GLN D 16 4.96 -27.72 -32.17
C GLN D 16 6.32 -27.17 -32.59
N ALA D 17 6.49 -25.87 -32.49
CA ALA D 17 7.60 -25.25 -33.21
C ALA D 17 8.98 -25.34 -32.52
N ILE D 18 8.97 -25.54 -31.21
CA ILE D 18 10.18 -25.40 -30.42
C ILE D 18 10.65 -26.75 -29.87
N ALA D 19 11.89 -27.15 -30.18
CA ALA D 19 12.40 -28.43 -29.64
C ALA D 19 12.57 -28.32 -28.12
N LYS D 20 12.25 -29.40 -27.43
CA LYS D 20 12.25 -29.44 -25.96
C LYS D 20 13.06 -30.59 -25.39
N MET D 21 13.64 -30.39 -24.22
CA MET D 21 14.30 -31.50 -23.56
C MET D 21 13.47 -31.94 -22.36
N ARG D 22 13.44 -33.23 -22.09
CA ARG D 22 12.64 -33.69 -20.96
C ARG D 22 13.26 -33.46 -19.60
N THR D 23 12.49 -32.86 -18.69
CA THR D 23 12.92 -32.75 -17.32
C THR D 23 12.89 -34.10 -16.63
N MET D 24 12.01 -35.00 -17.08
CA MET D 24 11.72 -36.28 -16.42
C MET D 24 11.17 -36.09 -15.01
N ILE D 25 10.78 -34.86 -14.65
CA ILE D 25 10.12 -34.60 -13.38
C ILE D 25 8.69 -34.97 -13.62
N GLU D 26 8.18 -35.90 -12.81
CA GLU D 26 6.90 -36.51 -13.16
C GLU D 26 5.78 -35.48 -13.25
N GLY D 27 5.12 -35.45 -14.42
CA GLY D 27 4.00 -34.54 -14.65
C GLY D 27 4.41 -33.23 -15.29
N PHE D 28 5.65 -32.80 -15.09
CA PHE D 28 6.04 -31.50 -15.70
C PHE D 28 6.13 -31.59 -17.19
N ASP D 29 6.64 -32.72 -17.71
CA ASP D 29 6.75 -32.80 -19.17
C ASP D 29 5.37 -32.86 -19.81
N ASP D 30 4.37 -33.34 -19.09
CA ASP D 30 2.99 -33.27 -19.63
C ASP D 30 2.50 -31.82 -19.67
N ILE D 31 2.64 -31.12 -18.55
CA ILE D 31 2.16 -29.72 -18.46
C ILE D 31 2.84 -28.83 -19.51
N SER D 32 4.12 -29.10 -19.74
CA SER D 32 4.90 -28.25 -20.67
C SER D 32 4.81 -28.76 -22.10
N HIS D 33 4.01 -29.82 -22.32
CA HIS D 33 3.92 -30.41 -23.66
C HIS D 33 5.32 -30.79 -24.22
N GLY D 34 6.13 -31.42 -23.40
CA GLY D 34 7.34 -32.08 -23.91
C GLY D 34 8.60 -31.77 -23.14
N GLY D 35 8.52 -30.80 -22.22
CA GLY D 35 9.68 -30.40 -21.45
C GLY D 35 10.10 -28.95 -21.67
N LEU D 36 11.35 -28.63 -21.37
CA LEU D 36 11.84 -27.25 -21.49
C LEU D 36 12.45 -26.99 -22.85
N PRO D 37 12.05 -25.89 -23.48
CA PRO D 37 12.65 -25.40 -24.72
C PRO D 37 14.16 -25.38 -24.68
N ILE D 38 14.77 -26.06 -25.66
CA ILE D 38 16.20 -26.23 -25.72
C ILE D 38 16.88 -24.93 -26.10
N GLY D 39 17.96 -24.63 -25.40
CA GLY D 39 18.78 -23.48 -25.74
C GLY D 39 18.14 -22.21 -25.16
N ARG D 40 17.13 -22.37 -24.33
CA ARG D 40 16.47 -21.19 -23.78
C ARG D 40 16.41 -21.20 -22.28
N SER D 41 16.03 -20.07 -21.68
CA SER D 41 15.96 -19.99 -20.23
C SER D 41 14.50 -19.99 -19.72
N THR D 42 14.29 -20.66 -18.60
CA THR D 42 12.99 -20.78 -17.96
C THR D 42 13.11 -20.26 -16.52
N LEU D 43 12.34 -19.22 -16.22
CA LEU D 43 12.27 -18.67 -14.86
C LEU D 43 11.40 -19.59 -14.01
N VAL D 44 11.87 -19.96 -12.82
CA VAL D 44 11.04 -20.68 -11.85
C VAL D 44 10.94 -19.80 -10.60
N SER D 45 9.78 -19.18 -10.42
CA SER D 45 9.60 -18.18 -9.37
C SER D 45 8.68 -18.68 -8.26
N GLY D 46 9.01 -18.39 -7.00
CA GLY D 46 8.17 -18.87 -5.92
C GLY D 46 8.57 -18.25 -4.60
N THR D 47 7.63 -18.21 -3.63
CA THR D 47 7.96 -17.79 -2.27
C THR D 47 8.95 -18.80 -1.64
N THR D 48 9.46 -18.49 -0.46
CA THR D 48 10.55 -19.33 0.03
C THR D 48 9.95 -20.68 0.50
N GLY D 49 10.67 -21.76 0.25
CA GLY D 49 10.17 -23.09 0.58
C GLY D 49 9.13 -23.67 -0.38
N THR D 50 9.07 -23.17 -1.61
CA THR D 50 8.10 -23.72 -2.58
C THR D 50 8.65 -24.89 -3.37
N GLY D 51 9.96 -25.11 -3.31
CA GLY D 51 10.55 -26.16 -4.14
C GLY D 51 11.43 -25.72 -5.29
N LYS D 52 11.87 -24.46 -5.28
CA LYS D 52 12.65 -23.93 -6.41
C LYS D 52 14.02 -24.61 -6.56
N THR D 53 14.72 -24.73 -5.45
CA THR D 53 16.04 -25.36 -5.47
C THR D 53 15.91 -26.84 -5.84
N LEU D 54 14.88 -27.48 -5.30
CA LEU D 54 14.62 -28.89 -5.61
C LEU D 54 14.32 -29.05 -7.10
N PHE D 55 13.46 -28.19 -7.65
CA PHE D 55 13.16 -28.29 -9.09
C PHE D 55 14.47 -28.17 -9.92
N SER D 56 15.28 -27.15 -9.58
CA SER D 56 16.47 -26.91 -10.41
CA SER D 56 16.53 -26.88 -10.29
C SER D 56 17.54 -28.01 -10.22
N ILE D 57 17.62 -28.64 -9.04
CA ILE D 57 18.50 -29.80 -8.86
C ILE D 57 17.98 -31.02 -9.63
N GLN D 58 16.68 -31.29 -9.49
CA GLN D 58 16.08 -32.44 -10.14
C GLN D 58 16.27 -32.40 -11.67
N PHE D 59 16.13 -31.21 -12.26
CA PHE D 59 16.41 -30.98 -13.68
C PHE D 59 17.78 -31.49 -14.09
N LEU D 60 18.80 -31.13 -13.33
CA LEU D 60 20.18 -31.56 -13.65
C LEU D 60 20.38 -33.01 -13.35
N TYR D 61 19.84 -33.44 -12.22
CA TYR D 61 20.02 -34.83 -11.80
C TYR D 61 19.45 -35.77 -12.86
N ASN D 62 18.21 -35.53 -13.24
CA ASN D 62 17.59 -36.36 -14.28
C ASN D 62 18.33 -36.33 -15.61
N GLY D 63 18.82 -35.15 -16.02
CA GLY D 63 19.60 -35.05 -17.27
C GLY D 63 20.82 -35.93 -17.28
N ILE D 64 21.48 -36.03 -16.12
CA ILE D 64 22.66 -36.90 -15.99
C ILE D 64 22.27 -38.38 -15.96
N ILE D 65 21.29 -38.70 -15.13
CA ILE D 65 20.93 -40.12 -14.90
C ILE D 65 20.25 -40.71 -16.14
N GLU D 66 19.31 -39.97 -16.69
CA GLU D 66 18.55 -40.47 -17.84
C GLU D 66 19.28 -40.41 -19.18
N PHE D 67 20.03 -39.33 -19.42
CA PHE D 67 20.54 -39.03 -20.75
C PHE D 67 22.05 -38.82 -20.80
N ASP D 68 22.71 -38.97 -19.66
CA ASP D 68 24.13 -38.71 -19.56
C ASP D 68 24.49 -37.29 -20.06
N GLU D 69 23.64 -36.33 -19.76
CA GLU D 69 23.87 -34.92 -20.16
C GLU D 69 24.46 -34.19 -18.94
N PRO D 70 25.70 -33.69 -19.06
CA PRO D 70 26.30 -33.10 -17.84
C PRO D 70 25.60 -31.81 -17.46
N GLY D 71 25.73 -31.42 -16.20
CA GLY D 71 24.98 -30.27 -15.70
C GLY D 71 25.86 -29.36 -14.84
N VAL D 72 25.53 -28.07 -14.85
CA VAL D 72 26.24 -27.11 -14.00
C VAL D 72 25.22 -26.41 -13.14
N PHE D 73 25.44 -26.46 -11.82
CA PHE D 73 24.55 -25.85 -10.83
C PHE D 73 25.26 -24.67 -10.23
N VAL D 74 24.68 -23.49 -10.37
CA VAL D 74 25.28 -22.28 -9.84
C VAL D 74 24.51 -21.86 -8.62
N THR D 75 25.16 -21.87 -7.46
CA THR D 75 24.47 -21.56 -6.23
C THR D 75 24.90 -20.21 -5.67
N PHE D 76 23.90 -19.41 -5.32
CA PHE D 76 24.09 -18.09 -4.72
C PHE D 76 23.74 -18.04 -3.23
N GLU D 77 22.89 -18.96 -2.79
N GLU D 77 22.89 -18.97 -2.80
CA GLU D 77 22.51 -18.99 -1.39
CA GLU D 77 22.45 -19.01 -1.41
C GLU D 77 23.28 -20.09 -0.67
C GLU D 77 23.22 -20.08 -0.65
N GLU D 78 22.83 -21.33 -0.83
CA GLU D 78 23.43 -22.43 -0.12
C GLU D 78 24.84 -22.73 -0.60
N THR D 79 25.68 -23.25 0.29
CA THR D 79 27.00 -23.76 -0.08
C THR D 79 26.85 -25.05 -0.87
N PRO D 80 27.86 -25.39 -1.69
CA PRO D 80 27.80 -26.71 -2.35
C PRO D 80 27.58 -27.85 -1.36
N GLN D 81 28.23 -27.80 -0.18
CA GLN D 81 28.09 -28.87 0.79
C GLN D 81 26.64 -29.07 1.23
N ASP D 82 25.94 -27.97 1.45
CA ASP D 82 24.54 -28.02 1.88
C ASP D 82 23.61 -28.48 0.73
N ILE D 83 23.86 -28.03 -0.50
CA ILE D 83 23.16 -28.54 -1.68
CA ILE D 83 23.13 -28.56 -1.64
C ILE D 83 23.26 -30.06 -1.70
N ILE D 84 24.49 -30.57 -1.58
CA ILE D 84 24.74 -32.01 -1.58
C ILE D 84 24.05 -32.73 -0.40
N LYS D 85 24.18 -32.19 0.81
CA LYS D 85 23.54 -32.77 1.96
C LYS D 85 22.02 -32.78 1.83
N ASN D 86 21.46 -31.66 1.40
CA ASN D 86 20.00 -31.58 1.31
C ASN D 86 19.47 -32.54 0.26
N ALA D 87 20.24 -32.77 -0.81
CA ALA D 87 19.77 -33.67 -1.87
C ALA D 87 19.69 -35.12 -1.43
N ARG D 88 20.41 -35.44 -0.35
CA ARG D 88 20.35 -36.80 0.17
C ARG D 88 18.96 -37.12 0.71
N SER D 89 18.16 -36.08 0.96
CA SER D 89 16.76 -36.23 1.38
C SER D 89 15.98 -37.06 0.36
N PHE D 90 16.46 -37.04 -0.89
CA PHE D 90 15.74 -37.69 -1.98
C PHE D 90 16.50 -38.94 -2.50
N GLY D 91 17.52 -39.36 -1.76
CA GLY D 91 18.31 -40.50 -2.16
C GLY D 91 19.21 -40.21 -3.35
N TRP D 92 19.46 -38.94 -3.63
CA TRP D 92 20.35 -38.54 -4.72
C TRP D 92 21.77 -38.33 -4.19
N ASP D 93 22.74 -38.94 -4.84
CA ASP D 93 24.15 -38.86 -4.44
C ASP D 93 24.86 -37.91 -5.39
N LEU D 94 24.83 -36.63 -5.08
CA LEU D 94 25.40 -35.61 -5.95
C LEU D 94 26.95 -35.61 -5.91
N ALA D 95 27.50 -35.99 -4.76
CA ALA D 95 28.96 -35.99 -4.60
C ALA D 95 29.58 -36.97 -5.58
N LYS D 96 28.94 -38.12 -5.73
CA LYS D 96 29.39 -39.10 -6.72
C LYS D 96 29.38 -38.55 -8.17
N LEU D 97 28.33 -37.80 -8.53
CA LEU D 97 28.24 -37.18 -9.85
C LEU D 97 29.31 -36.08 -10.03
N VAL D 98 29.60 -35.34 -8.96
CA VAL D 98 30.69 -34.39 -9.03
C VAL D 98 32.03 -35.12 -9.20
N ASP D 99 32.25 -36.15 -8.40
CA ASP D 99 33.49 -36.95 -8.54
C ASP D 99 33.66 -37.58 -9.90
N GLU D 100 32.55 -37.89 -10.57
CA GLU D 100 32.60 -38.49 -11.90
C GLU D 100 32.68 -37.47 -13.04
N GLY D 101 32.66 -36.19 -12.70
CA GLY D 101 32.74 -35.14 -13.71
C GLY D 101 31.46 -34.85 -14.48
N LYS D 102 30.33 -35.31 -13.95
CA LYS D 102 29.05 -35.22 -14.67
C LYS D 102 28.24 -34.02 -14.18
N LEU D 103 28.54 -33.60 -12.96
CA LEU D 103 27.85 -32.45 -12.36
C LEU D 103 28.92 -31.50 -11.86
N PHE D 104 28.76 -30.22 -12.10
CA PHE D 104 29.68 -29.30 -11.42
C PHE D 104 28.85 -28.29 -10.62
N ILE D 105 29.16 -28.17 -9.34
CA ILE D 105 28.47 -27.14 -8.52
C ILE D 105 29.41 -25.94 -8.38
N LEU D 106 28.95 -24.81 -8.91
CA LEU D 106 29.73 -23.57 -8.96
C LEU D 106 29.32 -22.67 -7.79
N ASP D 107 30.25 -22.42 -6.89
CA ASP D 107 29.96 -21.68 -5.66
C ASP D 107 29.98 -20.18 -5.91
N ALA D 108 28.83 -19.54 -5.82
CA ALA D 108 28.76 -18.09 -5.95
C ALA D 108 28.07 -17.52 -4.71
N SER D 109 28.12 -18.28 -3.62
CA SER D 109 27.39 -17.97 -2.37
C SER D 109 28.20 -16.92 -1.58
N PRO D 110 27.56 -16.18 -0.65
CA PRO D 110 28.24 -15.09 0.06
C PRO D 110 29.43 -15.58 0.89
N ASP D 111 30.55 -14.91 0.78
CA ASP D 111 31.68 -15.19 1.64
C ASP D 111 31.50 -14.56 3.03
N PRO D 112 31.37 -15.39 4.08
CA PRO D 112 31.46 -14.83 5.44
C PRO D 112 32.85 -14.22 5.60
N GLU D 113 32.98 -13.12 6.33
CA GLU D 113 34.19 -12.29 6.29
C GLU D 113 34.39 -11.72 4.89
N LEU D 123 29.46 -9.04 -11.86
CA LEU D 123 28.79 -10.22 -12.42
C LEU D 123 29.46 -10.74 -13.69
N SER D 124 30.22 -9.87 -14.37
CA SER D 124 30.92 -10.26 -15.58
C SER D 124 31.95 -11.36 -15.30
N ALA D 125 32.54 -11.32 -14.10
CA ALA D 125 33.52 -12.32 -13.70
C ALA D 125 32.86 -13.69 -13.53
N LEU D 126 31.66 -13.69 -12.96
CA LEU D 126 30.95 -14.93 -12.75
C LEU D 126 30.53 -15.57 -14.06
N ILE D 127 30.05 -14.76 -15.00
CA ILE D 127 29.66 -15.24 -16.33
C ILE D 127 30.80 -16.02 -17.00
N GLU D 128 32.03 -15.52 -16.85
CA GLU D 128 33.17 -16.21 -17.46
C GLU D 128 33.48 -17.52 -16.75
N ARG D 129 33.31 -17.54 -15.44
CA ARG D 129 33.50 -18.78 -14.68
C ARG D 129 32.45 -19.80 -15.08
N ILE D 130 31.25 -19.32 -15.35
CA ILE D 130 30.13 -20.20 -15.70
C ILE D 130 30.38 -20.77 -17.11
N ASN D 131 30.78 -19.91 -18.02
CA ASN D 131 31.10 -20.33 -19.37
C ASN D 131 32.23 -21.34 -19.37
N TYR D 132 33.25 -21.09 -18.56
CA TYR D 132 34.37 -22.03 -18.46
C TYR D 132 33.93 -23.41 -17.93
N ALA D 133 33.09 -23.40 -16.91
CA ALA D 133 32.59 -24.65 -16.37
C ALA D 133 31.75 -25.42 -17.40
N ILE D 134 30.91 -24.69 -18.13
CA ILE D 134 30.06 -25.30 -19.15
C ILE D 134 30.90 -25.95 -20.24
N GLN D 135 31.97 -25.28 -20.67
CA GLN D 135 32.76 -25.88 -21.74
C GLN D 135 33.58 -27.02 -21.18
N LYS D 136 34.13 -26.84 -19.99
CA LYS D 136 34.96 -27.87 -19.39
C LYS D 136 34.21 -29.16 -19.12
N TYR D 137 32.97 -29.06 -18.60
CA TYR D 137 32.21 -30.27 -18.26
C TYR D 137 31.25 -30.66 -19.40
N ARG D 138 31.36 -29.97 -20.54
CA ARG D 138 30.48 -30.18 -21.70
C ARG D 138 29.01 -30.22 -21.29
N ALA D 139 28.60 -29.27 -20.46
CA ALA D 139 27.25 -29.28 -19.89
C ALA D 139 26.16 -28.90 -20.92
N ARG D 140 25.04 -29.58 -20.87
CA ARG D 140 23.88 -29.22 -21.70
C ARG D 140 22.80 -28.55 -20.85
N ARG D 141 22.82 -28.80 -19.54
CA ARG D 141 21.78 -28.29 -18.64
C ARG D 141 22.42 -27.39 -17.62
N VAL D 142 21.75 -26.28 -17.30
CA VAL D 142 22.31 -25.33 -16.35
C VAL D 142 21.20 -24.86 -15.42
N SER D 143 21.48 -24.80 -14.12
CA SER D 143 20.56 -24.25 -13.13
C SER D 143 21.24 -23.12 -12.38
N ILE D 144 20.55 -21.98 -12.32
CA ILE D 144 21.05 -20.79 -11.64
C ILE D 144 20.12 -20.54 -10.49
N ASP D 145 20.59 -20.69 -9.26
CA ASP D 145 19.67 -20.70 -8.13
C ASP D 145 19.86 -19.42 -7.30
N SER D 146 18.81 -18.59 -7.25
CA SER D 146 18.79 -17.36 -6.46
C SER D 146 19.77 -16.28 -6.93
N VAL D 147 19.87 -16.07 -8.24
CA VAL D 147 20.83 -15.10 -8.77
C VAL D 147 20.50 -13.66 -8.31
N THR D 148 19.23 -13.37 -8.06
CA THR D 148 18.87 -12.00 -7.69
C THR D 148 19.24 -11.66 -6.25
N SER D 149 19.77 -12.64 -5.52
CA SER D 149 20.27 -12.39 -4.17
CA SER D 149 20.27 -12.40 -4.17
C SER D 149 21.49 -11.47 -4.18
N VAL D 150 22.14 -11.32 -5.32
CA VAL D 150 23.30 -10.42 -5.39
C VAL D 150 22.91 -8.94 -5.42
N PHE D 151 21.66 -8.68 -5.79
CA PHE D 151 21.18 -7.31 -5.93
C PHE D 151 20.66 -6.75 -4.60
N GLN D 152 20.68 -5.42 -4.48
CA GLN D 152 20.07 -4.72 -3.32
C GLN D 152 18.68 -4.18 -3.64
N GLN D 153 17.80 -4.02 -2.64
CA GLN D 153 16.34 -4.10 -2.79
C GLN D 153 15.97 -2.94 -3.72
N TYR D 154 16.80 -1.89 -3.63
CA TYR D 154 16.49 -0.61 -4.27
C TYR D 154 17.45 -0.32 -5.40
N ASP D 155 18.15 -1.34 -5.87
CA ASP D 155 19.00 -1.17 -7.04
C ASP D 155 18.12 -0.88 -8.25
N ALA D 156 18.62 -0.03 -9.14
CA ALA D 156 17.83 0.41 -10.30
C ALA D 156 17.36 -0.76 -11.17
N SER D 157 16.12 -0.67 -11.65
CA SER D 157 15.56 -1.70 -12.51
C SER D 157 16.41 -1.92 -13.76
N SER D 158 16.88 -0.82 -14.36
CA SER D 158 17.73 -0.92 -15.53
C SER D 158 18.98 -1.75 -15.22
N VAL D 159 19.55 -1.53 -14.05
CA VAL D 159 20.76 -2.22 -13.62
C VAL D 159 20.52 -3.73 -13.46
N VAL D 160 19.47 -4.08 -12.72
CA VAL D 160 19.15 -5.47 -12.47
C VAL D 160 18.81 -6.21 -13.76
N ARG D 161 17.99 -5.61 -14.60
CA ARG D 161 17.64 -6.23 -15.89
C ARG D 161 18.84 -6.46 -16.80
N ARG D 162 19.72 -5.46 -16.92
CA ARG D 162 20.87 -5.61 -17.80
C ARG D 162 21.83 -6.68 -17.28
N GLU D 163 22.02 -6.74 -15.97
CA GLU D 163 22.93 -7.71 -15.36
C GLU D 163 22.44 -9.14 -15.59
N LEU D 164 21.17 -9.36 -15.34
CA LEU D 164 20.55 -10.66 -15.57
C LEU D 164 20.61 -11.02 -17.04
N PHE D 165 20.35 -10.04 -17.89
CA PHE D 165 20.31 -10.31 -19.32
C PHE D 165 21.69 -10.71 -19.88
N ARG D 166 22.75 -10.10 -19.38
CA ARG D 166 24.06 -10.49 -19.91
C ARG D 166 24.32 -11.97 -19.63
N LEU D 167 23.91 -12.42 -18.44
CA LEU D 167 24.06 -13.82 -18.04
C LEU D 167 23.24 -14.70 -18.98
N VAL D 168 21.96 -14.40 -19.06
CA VAL D 168 21.03 -15.20 -19.85
C VAL D 168 21.33 -15.22 -21.35
N ALA D 169 21.76 -14.08 -21.89
CA ALA D 169 22.08 -14.03 -23.32
C ALA D 169 23.32 -14.86 -23.61
N ARG D 170 24.29 -14.86 -22.69
CA ARG D 170 25.50 -15.68 -22.86
C ARG D 170 25.14 -17.17 -22.89
N LEU D 171 24.27 -17.56 -21.96
CA LEU D 171 23.80 -18.95 -21.87
C LEU D 171 23.11 -19.35 -23.18
N LYS D 172 22.29 -18.45 -23.75
CA LYS D 172 21.60 -18.74 -25.00
C LYS D 172 22.60 -18.87 -26.14
N GLN D 173 23.59 -17.99 -26.15
CA GLN D 173 24.64 -18.02 -27.17
C GLN D 173 25.41 -19.35 -27.15
N ILE D 174 25.70 -19.83 -25.95
CA ILE D 174 26.38 -21.12 -25.73
C ILE D 174 25.51 -22.32 -26.15
N GLY D 175 24.20 -22.16 -26.11
CA GLY D 175 23.29 -23.25 -26.41
C GLY D 175 22.79 -24.05 -25.19
N ALA D 176 23.06 -23.56 -23.98
CA ALA D 176 22.62 -24.24 -22.76
C ALA D 176 21.11 -24.11 -22.59
N THR D 177 20.52 -25.08 -21.91
CA THR D 177 19.13 -24.99 -21.50
C THR D 177 19.13 -24.76 -19.98
N THR D 178 18.49 -23.69 -19.58
CA THR D 178 18.71 -23.10 -18.26
C THR D 178 17.44 -22.94 -17.42
N VAL D 179 17.52 -23.34 -16.14
CA VAL D 179 16.50 -23.03 -15.14
C VAL D 179 17.09 -21.94 -14.25
N MET D 180 16.37 -20.85 -14.11
CA MET D 180 16.84 -19.76 -13.26
C MET D 180 15.79 -19.50 -12.22
N THR D 181 16.12 -19.70 -10.94
CA THR D 181 15.06 -19.52 -9.92
C THR D 181 15.02 -18.07 -9.44
N THR D 182 13.85 -17.62 -9.03
CA THR D 182 13.72 -16.31 -8.39
C THR D 182 12.73 -16.31 -7.23
N GLU D 183 12.89 -15.34 -6.35
CA GLU D 183 12.03 -15.24 -5.18
C GLU D 183 10.82 -14.34 -5.43
N ARG D 184 9.73 -14.64 -4.73
CA ARG D 184 8.62 -13.69 -4.70
C ARG D 184 8.11 -13.58 -3.27
N ILE D 185 7.33 -12.54 -2.99
CA ILE D 185 6.88 -12.28 -1.62
C ILE D 185 5.50 -12.80 -1.28
N GLU D 186 4.62 -12.88 -2.28
CA GLU D 186 3.27 -13.32 -2.03
C GLU D 186 2.83 -14.40 -3.02
N GLU D 187 1.87 -15.24 -2.65
CA GLU D 187 1.50 -16.33 -3.57
C GLU D 187 0.80 -15.81 -4.82
N TYR D 188 0.00 -14.77 -4.63
CA TYR D 188 -0.76 -14.17 -5.72
C TYR D 188 -0.41 -12.68 -5.72
N GLY D 189 0.34 -12.27 -6.72
CA GLY D 189 1.07 -11.03 -6.68
C GLY D 189 2.02 -11.05 -7.85
N PRO D 190 3.05 -10.18 -7.84
CA PRO D 190 3.95 -10.09 -8.99
C PRO D 190 4.71 -11.43 -9.24
N ILE D 191 5.14 -11.64 -10.48
CA ILE D 191 5.87 -12.86 -10.88
C ILE D 191 7.14 -13.01 -10.03
N ALA D 192 7.88 -11.91 -9.88
CA ALA D 192 9.13 -11.98 -9.13
C ALA D 192 9.44 -10.65 -8.41
N ARG D 193 10.37 -10.70 -7.47
CA ARG D 193 10.66 -9.57 -6.59
C ARG D 193 11.10 -8.26 -7.25
N TYR D 194 11.95 -8.32 -8.28
CA TYR D 194 12.49 -7.09 -8.87
C TYR D 194 11.71 -6.58 -10.09
N GLY D 195 10.70 -7.32 -10.54
CA GLY D 195 9.82 -6.83 -11.59
C GLY D 195 10.48 -6.67 -12.95
N VAL D 196 11.59 -7.35 -13.15
CA VAL D 196 12.24 -7.32 -14.44
C VAL D 196 12.50 -8.75 -14.90
N GLU D 197 12.27 -9.70 -14.01
CA GLU D 197 12.77 -11.05 -14.25
C GLU D 197 12.01 -11.72 -15.42
N GLU D 198 10.73 -11.40 -15.56
CA GLU D 198 9.91 -11.95 -16.64
C GLU D 198 10.31 -11.44 -18.02
N PHE D 199 11.18 -10.44 -18.09
CA PHE D 199 11.62 -9.86 -19.35
C PHE D 199 12.95 -10.41 -19.84
N VAL D 200 13.72 -11.05 -18.98
CA VAL D 200 14.98 -11.62 -19.45
C VAL D 200 14.87 -13.10 -19.78
N SER D 201 13.75 -13.72 -19.39
CA SER D 201 13.54 -15.16 -19.53
CA SER D 201 13.56 -15.16 -19.55
C SER D 201 12.63 -15.49 -20.71
N ASP D 202 12.92 -16.59 -21.40
CA ASP D 202 12.02 -17.04 -22.47
C ASP D 202 10.65 -17.49 -21.95
N ASN D 203 10.70 -18.27 -20.86
CA ASN D 203 9.56 -18.96 -20.27
C ASN D 203 9.39 -18.66 -18.79
N VAL D 204 8.17 -18.78 -18.27
CA VAL D 204 7.91 -18.48 -16.83
C VAL D 204 7.11 -19.55 -16.16
N VAL D 205 7.64 -20.10 -15.08
CA VAL D 205 6.96 -21.08 -14.28
C VAL D 205 6.76 -20.54 -12.88
N ILE D 206 5.57 -20.71 -12.30
CA ILE D 206 5.34 -20.25 -10.93
C ILE D 206 5.03 -21.37 -9.97
N LEU D 207 5.81 -21.47 -8.89
CA LEU D 207 5.51 -22.45 -7.81
C LEU D 207 4.78 -21.71 -6.69
N ARG D 208 3.68 -22.29 -6.20
CA ARG D 208 2.93 -21.67 -5.09
C ARG D 208 2.79 -22.63 -3.93
N ASN D 209 2.64 -22.05 -2.73
CA ASN D 209 2.44 -22.83 -1.52
C ASN D 209 1.32 -22.10 -0.74
N VAL D 210 0.09 -22.26 -1.18
CA VAL D 210 -1.05 -21.46 -0.68
C VAL D 210 -1.59 -21.95 0.64
N LEU D 211 -1.76 -21.03 1.58
CA LEU D 211 -2.31 -21.34 2.89
C LEU D 211 -3.80 -20.95 2.91
N GLU D 212 -4.67 -21.91 3.16
CA GLU D 212 -6.11 -21.63 3.18
C GLU D 212 -6.76 -22.54 4.21
N GLY D 213 -7.50 -21.94 5.16
CA GLY D 213 -8.10 -22.77 6.19
C GLY D 213 -7.12 -23.61 6.99
N GLU D 214 -5.93 -23.03 7.23
CA GLU D 214 -4.86 -23.60 8.05
C GLU D 214 -4.11 -24.75 7.36
N ARG D 215 -4.42 -24.98 6.09
CA ARG D 215 -3.70 -26.07 5.35
C ARG D 215 -2.95 -25.48 4.18
N ARG D 216 -1.83 -26.11 3.83
CA ARG D 216 -1.01 -25.66 2.67
C ARG D 216 -1.19 -26.62 1.52
N ARG D 217 -1.23 -26.07 0.32
CA ARG D 217 -1.25 -26.93 -0.87
C ARG D 217 -0.29 -26.33 -1.91
N ARG D 218 0.53 -27.21 -2.46
CA ARG D 218 1.55 -26.79 -3.41
C ARG D 218 0.98 -26.90 -4.83
N THR D 219 1.25 -25.89 -5.65
CA THR D 219 0.90 -25.98 -7.05
C THR D 219 2.00 -25.43 -7.93
N LEU D 220 1.96 -25.88 -9.19
CA LEU D 220 2.83 -25.39 -10.24
C LEU D 220 2.01 -24.88 -11.41
N GLU D 221 2.45 -23.76 -11.98
CA GLU D 221 1.83 -23.19 -13.17
C GLU D 221 2.87 -22.80 -14.19
N ILE D 222 2.64 -23.15 -15.46
CA ILE D 222 3.43 -22.57 -16.53
C ILE D 222 2.65 -21.36 -16.99
N LEU D 223 3.16 -20.18 -16.68
CA LEU D 223 2.45 -18.97 -17.07
C LEU D 223 2.67 -18.60 -18.54
N LYS D 224 3.91 -18.76 -19.02
CA LYS D 224 4.26 -18.39 -20.39
C LYS D 224 5.32 -19.37 -20.91
N LEU D 225 5.11 -19.89 -22.10
CA LEU D 225 6.07 -20.75 -22.78
C LEU D 225 6.09 -20.25 -24.21
N ARG D 226 7.12 -19.52 -24.60
CA ARG D 226 7.12 -18.93 -25.94
C ARG D 226 7.19 -19.98 -27.06
N GLY D 227 6.33 -19.87 -28.06
CA GLY D 227 6.45 -20.69 -29.25
C GLY D 227 5.66 -21.98 -29.21
N THR D 228 5.02 -22.33 -28.10
CA THR D 228 4.14 -23.52 -28.10
C THR D 228 2.99 -23.37 -27.13
N SER D 229 2.02 -24.24 -27.27
CA SER D 229 0.96 -24.37 -26.26
C SER D 229 1.52 -25.07 -25.02
N HIS D 230 0.71 -25.18 -23.98
CA HIS D 230 1.09 -25.83 -22.72
C HIS D 230 -0.18 -25.93 -21.91
N MET D 231 -0.21 -26.79 -20.90
CA MET D 231 -1.39 -26.80 -20.06
C MET D 231 -1.41 -25.52 -19.24
N LYS D 232 -2.61 -25.04 -18.92
CA LYS D 232 -2.75 -23.70 -18.34
C LYS D 232 -3.30 -23.78 -16.92
N GLY D 233 -2.99 -22.76 -16.13
CA GLY D 233 -3.44 -22.76 -14.75
C GLY D 233 -2.55 -23.53 -13.79
N GLU D 234 -3.06 -23.72 -12.58
CA GLU D 234 -2.28 -24.35 -11.53
C GLU D 234 -2.51 -25.85 -11.48
N TYR D 235 -1.45 -26.62 -11.20
CA TYR D 235 -1.55 -28.07 -11.05
C TYR D 235 -0.94 -28.46 -9.73
N PRO D 236 -1.63 -29.34 -8.98
CA PRO D 236 -1.09 -29.73 -7.66
C PRO D 236 0.20 -30.54 -7.75
N PHE D 237 1.08 -30.38 -6.76
CA PHE D 237 2.24 -31.28 -6.67
C PHE D 237 2.59 -31.55 -5.22
N THR D 238 3.37 -32.61 -5.00
CA THR D 238 3.89 -32.90 -3.69
C THR D 238 5.40 -32.94 -3.77
N ILE D 239 6.03 -32.75 -2.61
CA ILE D 239 7.45 -33.07 -2.44
C ILE D 239 7.54 -34.25 -1.47
N THR D 240 8.22 -35.31 -1.90
CA THR D 240 8.31 -36.53 -1.12
C THR D 240 9.73 -37.01 -1.13
N ASP D 241 9.96 -38.23 -0.66
CA ASP D 241 11.30 -38.82 -0.76
C ASP D 241 11.84 -39.02 -2.19
N HIS D 242 10.97 -38.86 -3.20
CA HIS D 242 11.37 -38.99 -4.61
C HIS D 242 11.46 -37.64 -5.31
N GLY D 243 11.39 -36.55 -4.54
CA GLY D 243 11.47 -35.23 -5.16
C GLY D 243 10.09 -34.69 -5.48
N ILE D 244 10.03 -33.86 -6.51
CA ILE D 244 8.76 -33.25 -6.92
C ILE D 244 7.94 -34.26 -7.69
N ASN D 245 6.66 -34.40 -7.32
CA ASN D 245 5.72 -35.13 -8.16
C ASN D 245 4.55 -34.25 -8.52
N ILE D 246 4.35 -33.99 -9.81
CA ILE D 246 3.24 -33.13 -10.24
C ILE D 246 2.12 -33.98 -10.82
N PHE D 247 0.86 -33.61 -10.53
CA PHE D 247 -0.30 -34.38 -11.00
C PHE D 247 -1.10 -33.56 -12.02
N PRO D 248 -0.86 -33.79 -13.32
CA PRO D 248 -1.59 -33.00 -14.31
C PRO D 248 -2.98 -33.59 -14.63
N LEU D 249 -4.02 -32.85 -14.31
CA LEU D 249 -5.38 -33.31 -14.59
C LEU D 249 -5.93 -32.65 -15.86
N GLY D 250 -6.40 -33.47 -16.79
CA GLY D 250 -6.93 -32.96 -18.05
C GLY D 250 -6.10 -33.41 -19.25
N GLN E 16 22.42 -40.38 4.31
CA GLN E 16 23.10 -39.42 5.16
C GLN E 16 22.33 -38.10 5.20
N ALA E 17 21.02 -38.17 4.99
CA ALA E 17 20.16 -36.98 5.06
C ALA E 17 20.27 -36.36 6.46
N ILE E 18 19.91 -35.08 6.61
CA ILE E 18 20.12 -34.40 7.88
C ILE E 18 19.37 -35.06 9.05
N ALA E 19 20.03 -35.13 10.20
CA ALA E 19 19.45 -35.68 11.41
C ALA E 19 18.81 -34.56 12.22
N LYS E 20 17.96 -34.95 13.16
CA LYS E 20 17.21 -33.96 13.96
C LYS E 20 17.46 -34.14 15.44
N MET E 21 17.34 -33.03 16.15
CA MET E 21 17.48 -33.00 17.62
C MET E 21 16.10 -32.79 18.27
N ARG E 22 15.70 -33.71 19.16
CA ARG E 22 14.40 -33.59 19.82
C ARG E 22 14.28 -32.32 20.67
N THR E 23 13.20 -31.56 20.50
CA THR E 23 12.99 -30.38 21.34
C THR E 23 12.30 -30.77 22.64
N MET E 24 11.54 -31.86 22.58
CA MET E 24 10.70 -32.33 23.68
C MET E 24 9.59 -31.35 24.02
N ILE E 25 9.34 -30.37 23.14
CA ILE E 25 8.21 -29.49 23.29
C ILE E 25 7.01 -30.25 22.79
N GLU E 26 6.02 -30.41 23.67
CA GLU E 26 4.87 -31.27 23.39
C GLU E 26 4.27 -31.00 22.01
N GLY E 27 4.29 -32.02 21.14
CA GLY E 27 3.70 -31.93 19.81
C GLY E 27 4.64 -31.41 18.74
N PHE E 28 5.70 -30.68 19.11
CA PHE E 28 6.57 -30.10 18.08
C PHE E 28 7.40 -31.17 17.39
N ASP E 29 7.86 -32.15 18.15
CA ASP E 29 8.70 -33.15 17.49
C ASP E 29 7.86 -33.99 16.50
N ASP E 30 6.55 -34.10 16.71
CA ASP E 30 5.70 -34.74 15.70
C ASP E 30 5.56 -33.89 14.42
N ILE E 31 5.22 -32.61 14.60
CA ILE E 31 5.09 -31.72 13.45
C ILE E 31 6.38 -31.64 12.63
N SER E 32 7.50 -31.64 13.31
CA SER E 32 8.78 -31.52 12.61
C SER E 32 9.36 -32.87 12.19
N HIS E 33 8.60 -33.94 12.42
CA HIS E 33 9.10 -35.30 12.12
C HIS E 33 10.46 -35.60 12.78
N GLY E 34 10.57 -35.30 14.06
CA GLY E 34 11.74 -35.69 14.84
C GLY E 34 12.51 -34.61 15.58
N GLY E 35 12.18 -33.35 15.33
CA GLY E 35 12.88 -32.26 15.99
C GLY E 35 13.49 -31.24 15.04
N LEU E 36 14.43 -30.44 15.56
CA LEU E 36 15.11 -29.45 14.72
C LEU E 36 16.34 -30.03 14.03
N PRO E 37 16.57 -29.64 12.75
CA PRO E 37 17.74 -30.15 12.03
C PRO E 37 19.03 -29.80 12.76
N ILE E 38 19.87 -30.81 13.00
CA ILE E 38 21.04 -30.60 13.83
C ILE E 38 22.10 -29.75 13.13
N GLY E 39 22.67 -28.81 13.88
CA GLY E 39 23.80 -28.02 13.40
C GLY E 39 23.39 -26.91 12.48
N ARG E 40 22.10 -26.60 12.44
CA ARG E 40 21.58 -25.49 11.66
C ARG E 40 20.75 -24.55 12.52
N SER E 41 20.46 -23.37 11.99
CA SER E 41 19.57 -22.41 12.67
C SER E 41 18.12 -22.54 12.18
N THR E 42 17.18 -22.37 13.10
CA THR E 42 15.79 -22.31 12.74
C THR E 42 15.25 -20.97 13.18
N LEU E 43 14.62 -20.27 12.25
CA LEU E 43 13.95 -19.01 12.53
C LEU E 43 12.55 -19.26 13.10
N VAL E 44 12.22 -18.63 14.24
CA VAL E 44 10.86 -18.68 14.78
C VAL E 44 10.34 -17.24 14.75
N SER E 45 9.39 -16.98 13.88
N SER E 45 9.46 -16.91 13.81
CA SER E 45 8.89 -15.61 13.66
CA SER E 45 8.94 -15.55 13.75
C SER E 45 7.41 -15.46 14.06
C SER E 45 7.54 -15.49 14.34
N GLY E 46 7.04 -14.30 14.59
CA GLY E 46 5.69 -14.17 15.13
C GLY E 46 5.44 -12.76 15.60
N THR E 47 4.17 -12.37 15.70
CA THR E 47 3.87 -11.03 16.20
C THR E 47 4.20 -10.99 17.70
N THR E 48 4.14 -9.79 18.27
CA THR E 48 4.40 -9.60 19.71
C THR E 48 3.45 -10.47 20.54
N GLY E 49 3.99 -11.20 21.51
CA GLY E 49 3.16 -12.00 22.40
C GLY E 49 2.73 -13.36 21.86
N THR E 50 3.39 -13.86 20.82
CA THR E 50 3.00 -15.15 20.24
C THR E 50 3.66 -16.36 20.93
N GLY E 51 4.69 -16.12 21.75
CA GLY E 51 5.34 -17.21 22.47
C GLY E 51 6.73 -17.54 21.91
N LYS E 52 7.33 -16.65 21.12
CA LYS E 52 8.64 -16.96 20.49
C LYS E 52 9.77 -17.16 21.52
N THR E 53 9.83 -16.25 22.47
CA THR E 53 10.84 -16.33 23.51
C THR E 53 10.61 -17.55 24.37
N LEU E 54 9.35 -17.78 24.74
CA LEU E 54 9.03 -18.99 25.48
C LEU E 54 9.50 -20.25 24.73
N PHE E 55 9.19 -20.32 23.42
CA PHE E 55 9.71 -21.45 22.61
C PHE E 55 11.24 -21.60 22.71
N SER E 56 11.98 -20.51 22.51
CA SER E 56 13.45 -20.55 22.52
C SER E 56 13.99 -20.96 23.91
N ILE E 57 13.30 -20.59 24.99
CA ILE E 57 13.71 -21.01 26.34
C ILE E 57 13.38 -22.48 26.57
N GLN E 58 12.18 -22.90 26.16
CA GLN E 58 11.78 -24.30 26.39
C GLN E 58 12.74 -25.23 25.66
N PHE E 59 13.18 -24.82 24.47
CA PHE E 59 14.19 -25.56 23.71
C PHE E 59 15.47 -25.83 24.50
N LEU E 60 16.01 -24.80 25.14
CA LEU E 60 17.23 -24.99 25.97
C LEU E 60 16.96 -25.71 27.27
N TYR E 61 15.84 -25.37 27.90
CA TYR E 61 15.48 -25.97 29.19
C TYR E 61 15.28 -27.48 29.05
N ASN E 62 14.54 -27.89 28.03
CA ASN E 62 14.36 -29.31 27.76
C ASN E 62 15.67 -30.01 27.40
N GLY E 63 16.53 -29.30 26.65
CA GLY E 63 17.85 -29.80 26.33
C GLY E 63 18.64 -30.17 27.59
N ILE E 64 18.55 -29.32 28.58
CA ILE E 64 19.28 -29.55 29.82
C ILE E 64 18.66 -30.67 30.67
N ILE E 65 17.38 -30.56 30.93
CA ILE E 65 16.67 -31.51 31.80
C ILE E 65 16.62 -32.91 31.18
N GLU E 66 16.24 -33.01 29.90
CA GLU E 66 16.08 -34.32 29.25
C GLU E 66 17.38 -34.94 28.78
N PHE E 67 18.35 -34.13 28.38
CA PHE E 67 19.50 -34.69 27.69
C PHE E 67 20.84 -34.30 28.26
N ASP E 68 20.82 -33.50 29.32
CA ASP E 68 22.03 -32.95 29.89
C ASP E 68 22.88 -32.23 28.83
N GLU E 69 22.19 -31.61 27.86
CA GLU E 69 22.84 -30.82 26.82
C GLU E 69 22.80 -29.34 27.21
N PRO E 70 23.98 -28.75 27.49
CA PRO E 70 24.07 -27.36 27.93
C PRO E 70 23.58 -26.39 26.88
N GLY E 71 23.06 -25.26 27.34
CA GLY E 71 22.54 -24.29 26.40
C GLY E 71 23.05 -22.89 26.64
N VAL E 72 23.12 -22.13 25.55
CA VAL E 72 23.48 -20.75 25.63
C VAL E 72 22.32 -19.91 25.07
N PHE E 73 21.87 -18.95 25.88
CA PHE E 73 20.72 -18.08 25.53
C PHE E 73 21.26 -16.68 25.37
N VAL E 74 21.20 -16.15 24.15
CA VAL E 74 21.70 -14.81 23.85
C VAL E 74 20.52 -13.87 23.82
N THR E 75 20.52 -12.85 24.67
CA THR E 75 19.32 -12.04 24.78
C THR E 75 19.58 -10.61 24.27
N PHE E 76 18.81 -10.19 23.26
CA PHE E 76 18.96 -8.87 22.66
C PHE E 76 17.90 -7.90 23.16
N GLU E 77 16.85 -8.42 23.79
CA GLU E 77 15.71 -7.58 24.21
C GLU E 77 15.61 -7.58 25.73
N GLU E 78 15.43 -8.76 26.32
CA GLU E 78 15.22 -8.83 27.77
C GLU E 78 16.52 -8.97 28.54
N THR E 79 16.53 -8.49 29.79
CA THR E 79 17.69 -8.75 30.64
C THR E 79 17.69 -10.17 31.16
N PRO E 80 18.88 -10.68 31.52
CA PRO E 80 18.89 -12.04 32.07
C PRO E 80 18.02 -12.18 33.31
N GLN E 81 18.04 -11.18 34.19
CA GLN E 81 17.25 -11.27 35.40
C GLN E 81 15.76 -11.41 35.06
N ASP E 82 15.31 -10.70 34.03
CA ASP E 82 13.88 -10.78 33.67
C ASP E 82 13.57 -12.12 32.97
N ILE E 83 14.51 -12.61 32.17
CA ILE E 83 14.34 -13.95 31.58
C ILE E 83 14.09 -15.02 32.64
N ILE E 84 14.89 -15.00 33.69
CA ILE E 84 14.76 -15.92 34.81
C ILE E 84 13.43 -15.75 35.55
N LYS E 85 13.11 -14.50 35.89
CA LYS E 85 11.89 -14.20 36.62
C LYS E 85 10.63 -14.60 35.85
N ASN E 86 10.62 -14.34 34.55
CA ASN E 86 9.46 -14.67 33.74
C ASN E 86 9.28 -16.17 33.51
N ALA E 87 10.31 -16.97 33.78
CA ALA E 87 10.15 -18.42 33.56
C ALA E 87 9.69 -19.12 34.84
N ARG E 88 9.71 -18.40 35.95
CA ARG E 88 9.31 -19.01 37.22
C ARG E 88 7.87 -19.49 37.20
N SER E 89 7.02 -18.87 36.39
CA SER E 89 5.61 -19.27 36.45
C SER E 89 5.42 -20.69 35.87
N PHE E 90 6.41 -21.19 35.14
CA PHE E 90 6.31 -22.53 34.54
C PHE E 90 6.91 -23.59 35.45
N GLY E 91 7.46 -23.13 36.57
CA GLY E 91 8.21 -24.00 37.45
C GLY E 91 9.54 -24.37 36.87
N TRP E 92 10.02 -23.59 35.92
CA TRP E 92 11.36 -23.83 35.38
C TRP E 92 12.35 -23.04 36.19
N ASP E 93 13.23 -23.75 36.87
CA ASP E 93 14.13 -23.09 37.80
C ASP E 93 15.40 -22.68 37.03
N LEU E 94 15.32 -21.62 36.25
CA LEU E 94 16.47 -21.23 35.42
C LEU E 94 17.65 -20.77 36.27
N ALA E 95 17.36 -20.16 37.42
CA ALA E 95 18.43 -19.71 38.31
C ALA E 95 19.30 -20.88 38.69
N LYS E 96 18.64 -21.97 39.04
CA LYS E 96 19.41 -23.17 39.39
C LYS E 96 20.29 -23.65 38.22
N LEU E 97 19.74 -23.70 37.00
CA LEU E 97 20.55 -24.15 35.84
C LEU E 97 21.70 -23.22 35.57
N VAL E 98 21.50 -21.92 35.79
CA VAL E 98 22.63 -21.00 35.68
C VAL E 98 23.67 -21.24 36.78
N ASP E 99 23.23 -21.40 38.03
CA ASP E 99 24.18 -21.69 39.12
C ASP E 99 24.95 -22.99 38.86
N GLU E 100 24.31 -23.94 38.18
CA GLU E 100 24.93 -25.26 37.93
C GLU E 100 25.86 -25.25 36.75
N GLY E 101 25.89 -24.13 36.03
CA GLY E 101 26.69 -24.04 34.81
C GLY E 101 26.15 -24.81 33.60
N LYS E 102 24.86 -25.13 33.61
CA LYS E 102 24.23 -25.88 32.51
C LYS E 102 23.59 -24.93 31.49
N LEU E 103 23.28 -23.71 31.95
CA LEU E 103 22.66 -22.67 31.11
C LEU E 103 23.50 -21.41 31.28
N PHE E 104 23.89 -20.82 30.16
CA PHE E 104 24.51 -19.51 30.19
C PHE E 104 23.65 -18.48 29.46
N ILE E 105 23.24 -17.42 30.15
CA ILE E 105 22.49 -16.34 29.53
C ILE E 105 23.47 -15.21 29.25
N LEU E 106 23.67 -14.94 27.96
CA LEU E 106 24.64 -13.97 27.51
C LEU E 106 23.89 -12.68 27.30
N ASP E 107 24.21 -11.66 28.08
CA ASP E 107 23.47 -10.42 28.02
C ASP E 107 23.95 -9.53 26.87
N ALA E 108 23.10 -9.35 25.87
CA ALA E 108 23.40 -8.48 24.74
C ALA E 108 22.29 -7.43 24.63
N SER E 109 21.64 -7.13 25.74
CA SER E 109 20.41 -6.33 25.70
C SER E 109 20.80 -4.85 25.77
N PRO E 110 19.88 -3.94 25.44
CA PRO E 110 20.33 -2.54 25.26
C PRO E 110 20.85 -1.89 26.53
N ASP E 111 21.86 -1.02 26.39
CA ASP E 111 22.39 -0.21 27.49
C ASP E 111 21.33 0.79 27.94
N PRO E 112 20.98 0.78 29.23
CA PRO E 112 20.05 1.80 29.77
C PRO E 112 20.52 3.23 29.48
N GLU E 113 21.83 3.43 29.38
CA GLU E 113 22.43 4.70 28.99
C GLU E 113 22.92 4.64 27.53
N GLY E 114 22.15 3.97 26.68
CA GLY E 114 22.58 3.72 25.31
C GLY E 114 22.71 4.95 24.43
N GLN E 115 23.78 4.98 23.64
CA GLN E 115 24.03 6.08 22.71
C GLN E 115 24.33 5.51 21.33
N GLU E 116 24.33 6.36 20.31
CA GLU E 116 24.71 5.91 18.97
C GLU E 116 26.21 5.63 18.92
N VAL E 117 26.56 4.42 18.48
CA VAL E 117 27.96 4.06 18.28
C VAL E 117 28.15 3.59 16.83
N VAL E 118 29.37 3.72 16.34
CA VAL E 118 29.74 3.41 14.97
C VAL E 118 30.49 2.07 14.84
N GLY E 119 30.28 1.39 13.71
CA GLY E 119 31.04 0.19 13.38
C GLY E 119 30.31 -1.12 13.62
N GLY E 120 31.03 -2.22 13.40
CA GLY E 120 30.52 -3.55 13.65
C GLY E 120 31.44 -4.28 14.61
N PHE E 121 32.30 -3.53 15.28
CA PHE E 121 33.23 -4.09 16.28
C PHE E 121 32.46 -4.70 17.45
N ASP E 122 31.32 -4.10 17.80
CA ASP E 122 30.50 -4.59 18.89
C ASP E 122 29.88 -5.95 18.57
N LEU E 123 29.52 -6.16 17.30
CA LEU E 123 28.96 -7.45 16.89
C LEU E 123 30.05 -8.44 16.48
N SER E 124 31.23 -7.93 16.14
CA SER E 124 32.40 -8.79 16.00
C SER E 124 32.70 -9.40 17.37
N ALA E 125 32.70 -8.55 18.40
CA ALA E 125 33.00 -9.01 19.75
C ALA E 125 31.88 -9.91 20.29
N LEU E 126 30.66 -9.65 19.84
CA LEU E 126 29.53 -10.50 20.22
C LEU E 126 29.71 -11.92 19.74
N ILE E 127 29.94 -12.09 18.44
CA ILE E 127 30.15 -13.42 17.87
C ILE E 127 31.26 -14.19 18.60
N GLU E 128 32.35 -13.50 18.95
CA GLU E 128 33.44 -14.14 19.69
C GLU E 128 33.01 -14.50 21.12
N ARG E 129 32.28 -13.58 21.76
CA ARG E 129 31.72 -13.84 23.08
C ARG E 129 30.79 -15.06 23.04
N ILE E 130 29.97 -15.12 21.99
CA ILE E 130 29.05 -16.25 21.82
C ILE E 130 29.86 -17.54 21.61
N ASN E 131 30.86 -17.49 20.73
CA ASN E 131 31.71 -18.65 20.52
C ASN E 131 32.39 -19.14 21.82
N TYR E 132 32.93 -18.25 22.64
CA TYR E 132 33.60 -18.79 23.83
C TYR E 132 32.61 -19.32 24.83
N ALA E 133 31.46 -18.66 24.96
CA ALA E 133 30.39 -19.18 25.82
C ALA E 133 30.08 -20.61 25.42
N ILE E 134 29.92 -20.85 24.11
CA ILE E 134 29.57 -22.19 23.64
C ILE E 134 30.68 -23.19 23.97
N GLN E 135 31.91 -22.77 23.74
CA GLN E 135 33.09 -23.57 24.08
C GLN E 135 33.14 -23.81 25.58
N LYS E 136 33.04 -22.74 26.35
CA LYS E 136 33.19 -22.80 27.81
C LYS E 136 32.13 -23.67 28.48
N TYR E 137 30.88 -23.51 28.06
CA TYR E 137 29.82 -24.28 28.70
C TYR E 137 29.54 -25.59 27.98
N ARG E 138 30.35 -25.92 26.97
CA ARG E 138 30.16 -27.17 26.20
C ARG E 138 28.72 -27.25 25.64
N ALA E 139 28.24 -26.15 25.11
CA ALA E 139 26.82 -26.09 24.75
C ALA E 139 26.56 -26.75 23.38
N ARG E 140 25.45 -27.47 23.25
CA ARG E 140 25.05 -27.99 21.95
C ARG E 140 23.84 -27.23 21.35
N ARG E 141 23.12 -26.51 22.21
CA ARG E 141 21.89 -25.78 21.85
C ARG E 141 22.10 -24.31 22.13
N VAL E 142 21.60 -23.47 21.22
CA VAL E 142 21.75 -22.01 21.31
C VAL E 142 20.42 -21.37 20.98
N SER E 143 20.02 -20.37 21.76
CA SER E 143 18.88 -19.58 21.34
C SER E 143 19.32 -18.15 21.19
N ILE E 144 18.87 -17.49 20.12
CA ILE E 144 19.18 -16.08 19.90
C ILE E 144 17.88 -15.36 19.90
N ASP E 145 17.66 -14.56 20.94
CA ASP E 145 16.35 -13.98 21.11
C ASP E 145 16.24 -12.53 20.68
N SER E 146 15.34 -12.32 19.73
CA SER E 146 14.96 -11.03 19.18
C SER E 146 16.01 -10.46 18.22
N VAL E 147 16.19 -11.15 17.11
CA VAL E 147 17.00 -10.58 16.03
C VAL E 147 16.48 -9.19 15.63
N THR E 148 15.16 -9.01 15.62
CA THR E 148 14.60 -7.69 15.34
C THR E 148 15.27 -6.58 16.16
N SER E 149 15.52 -6.84 17.44
CA SER E 149 16.07 -5.80 18.32
C SER E 149 17.47 -5.36 17.87
N VAL E 150 18.35 -6.28 17.52
CA VAL E 150 19.70 -5.84 17.15
C VAL E 150 19.62 -5.15 15.80
N PHE E 151 18.69 -5.58 14.94
CA PHE E 151 18.43 -4.83 13.71
C PHE E 151 17.99 -3.40 13.99
N GLN E 152 17.18 -3.21 15.04
CA GLN E 152 16.72 -1.86 15.34
C GLN E 152 17.84 -1.03 15.95
N GLN E 153 18.84 -1.68 16.55
CA GLN E 153 19.98 -0.95 17.10
C GLN E 153 20.86 -0.35 16.00
N TYR E 154 20.82 -0.98 14.83
CA TYR E 154 21.63 -0.48 13.71
C TYR E 154 20.77 -0.11 12.50
N ASP E 155 19.49 0.18 12.75
CA ASP E 155 18.58 0.63 11.69
C ASP E 155 18.58 -0.31 10.47
N ALA E 156 18.71 -1.61 10.75
CA ALA E 156 18.72 -2.66 9.73
C ALA E 156 19.72 -2.34 8.60
N SER E 157 20.87 -1.78 9.01
CA SER E 157 21.94 -1.45 8.08
C SER E 157 22.58 -2.71 7.52
N SER E 158 23.30 -2.58 6.40
CA SER E 158 23.89 -3.77 5.83
C SER E 158 25.00 -4.28 6.75
N VAL E 159 25.39 -3.45 7.71
CA VAL E 159 26.33 -3.85 8.74
C VAL E 159 25.82 -5.03 9.60
N VAL E 160 24.61 -4.92 10.16
CA VAL E 160 24.04 -6.02 10.93
C VAL E 160 23.63 -7.22 10.10
N ARG E 161 23.11 -6.97 8.91
CA ARG E 161 22.79 -8.04 7.96
C ARG E 161 24.02 -8.93 7.71
N ARG E 162 25.17 -8.30 7.45
CA ARG E 162 26.42 -9.01 7.23
C ARG E 162 26.82 -9.79 8.47
N GLU E 163 26.75 -9.12 9.62
CA GLU E 163 27.12 -9.73 10.89
C GLU E 163 26.18 -10.89 11.23
N LEU E 164 24.88 -10.72 10.95
CA LEU E 164 23.92 -11.78 11.20
C LEU E 164 24.30 -12.99 10.38
N PHE E 165 24.60 -12.77 9.11
CA PHE E 165 25.07 -13.86 8.25
C PHE E 165 26.35 -14.51 8.80
N ARG E 166 27.30 -13.69 9.22
CA ARG E 166 28.51 -14.21 9.87
C ARG E 166 28.17 -15.06 11.11
N LEU E 167 27.20 -14.59 11.90
CA LEU E 167 26.80 -15.33 13.10
C LEU E 167 26.23 -16.70 12.74
N VAL E 168 25.30 -16.70 11.79
CA VAL E 168 24.68 -17.93 11.34
C VAL E 168 25.72 -18.93 10.81
N ALA E 169 26.66 -18.46 10.00
CA ALA E 169 27.70 -19.36 9.45
C ALA E 169 28.60 -19.91 10.53
N ARG E 170 28.92 -19.08 11.52
CA ARG E 170 29.81 -19.49 12.59
C ARG E 170 29.18 -20.59 13.41
N LEU E 171 27.90 -20.42 13.67
CA LEU E 171 27.15 -21.39 14.43
C LEU E 171 27.10 -22.73 13.71
N LYS E 172 26.88 -22.67 12.41
N LYS E 172 26.90 -22.70 12.39
CA LYS E 172 26.91 -23.86 11.55
CA LYS E 172 26.91 -23.94 11.62
C LYS E 172 28.31 -24.47 11.64
C LYS E 172 28.34 -24.51 11.62
N GLN E 173 29.33 -23.62 11.53
CA GLN E 173 30.75 -24.07 11.61
C GLN E 173 31.06 -24.76 12.96
N ILE E 174 30.60 -24.15 14.06
CA ILE E 174 30.68 -24.74 15.41
C ILE E 174 29.89 -26.06 15.54
N GLY E 175 28.82 -26.21 14.77
CA GLY E 175 27.95 -27.37 14.89
C GLY E 175 26.83 -27.20 15.90
N ALA E 176 26.54 -25.95 16.25
CA ALA E 176 25.48 -25.60 17.20
C ALA E 176 24.13 -25.74 16.55
N THR E 177 23.13 -26.20 17.32
CA THR E 177 21.77 -26.25 16.82
C THR E 177 21.04 -25.08 17.44
N THR E 178 20.56 -24.15 16.60
CA THR E 178 20.12 -22.83 17.08
C THR E 178 18.67 -22.45 16.76
N VAL E 179 17.98 -21.87 17.75
CA VAL E 179 16.73 -21.18 17.48
C VAL E 179 16.99 -19.68 17.52
N MET E 180 16.55 -18.95 16.49
CA MET E 180 16.57 -17.49 16.55
C MET E 180 15.17 -16.98 16.43
N THR E 181 14.82 -16.02 17.28
CA THR E 181 13.47 -15.52 17.23
C THR E 181 13.41 -14.15 16.60
N THR E 182 12.29 -13.85 15.93
CA THR E 182 12.22 -12.54 15.33
C THR E 182 10.80 -12.09 15.10
N GLU E 183 10.61 -10.78 14.99
CA GLU E 183 9.25 -10.21 14.97
C GLU E 183 8.68 -10.19 13.55
N ARG E 184 7.36 -10.26 13.48
CA ARG E 184 6.67 -9.91 12.22
C ARG E 184 5.50 -9.01 12.61
N ILE E 185 4.94 -8.27 11.67
CA ILE E 185 3.93 -7.27 12.05
C ILE E 185 2.48 -7.73 11.85
N GLU E 186 2.24 -8.66 10.93
CA GLU E 186 0.88 -9.14 10.66
C GLU E 186 0.77 -10.65 10.81
N GLU E 187 -0.43 -11.17 11.14
CA GLU E 187 -0.58 -12.64 11.29
C GLU E 187 -0.44 -13.34 9.93
N TYR E 188 -0.98 -12.72 8.90
CA TYR E 188 -0.85 -13.24 7.52
C TYR E 188 -0.23 -12.15 6.67
N GLY E 189 1.04 -12.33 6.34
CA GLY E 189 1.80 -11.31 5.65
C GLY E 189 3.19 -11.83 5.60
N PRO E 190 4.18 -10.94 5.46
CA PRO E 190 5.59 -11.37 5.41
C PRO E 190 6.02 -12.30 6.56
N ILE E 191 6.97 -13.18 6.26
CA ILE E 191 7.54 -14.09 7.24
C ILE E 191 8.17 -13.35 8.42
N ALA E 192 8.89 -12.26 8.14
CA ALA E 192 9.70 -11.59 9.17
C ALA E 192 9.95 -10.12 8.85
N ARG E 193 9.81 -9.27 9.84
CA ARG E 193 10.18 -7.87 9.69
C ARG E 193 11.66 -7.76 9.29
N TYR E 194 12.00 -6.77 8.47
CA TYR E 194 13.38 -6.61 7.96
C TYR E 194 13.90 -7.84 7.15
N GLY E 195 13.03 -8.76 6.76
CA GLY E 195 13.46 -9.88 5.90
C GLY E 195 14.56 -10.76 6.48
N VAL E 196 14.49 -10.96 7.80
CA VAL E 196 15.42 -11.77 8.55
C VAL E 196 15.57 -13.18 7.96
N GLU E 197 14.53 -13.68 7.30
CA GLU E 197 14.59 -15.06 6.81
C GLU E 197 15.58 -15.21 5.66
N GLU E 198 16.04 -14.08 5.12
CA GLU E 198 17.11 -14.12 4.11
C GLU E 198 18.44 -14.63 4.67
N PHE E 199 18.70 -14.35 5.96
CA PHE E 199 20.00 -14.73 6.56
C PHE E 199 19.81 -15.97 7.43
N VAL E 200 18.65 -16.10 8.04
CA VAL E 200 18.30 -17.30 8.77
C VAL E 200 17.36 -18.10 7.94
N SER E 201 17.94 -18.79 6.95
CA SER E 201 17.12 -19.21 5.85
C SER E 201 16.88 -20.72 5.76
N ASP E 202 17.56 -21.53 6.59
CA ASP E 202 17.47 -22.99 6.41
C ASP E 202 16.10 -23.54 6.83
N ASN E 203 15.61 -23.05 7.96
CA ASN E 203 14.36 -23.55 8.54
C ASN E 203 13.53 -22.38 9.05
N VAL E 204 12.23 -22.44 8.80
CA VAL E 204 11.33 -21.38 9.25
C VAL E 204 10.08 -21.90 9.93
N VAL E 205 9.82 -21.42 11.14
CA VAL E 205 8.62 -21.68 11.93
C VAL E 205 7.90 -20.36 12.16
N ILE E 206 6.58 -20.35 11.97
CA ILE E 206 5.80 -19.15 12.15
C ILE E 206 4.76 -19.40 13.27
N LEU E 207 4.81 -18.55 14.29
CA LEU E 207 3.80 -18.55 15.34
C LEU E 207 2.77 -17.48 15.03
N ARG E 208 1.49 -17.80 15.23
CA ARG E 208 0.41 -16.82 15.00
C ARG E 208 -0.50 -16.76 16.23
N ASN E 209 -1.19 -15.64 16.32
CA ASN E 209 -2.12 -15.37 17.43
C ASN E 209 -3.28 -14.69 16.75
N VAL E 210 -4.19 -15.43 16.18
N VAL E 210 -4.24 -15.50 16.32
CA VAL E 210 -5.18 -14.77 15.34
CA VAL E 210 -5.27 -15.04 15.37
C VAL E 210 -6.47 -14.59 16.12
C VAL E 210 -6.62 -14.78 16.00
N LEU E 211 -7.27 -13.63 15.70
CA LEU E 211 -8.59 -13.38 16.30
C LEU E 211 -9.67 -14.30 15.70
N GLU E 212 -10.44 -14.91 16.58
CA GLU E 212 -11.57 -15.78 16.29
C GLU E 212 -12.75 -15.16 17.08
N GLY E 213 -13.55 -14.34 16.40
CA GLY E 213 -14.55 -13.52 17.12
C GLY E 213 -13.75 -12.48 17.92
N GLU E 214 -13.97 -12.45 19.22
CA GLU E 214 -13.19 -11.62 20.14
C GLU E 214 -12.10 -12.41 20.83
N ARG E 215 -12.00 -13.71 20.52
CA ARG E 215 -11.05 -14.56 21.22
C ARG E 215 -9.77 -14.65 20.37
N ARG E 216 -8.70 -15.17 20.95
CA ARG E 216 -7.43 -15.39 20.20
C ARG E 216 -7.18 -16.88 20.12
N ARG E 217 -6.63 -17.34 19.00
CA ARG E 217 -6.26 -18.75 18.84
C ARG E 217 -4.79 -18.78 18.40
N ARG E 218 -3.96 -19.43 19.20
CA ARG E 218 -2.54 -19.54 18.86
C ARG E 218 -2.30 -20.70 17.91
N THR E 219 -1.45 -20.50 16.89
CA THR E 219 -1.06 -21.64 16.04
C THR E 219 0.41 -21.61 15.71
N LEU E 220 0.93 -22.79 15.37
CA LEU E 220 2.32 -22.92 14.97
C LEU E 220 2.38 -23.59 13.61
N GLU E 221 3.28 -23.10 12.78
CA GLU E 221 3.41 -23.65 11.41
C GLU E 221 4.89 -23.89 11.12
N ILE E 222 5.28 -25.09 10.65
CA ILE E 222 6.61 -25.23 10.07
C ILE E 222 6.49 -24.98 8.58
N LEU E 223 6.97 -23.80 8.13
CA LEU E 223 6.87 -23.42 6.71
C LEU E 223 7.84 -24.21 5.87
N LYS E 224 9.08 -24.36 6.36
CA LYS E 224 10.09 -25.09 5.57
C LYS E 224 11.21 -25.60 6.44
N LEU E 225 11.75 -26.77 6.10
CA LEU E 225 12.99 -27.28 6.69
C LEU E 225 13.80 -27.82 5.52
N ARG E 226 14.92 -27.19 5.20
CA ARG E 226 15.68 -27.62 4.03
C ARG E 226 16.20 -29.02 4.24
N GLY E 227 16.10 -29.86 3.21
CA GLY E 227 16.72 -31.17 3.26
C GLY E 227 15.95 -32.20 4.07
N THR E 228 14.75 -31.87 4.54
CA THR E 228 14.02 -32.86 5.30
C THR E 228 12.51 -32.68 5.27
N SER E 229 11.77 -33.64 5.80
CA SER E 229 10.30 -33.53 5.77
C SER E 229 9.68 -32.91 7.06
N HIS E 230 8.43 -32.49 6.95
CA HIS E 230 7.68 -31.95 8.10
C HIS E 230 6.20 -31.83 7.78
N MET E 231 5.37 -31.76 8.82
CA MET E 231 3.94 -31.55 8.64
C MET E 231 3.70 -30.12 8.16
N LYS E 232 2.60 -29.93 7.43
CA LYS E 232 2.35 -28.64 6.80
C LYS E 232 1.14 -27.92 7.38
N GLY E 233 1.14 -26.60 7.23
CA GLY E 233 0.00 -25.81 7.68
C GLY E 233 0.07 -25.46 9.16
N GLU E 234 -1.06 -24.97 9.70
CA GLU E 234 -1.10 -24.42 11.07
C GLU E 234 -1.64 -25.48 12.05
N TYR E 235 -1.06 -25.54 13.24
CA TYR E 235 -1.53 -26.46 14.29
C TYR E 235 -1.75 -25.61 15.54
N PRO E 236 -2.89 -25.82 16.20
CA PRO E 236 -3.21 -24.99 17.39
C PRO E 236 -2.33 -25.35 18.57
N PHE E 237 -2.04 -24.37 19.41
CA PHE E 237 -1.32 -24.63 20.65
C PHE E 237 -1.80 -23.72 21.77
N THR E 238 -1.47 -24.09 23.00
CA THR E 238 -1.77 -23.19 24.12
C THR E 238 -0.48 -22.99 24.91
N ILE E 239 -0.43 -21.92 25.71
CA ILE E 239 0.65 -21.73 26.65
C ILE E 239 0.02 -21.93 28.03
N THR E 240 0.53 -22.89 28.78
CA THR E 240 -0.04 -23.19 30.09
C THR E 240 1.05 -23.19 31.13
N ASP E 241 0.72 -23.67 32.34
CA ASP E 241 1.71 -23.77 33.40
C ASP E 241 2.90 -24.64 33.09
N HIS E 242 2.82 -25.43 32.03
CA HIS E 242 3.95 -26.24 31.62
C HIS E 242 4.59 -25.75 30.31
N GLY E 243 4.23 -24.55 29.90
CA GLY E 243 4.86 -24.00 28.70
C GLY E 243 4.00 -24.30 27.47
N ILE E 244 4.65 -24.38 26.31
CA ILE E 244 3.92 -24.60 25.05
C ILE E 244 3.41 -26.02 24.94
N ASN E 245 2.15 -26.16 24.56
CA ASN E 245 1.59 -27.47 24.23
C ASN E 245 0.93 -27.38 22.89
N ILE E 246 1.48 -28.08 21.90
CA ILE E 246 0.96 -28.09 20.53
C ILE E 246 0.17 -29.33 20.25
N PHE E 247 -0.94 -29.18 19.52
CA PHE E 247 -1.80 -30.34 19.21
C PHE E 247 -1.84 -30.62 17.71
N PRO E 248 -1.04 -31.59 17.23
CA PRO E 248 -0.95 -31.99 15.81
C PRO E 248 -2.27 -32.55 15.28
N LEU E 249 -3.06 -33.13 16.18
CA LEU E 249 -4.37 -33.66 15.80
C LEU E 249 -5.51 -32.75 16.24
N GLY E 250 -5.18 -31.55 16.70
CA GLY E 250 -6.17 -30.62 17.24
C GLY E 250 -7.18 -30.11 16.23
N ALA E 251 -8.40 -29.83 16.68
CA ALA E 251 -9.50 -29.44 15.79
C ALA E 251 -9.17 -28.21 14.92
N ALA F 17 4.42 -16.92 41.75
CA ALA F 17 3.89 -15.92 40.84
C ALA F 17 4.53 -14.56 41.13
N ILE F 18 4.55 -13.67 40.13
CA ILE F 18 5.15 -12.36 40.31
C ILE F 18 4.12 -11.40 40.96
N ALA F 19 4.60 -10.52 41.82
CA ALA F 19 3.73 -9.61 42.56
C ALA F 19 3.09 -8.56 41.62
N LYS F 20 1.78 -8.34 41.80
CA LYS F 20 1.03 -7.39 40.96
C LYS F 20 0.41 -6.32 41.81
N MET F 21 0.24 -5.15 41.19
CA MET F 21 -0.41 -4.04 41.84
C MET F 21 -1.82 -3.90 41.28
N ARG F 22 -2.82 -3.75 42.16
CA ARG F 22 -4.20 -3.63 41.65
C ARG F 22 -4.44 -2.27 41.01
N THR F 23 -4.97 -2.26 39.79
CA THR F 23 -5.37 -0.97 39.18
C THR F 23 -6.70 -0.47 39.76
N MET F 24 -7.52 -1.42 40.23
CA MET F 24 -8.90 -1.17 40.68
C MET F 24 -9.77 -0.54 39.62
N ILE F 25 -9.34 -0.62 38.37
CA ILE F 25 -10.17 -0.27 37.21
C ILE F 25 -11.10 -1.46 37.03
N GLU F 26 -12.40 -1.25 37.19
CA GLU F 26 -13.32 -2.38 37.20
C GLU F 26 -13.09 -3.35 36.01
N GLY F 27 -12.92 -4.62 36.34
CA GLY F 27 -12.69 -5.66 35.36
C GLY F 27 -11.23 -5.89 35.00
N PHE F 28 -10.39 -4.86 35.12
CA PHE F 28 -9.03 -5.01 34.59
C PHE F 28 -8.19 -6.00 35.42
N ASP F 29 -8.36 -5.95 36.74
CA ASP F 29 -7.51 -6.84 37.53
C ASP F 29 -7.93 -8.29 37.32
N ASP F 30 -9.20 -8.57 37.00
CA ASP F 30 -9.54 -9.96 36.61
C ASP F 30 -8.91 -10.37 35.27
N ILE F 31 -8.89 -9.47 34.30
CA ILE F 31 -8.34 -9.81 32.97
C ILE F 31 -6.82 -10.02 33.07
N SER F 32 -6.17 -9.21 33.92
CA SER F 32 -4.71 -9.36 34.14
C SER F 32 -4.32 -10.35 35.21
N HIS F 33 -5.30 -11.11 35.74
CA HIS F 33 -5.04 -12.10 36.80
C HIS F 33 -4.34 -11.48 38.01
N GLY F 34 -4.79 -10.29 38.40
CA GLY F 34 -4.41 -9.73 39.69
C GLY F 34 -3.89 -8.31 39.62
N GLY F 35 -3.74 -7.77 38.40
CA GLY F 35 -3.28 -6.38 38.29
C GLY F 35 -1.98 -6.27 37.47
N LEU F 36 -1.29 -5.13 37.56
CA LEU F 36 -0.05 -4.93 36.76
C LEU F 36 1.19 -5.36 37.54
N PRO F 37 2.07 -6.22 36.95
CA PRO F 37 3.29 -6.65 37.65
C PRO F 37 4.07 -5.46 38.15
N ILE F 38 4.44 -5.51 39.43
CA ILE F 38 5.05 -4.39 40.09
C ILE F 38 6.43 -4.14 39.51
N GLY F 39 6.77 -2.88 39.29
CA GLY F 39 8.15 -2.56 38.91
C GLY F 39 8.36 -2.62 37.41
N ARG F 40 7.29 -2.81 36.65
CA ARG F 40 7.41 -2.95 35.20
C ARG F 40 6.54 -1.93 34.45
N SER F 41 6.80 -1.76 33.15
CA SER F 41 6.01 -0.81 32.34
C SER F 41 5.02 -1.52 31.45
N THR F 42 3.89 -0.85 31.23
CA THR F 42 2.85 -1.37 30.39
C THR F 42 2.49 -0.32 29.34
N LEU F 43 2.58 -0.69 28.07
CA LEU F 43 2.07 0.16 26.99
C LEU F 43 0.53 0.11 26.94
N VAL F 44 -0.12 1.26 26.82
CA VAL F 44 -1.58 1.26 26.54
C VAL F 44 -1.73 2.03 25.23
N SER F 45 -2.04 1.30 24.16
CA SER F 45 -2.03 1.89 22.82
C SER F 45 -3.43 1.91 22.25
N GLY F 46 -3.75 2.97 21.50
CA GLY F 46 -5.09 3.06 20.93
C GLY F 46 -5.23 4.24 19.98
N THR F 47 -6.26 4.19 19.14
CA THR F 47 -6.58 5.30 18.26
C THR F 47 -7.08 6.47 19.12
N THR F 48 -7.37 7.61 18.53
CA THR F 48 -7.71 8.75 19.37
C THR F 48 -9.07 8.57 20.06
N GLY F 49 -9.16 9.04 21.30
CA GLY F 49 -10.40 8.97 22.06
C GLY F 49 -10.80 7.55 22.47
N THR F 50 -9.81 6.65 22.61
CA THR F 50 -10.08 5.29 23.07
C THR F 50 -10.09 5.15 24.59
N GLY F 51 -9.67 6.20 25.33
CA GLY F 51 -9.64 6.12 26.79
C GLY F 51 -8.24 5.88 27.37
N LYS F 52 -7.20 6.15 26.59
CA LYS F 52 -5.83 5.97 27.10
C LYS F 52 -5.48 6.89 28.26
N THR F 53 -5.69 8.18 28.08
CA THR F 53 -5.42 9.12 29.16
C THR F 53 -6.26 8.75 30.40
N LEU F 54 -7.53 8.45 30.17
CA LEU F 54 -8.40 8.07 31.30
C LEU F 54 -7.86 6.84 32.03
N PHE F 55 -7.43 5.82 31.30
CA PHE F 55 -6.88 4.62 31.95
C PHE F 55 -5.68 5.05 32.81
N SER F 56 -4.81 5.88 32.25
N SER F 56 -4.81 5.89 32.26
CA SER F 56 -3.58 6.24 32.98
CA SER F 56 -3.60 6.31 32.98
C SER F 56 -3.86 7.14 34.18
C SER F 56 -3.91 7.09 34.23
N ILE F 57 -4.94 7.92 34.14
CA ILE F 57 -5.30 8.76 35.29
C ILE F 57 -5.94 7.89 36.36
N GLN F 58 -6.84 7.01 35.91
CA GLN F 58 -7.57 6.15 36.85
C GLN F 58 -6.57 5.26 37.63
N PHE F 59 -5.54 4.75 36.95
CA PHE F 59 -4.48 3.97 37.57
C PHE F 59 -3.85 4.73 38.76
N LEU F 60 -3.55 6.02 38.56
CA LEU F 60 -2.95 6.81 39.63
C LEU F 60 -3.95 7.12 40.74
N TYR F 61 -5.14 7.54 40.32
CA TYR F 61 -6.19 8.03 41.22
C TYR F 61 -6.54 6.92 42.23
N ASN F 62 -6.76 5.73 41.69
CA ASN F 62 -7.11 4.58 42.53
C ASN F 62 -5.97 4.23 43.47
N GLY F 63 -4.73 4.34 42.99
CA GLY F 63 -3.60 4.03 43.86
C GLY F 63 -3.54 4.93 45.08
N ILE F 64 -3.79 6.21 44.85
CA ILE F 64 -3.81 7.19 45.92
C ILE F 64 -5.02 6.97 46.85
N ILE F 65 -6.22 6.89 46.29
CA ILE F 65 -7.46 6.88 47.09
C ILE F 65 -7.60 5.55 47.87
N GLU F 66 -7.34 4.42 47.23
CA GLU F 66 -7.56 3.15 47.90
C GLU F 66 -6.33 2.62 48.62
N PHE F 67 -5.13 2.95 48.16
CA PHE F 67 -3.95 2.32 48.77
C PHE F 67 -2.93 3.32 49.32
N ASP F 68 -3.24 4.60 49.24
CA ASP F 68 -2.28 5.63 49.63
C ASP F 68 -0.91 5.45 48.93
N GLU F 69 -0.94 5.10 47.66
CA GLU F 69 0.29 5.00 46.87
C GLU F 69 0.39 6.25 46.03
N PRO F 70 1.38 7.12 46.31
CA PRO F 70 1.41 8.36 45.54
C PRO F 70 1.76 8.11 44.08
N GLY F 71 1.42 9.08 43.23
CA GLY F 71 1.49 8.94 41.78
C GLY F 71 2.11 10.17 41.13
N VAL F 72 2.83 9.94 40.04
CA VAL F 72 3.35 11.02 39.19
C VAL F 72 2.78 10.86 37.77
N PHE F 73 2.21 11.94 37.24
CA PHE F 73 1.66 11.95 35.90
C PHE F 73 2.51 12.85 35.03
N VAL F 74 3.13 12.30 33.98
CA VAL F 74 3.95 13.13 33.08
C VAL F 74 3.19 13.40 31.81
N THR F 75 2.95 14.67 31.51
CA THR F 75 2.13 14.97 30.35
C THR F 75 2.93 15.70 29.27
N PHE F 76 2.91 15.19 28.05
CA PHE F 76 3.71 15.72 26.97
C PHE F 76 2.95 16.60 25.98
N GLU F 77 1.62 16.51 25.97
CA GLU F 77 0.86 17.44 25.12
C GLU F 77 -0.24 18.19 25.85
N GLU F 78 -1.16 17.48 26.52
CA GLU F 78 -2.15 18.17 27.36
C GLU F 78 -1.52 18.92 28.52
N THR F 79 -2.06 20.09 28.83
CA THR F 79 -1.55 20.84 29.96
C THR F 79 -2.11 20.29 31.29
N PRO F 80 -1.42 20.57 32.40
CA PRO F 80 -1.94 20.04 33.67
C PRO F 80 -3.29 20.60 33.99
N GLN F 81 -3.53 21.86 33.60
CA GLN F 81 -4.82 22.49 33.82
C GLN F 81 -5.94 21.70 33.13
N ASP F 82 -5.72 21.32 31.88
CA ASP F 82 -6.74 20.56 31.15
C ASP F 82 -6.90 19.13 31.66
N ILE F 83 -5.80 18.51 32.10
N ILE F 83 -5.81 18.51 32.13
CA ILE F 83 -5.86 17.17 32.69
CA ILE F 83 -5.91 17.17 32.68
C ILE F 83 -6.79 17.21 33.90
C ILE F 83 -6.80 17.20 33.92
N ILE F 84 -6.61 18.19 34.77
CA ILE F 84 -7.37 18.31 36.01
C ILE F 84 -8.84 18.61 35.69
N LYS F 85 -9.03 19.51 34.74
CA LYS F 85 -10.38 19.88 34.30
C LYS F 85 -11.10 18.66 33.70
N ASN F 86 -10.42 17.93 32.82
CA ASN F 86 -11.08 16.81 32.14
C ASN F 86 -11.40 15.72 33.16
N ALA F 87 -10.60 15.60 34.23
CA ALA F 87 -10.85 14.56 35.24
C ALA F 87 -12.10 14.85 36.06
N ARG F 88 -12.54 16.10 36.11
CA ARG F 88 -13.76 16.39 36.84
C ARG F 88 -15.00 15.82 36.11
N SER F 89 -14.86 15.48 34.83
CA SER F 89 -15.93 14.73 34.18
C SER F 89 -16.32 13.46 34.99
N PHE F 90 -15.38 12.89 35.75
CA PHE F 90 -15.65 11.65 36.50
C PHE F 90 -15.77 11.89 38.00
N GLY F 91 -15.88 13.16 38.37
CA GLY F 91 -15.96 13.55 39.78
C GLY F 91 -14.67 13.36 40.57
N TRP F 92 -13.53 13.38 39.88
CA TRP F 92 -12.25 13.23 40.57
C TRP F 92 -11.64 14.58 40.78
N ASP F 93 -11.21 14.82 42.01
CA ASP F 93 -10.62 16.09 42.38
C ASP F 93 -9.08 16.00 42.41
N LEU F 94 -8.46 16.10 41.24
CA LEU F 94 -7.01 15.93 41.15
C LEU F 94 -6.24 17.12 41.80
N ALA F 95 -6.83 18.32 41.75
CA ALA F 95 -6.18 19.49 42.35
C ALA F 95 -5.99 19.31 43.86
N LYS F 96 -7.02 18.78 44.51
CA LYS F 96 -6.93 18.43 45.92
C LYS F 96 -5.80 17.44 46.24
N LEU F 97 -5.62 16.43 45.38
CA LEU F 97 -4.55 15.45 45.59
C LEU F 97 -3.18 16.08 45.33
N VAL F 98 -3.11 17.00 44.38
CA VAL F 98 -1.86 17.72 44.16
C VAL F 98 -1.57 18.62 45.38
N ASP F 99 -2.60 19.29 45.88
CA ASP F 99 -2.41 20.14 47.07
C ASP F 99 -1.98 19.36 48.28
N GLU F 100 -2.40 18.10 48.39
CA GLU F 100 -2.02 17.23 49.49
C GLU F 100 -0.68 16.51 49.30
N GLY F 101 -0.03 16.70 48.15
CA GLY F 101 1.24 16.04 47.89
C GLY F 101 1.18 14.56 47.57
N LYS F 102 -0.01 14.06 47.21
CA LYS F 102 -0.15 12.65 46.88
C LYS F 102 -0.04 12.42 45.37
N LEU F 103 -0.26 13.50 44.62
CA LEU F 103 -0.17 13.45 43.16
C LEU F 103 0.73 14.58 42.67
N PHE F 104 1.61 14.29 41.72
CA PHE F 104 2.37 15.34 41.07
C PHE F 104 2.18 15.24 39.58
N ILE F 105 1.68 16.32 38.97
CA ILE F 105 1.61 16.35 37.53
C ILE F 105 2.81 17.14 37.02
N LEU F 106 3.63 16.47 36.20
CA LEU F 106 4.85 17.05 35.67
C LEU F 106 4.58 17.53 34.25
N ASP F 107 4.74 18.82 34.02
CA ASP F 107 4.40 19.42 32.74
C ASP F 107 5.59 19.32 31.79
N ALA F 108 5.48 18.45 30.82
CA ALA F 108 6.46 18.36 29.74
C ALA F 108 5.82 18.83 28.42
N SER F 109 4.67 19.49 28.47
CA SER F 109 3.97 19.88 27.24
C SER F 109 4.69 21.08 26.62
N PRO F 110 4.60 21.24 25.29
CA PRO F 110 5.44 22.26 24.63
C PRO F 110 4.91 23.69 24.79
N ASP F 111 5.80 24.67 24.63
CA ASP F 111 5.38 26.05 24.73
C ASP F 111 4.65 26.46 23.46
N PRO F 112 3.42 26.97 23.61
CA PRO F 112 2.61 27.46 22.48
C PRO F 112 3.27 28.60 21.69
N GLU F 113 4.18 29.33 22.31
CA GLU F 113 4.84 30.45 21.65
C GLU F 113 5.91 29.96 20.66
N LEU F 123 15.26 15.42 26.67
CA LEU F 123 14.55 14.28 27.26
C LEU F 123 15.36 13.62 28.37
N SER F 124 16.70 13.63 28.21
CA SER F 124 17.59 13.13 29.26
C SER F 124 17.43 13.99 30.49
N ALA F 125 17.42 15.31 30.29
CA ALA F 125 17.14 16.25 31.36
C ALA F 125 15.76 15.96 31.98
N LEU F 126 14.79 15.66 31.14
CA LEU F 126 13.45 15.38 31.64
C LEU F 126 13.43 14.13 32.50
N ILE F 127 14.22 13.13 32.11
CA ILE F 127 14.32 11.90 32.89
C ILE F 127 14.81 12.15 34.29
N GLU F 128 15.81 13.01 34.43
CA GLU F 128 16.27 13.34 35.79
C GLU F 128 15.18 14.06 36.60
N ARG F 129 14.39 14.91 35.94
CA ARG F 129 13.31 15.63 36.62
C ARG F 129 12.20 14.65 37.06
N ILE F 130 11.97 13.64 36.23
CA ILE F 130 10.97 12.63 36.54
C ILE F 130 11.46 11.79 37.73
N ASN F 131 12.72 11.32 37.68
CA ASN F 131 13.38 10.72 38.86
C ASN F 131 13.19 11.56 40.12
N TYR F 132 13.48 12.87 40.01
CA TYR F 132 13.42 13.72 41.17
C TYR F 132 12.01 13.74 41.80
N ALA F 133 10.99 13.90 40.94
CA ALA F 133 9.59 13.95 41.37
C ALA F 133 9.16 12.64 42.02
N ILE F 134 9.56 11.53 41.42
CA ILE F 134 9.24 10.21 41.97
C ILE F 134 9.81 10.04 43.40
N GLN F 135 11.10 10.37 43.61
CA GLN F 135 11.66 10.31 44.94
C GLN F 135 11.06 11.38 45.88
N LYS F 136 10.84 12.59 45.37
CA LYS F 136 10.29 13.67 46.20
C LYS F 136 8.89 13.37 46.75
N TYR F 137 8.03 12.82 45.91
CA TYR F 137 6.64 12.49 46.27
C TYR F 137 6.45 11.04 46.73
N ARG F 138 7.54 10.29 46.81
CA ARG F 138 7.53 8.89 47.21
C ARG F 138 6.55 8.09 46.37
N ALA F 139 6.53 8.39 45.07
CA ALA F 139 5.56 7.76 44.20
C ALA F 139 5.88 6.30 43.87
N ARG F 140 4.85 5.47 43.82
CA ARG F 140 4.99 4.08 43.40
C ARG F 140 4.36 3.85 42.03
N ARG F 141 3.47 4.77 41.64
CA ARG F 141 2.80 4.61 40.33
C ARG F 141 3.16 5.77 39.42
N VAL F 142 3.43 5.48 38.17
CA VAL F 142 3.78 6.54 37.19
C VAL F 142 2.95 6.36 35.92
N SER F 143 2.41 7.45 35.41
CA SER F 143 1.78 7.43 34.11
C SER F 143 2.47 8.45 33.20
N ILE F 144 2.79 8.01 32.00
CA ILE F 144 3.45 8.84 30.98
C ILE F 144 2.51 8.95 29.79
N ASP F 145 2.07 10.15 29.44
CA ASP F 145 1.05 10.31 28.41
C ASP F 145 1.58 11.09 27.21
N SER F 146 1.40 10.51 26.02
CA SER F 146 1.84 11.11 24.74
C SER F 146 3.35 11.31 24.58
N VAL F 147 4.18 10.42 25.14
CA VAL F 147 5.62 10.63 25.06
C VAL F 147 6.12 10.62 23.59
N THR F 148 5.42 9.91 22.68
CA THR F 148 6.00 9.82 21.34
C THR F 148 5.78 11.09 20.53
N SER F 149 4.97 11.99 21.07
CA SER F 149 4.78 13.28 20.40
C SER F 149 6.06 14.11 20.41
N VAL F 150 7.11 13.66 21.11
CA VAL F 150 8.36 14.43 21.08
C VAL F 150 9.20 14.05 19.87
N PHE F 151 8.86 12.93 19.26
CA PHE F 151 9.65 12.48 18.11
C PHE F 151 9.06 12.96 16.85
N GLN F 152 9.79 12.70 15.79
CA GLN F 152 9.29 13.11 14.53
C GLN F 152 9.32 11.94 13.55
N GLN F 153 8.37 11.98 12.62
CA GLN F 153 8.11 10.87 11.71
C GLN F 153 9.40 10.32 11.07
N TYR F 154 10.31 11.23 10.79
CA TYR F 154 11.56 10.96 10.08
C TYR F 154 12.65 10.26 10.91
N ASP F 155 12.50 10.27 12.24
CA ASP F 155 13.57 9.82 13.13
C ASP F 155 13.89 8.34 12.91
N ALA F 156 15.17 8.00 12.95
CA ALA F 156 15.59 6.61 12.86
C ALA F 156 14.96 5.82 14.00
N SER F 157 14.52 4.60 13.71
CA SER F 157 14.00 3.71 14.75
C SER F 157 15.01 3.52 15.88
N SER F 158 16.30 3.47 15.56
CA SER F 158 17.33 3.26 16.57
C SER F 158 17.30 4.39 17.61
N VAL F 159 17.07 5.62 17.14
CA VAL F 159 17.06 6.80 18.01
C VAL F 159 15.83 6.84 18.90
N VAL F 160 14.67 6.64 18.28
CA VAL F 160 13.40 6.63 18.99
C VAL F 160 13.42 5.56 20.05
N ARG F 161 13.83 4.35 19.64
CA ARG F 161 13.89 3.25 20.60
C ARG F 161 14.85 3.53 21.77
N ARG F 162 16.07 4.01 21.49
CA ARG F 162 17.00 4.22 22.61
C ARG F 162 16.55 5.34 23.55
N GLU F 163 15.92 6.38 23.00
CA GLU F 163 15.51 7.50 23.83
C GLU F 163 14.33 7.08 24.74
N LEU F 164 13.36 6.36 24.18
CA LEU F 164 12.28 5.77 24.97
C LEU F 164 12.82 4.81 26.02
N PHE F 165 13.74 3.95 25.60
CA PHE F 165 14.29 2.94 26.52
C PHE F 165 15.00 3.60 27.70
N ARG F 166 15.71 4.69 27.44
CA ARG F 166 16.38 5.38 28.54
C ARG F 166 15.40 5.75 29.67
N LEU F 167 14.22 6.22 29.29
CA LEU F 167 13.19 6.61 30.29
C LEU F 167 12.62 5.38 31.01
N VAL F 168 12.23 4.38 30.23
CA VAL F 168 11.61 3.18 30.79
C VAL F 168 12.61 2.40 31.68
N ALA F 169 13.86 2.27 31.25
CA ALA F 169 14.88 1.61 32.07
C ALA F 169 15.08 2.32 33.43
N ARG F 170 14.98 3.64 33.44
CA ARG F 170 15.20 4.37 34.68
C ARG F 170 14.03 4.10 35.63
N LEU F 171 12.82 4.07 35.07
CA LEU F 171 11.61 3.83 35.88
C LEU F 171 11.69 2.44 36.53
N LYS F 172 12.17 1.46 35.76
CA LYS F 172 12.34 0.10 36.27
C LYS F 172 13.43 0.08 37.36
N GLN F 173 14.52 0.79 37.12
CA GLN F 173 15.59 0.87 38.12
C GLN F 173 15.11 1.44 39.46
N ILE F 174 14.24 2.44 39.37
CA ILE F 174 13.67 3.14 40.54
C ILE F 174 12.63 2.31 41.29
N GLY F 175 12.02 1.32 40.63
CA GLY F 175 10.97 0.54 41.30
C GLY F 175 9.53 0.94 40.93
N ALA F 176 9.39 1.90 40.03
CA ALA F 176 8.09 2.38 39.65
C ALA F 176 7.32 1.36 38.82
N THR F 177 6.00 1.43 38.93
CA THR F 177 5.12 0.66 38.05
C THR F 177 4.41 1.66 37.15
N THR F 178 4.57 1.49 35.84
CA THR F 178 4.28 2.58 34.90
CA THR F 178 4.22 2.59 34.96
C THR F 178 3.27 2.21 33.84
N VAL F 179 2.38 3.14 33.54
CA VAL F 179 1.54 3.03 32.35
C VAL F 179 2.06 4.08 31.34
N MET F 180 2.36 3.66 30.13
CA MET F 180 2.82 4.62 29.10
C MET F 180 1.87 4.56 27.92
N THR F 181 1.22 5.68 27.56
CA THR F 181 0.28 5.61 26.45
C THR F 181 1.00 5.82 25.13
N THR F 182 0.48 5.17 24.08
CA THR F 182 1.02 5.34 22.73
C THR F 182 -0.13 5.41 21.74
N GLU F 183 0.17 5.87 20.53
CA GLU F 183 -0.86 6.11 19.53
C GLU F 183 -0.82 5.07 18.41
N ARG F 184 -1.98 4.80 17.82
CA ARG F 184 -2.02 3.98 16.61
C ARG F 184 -3.08 4.55 15.70
N ILE F 185 -3.00 4.24 14.42
CA ILE F 185 -3.97 4.87 13.53
C ILE F 185 -4.97 3.93 12.90
N GLU F 186 -4.83 2.62 13.11
CA GLU F 186 -5.81 1.65 12.65
C GLU F 186 -6.23 0.75 13.81
N GLU F 187 -7.47 0.29 13.80
CA GLU F 187 -7.93 -0.50 14.94
C GLU F 187 -7.29 -1.87 14.88
N TYR F 188 -7.12 -2.41 13.65
CA TYR F 188 -6.38 -3.66 13.48
C TYR F 188 -5.21 -3.39 12.55
N GLY F 189 -4.02 -3.46 13.10
CA GLY F 189 -2.85 -2.92 12.43
C GLY F 189 -1.76 -2.97 13.46
N PRO F 190 -0.67 -2.22 13.24
CA PRO F 190 0.49 -2.28 14.14
C PRO F 190 0.10 -1.88 15.56
N ILE F 191 0.93 -2.27 16.52
CA ILE F 191 0.64 -1.96 17.93
C ILE F 191 0.68 -0.44 18.17
N ALA F 192 1.69 0.22 17.60
CA ALA F 192 1.90 1.67 17.82
C ALA F 192 2.60 2.36 16.63
N ARG F 193 2.64 3.68 16.68
CA ARG F 193 3.01 4.51 15.53
C ARG F 193 4.45 4.35 15.01
N TYR F 194 5.44 4.27 15.89
CA TYR F 194 6.84 4.26 15.45
C TYR F 194 7.42 2.87 15.25
N GLY F 195 6.67 1.82 15.60
CA GLY F 195 7.15 0.46 15.40
C GLY F 195 8.30 0.02 16.29
N VAL F 196 8.51 0.71 17.41
CA VAL F 196 9.51 0.25 18.37
C VAL F 196 8.96 0.15 19.78
N GLU F 197 7.77 0.72 19.99
CA GLU F 197 7.22 0.86 21.34
C GLU F 197 6.97 -0.48 22.03
N GLU F 198 6.57 -1.48 21.26
CA GLU F 198 6.39 -2.81 21.82
C GLU F 198 7.70 -3.42 22.31
N PHE F 199 8.85 -2.86 21.96
CA PHE F 199 10.09 -3.43 22.46
C PHE F 199 10.63 -2.77 23.72
N VAL F 200 10.09 -1.61 24.07
CA VAL F 200 10.63 -0.90 25.22
C VAL F 200 9.81 -1.15 26.49
N SER F 201 8.56 -1.60 26.37
CA SER F 201 7.73 -1.88 27.54
C SER F 201 7.67 -3.37 27.91
N ASP F 202 7.44 -3.71 29.18
CA ASP F 202 7.33 -5.15 29.50
C ASP F 202 6.02 -5.75 28.96
N ASN F 203 4.91 -4.99 29.05
CA ASN F 203 3.56 -5.47 28.75
C ASN F 203 2.87 -4.61 27.71
N VAL F 204 1.86 -5.17 27.03
CA VAL F 204 1.14 -4.42 25.97
C VAL F 204 -0.37 -4.58 26.09
N VAL F 205 -1.06 -3.45 26.24
CA VAL F 205 -2.52 -3.39 26.29
C VAL F 205 -3.00 -2.55 25.11
N ILE F 206 -4.02 -3.04 24.43
CA ILE F 206 -4.58 -2.34 23.26
CA ILE F 206 -4.56 -2.29 23.29
C ILE F 206 -6.01 -1.92 23.56
N LEU F 207 -6.30 -0.62 23.45
CA LEU F 207 -7.69 -0.14 23.51
C LEU F 207 -8.17 0.07 22.08
N ARG F 208 -9.36 -0.44 21.78
CA ARG F 208 -9.93 -0.28 20.44
C ARG F 208 -11.28 0.45 20.53
N ASN F 209 -11.68 1.02 19.40
CA ASN F 209 -12.95 1.74 19.29
C ASN F 209 -13.52 1.42 17.90
N VAL F 210 -14.01 0.19 17.76
CA VAL F 210 -14.29 -0.40 16.43
C VAL F 210 -15.69 -0.02 15.95
N LEU F 211 -15.78 0.34 14.68
CA LEU F 211 -17.11 0.54 14.06
C LEU F 211 -17.75 -0.80 13.68
N GLU F 212 -18.95 -1.03 14.18
CA GLU F 212 -19.77 -2.20 13.83
C GLU F 212 -21.04 -1.66 13.19
N GLY F 213 -21.12 -1.71 11.86
CA GLY F 213 -22.12 -0.94 11.17
C GLY F 213 -21.84 0.52 11.48
N GLU F 214 -22.83 1.21 12.06
CA GLU F 214 -22.67 2.63 12.41
C GLU F 214 -22.46 2.86 13.89
N ARG F 215 -22.30 1.78 14.65
CA ARG F 215 -22.13 1.89 16.10
C ARG F 215 -20.66 1.68 16.50
N ARG F 216 -20.22 2.37 17.56
CA ARG F 216 -18.87 2.11 18.12
C ARG F 216 -18.92 1.17 19.32
N ARG F 217 -17.96 0.27 19.40
CA ARG F 217 -17.82 -0.57 20.58
C ARG F 217 -16.37 -0.49 21.10
N ARG F 218 -16.22 -0.14 22.37
CA ARG F 218 -14.89 -0.06 22.98
C ARG F 218 -14.51 -1.45 23.49
N THR F 219 -13.27 -1.85 23.26
CA THR F 219 -12.75 -3.10 23.82
C THR F 219 -11.34 -2.89 24.35
N LEU F 220 -10.98 -3.71 25.33
CA LEU F 220 -9.61 -3.71 25.85
C LEU F 220 -9.03 -5.11 25.59
N GLU F 221 -7.77 -5.20 25.21
CA GLU F 221 -7.09 -6.47 25.05
C GLU F 221 -5.72 -6.39 25.70
N ILE F 222 -5.43 -7.37 26.56
CA ILE F 222 -4.05 -7.54 27.03
C ILE F 222 -3.38 -8.45 26.02
N LEU F 223 -2.51 -7.87 25.20
CA LEU F 223 -1.85 -8.59 24.11
C LEU F 223 -0.69 -9.39 24.66
N LYS F 224 0.07 -8.76 25.55
CA LYS F 224 1.26 -9.38 26.12
C LYS F 224 1.40 -8.98 27.57
N LEU F 225 1.58 -9.98 28.43
CA LEU F 225 1.80 -9.71 29.84
C LEU F 225 2.90 -10.67 30.27
N ARG F 226 4.13 -10.18 30.39
CA ARG F 226 5.24 -11.10 30.63
C ARG F 226 5.19 -11.74 32.03
N GLY F 227 5.51 -13.03 32.08
CA GLY F 227 5.76 -13.67 33.38
C GLY F 227 4.51 -14.19 34.04
N THR F 228 3.36 -14.14 33.34
CA THR F 228 2.08 -14.55 33.96
C THR F 228 1.04 -14.90 32.92
N SER F 229 0.08 -15.73 33.30
CA SER F 229 -1.10 -15.93 32.45
C SER F 229 -2.00 -14.68 32.59
N HIS F 230 -2.98 -14.59 31.69
CA HIS F 230 -3.95 -13.48 31.70
C HIS F 230 -5.10 -13.86 30.79
N MET F 231 -6.24 -13.18 30.92
CA MET F 231 -7.29 -13.42 29.94
C MET F 231 -6.89 -12.85 28.58
N LYS F 232 -7.26 -13.56 27.52
CA LYS F 232 -6.81 -13.21 26.16
C LYS F 232 -7.91 -12.74 25.26
N GLY F 233 -7.56 -12.00 24.23
CA GLY F 233 -8.59 -11.45 23.35
C GLY F 233 -9.19 -10.16 23.84
N GLU F 234 -10.27 -9.75 23.20
CA GLU F 234 -10.89 -8.47 23.46
C GLU F 234 -12.03 -8.57 24.46
N TYR F 235 -12.16 -7.58 25.35
CA TYR F 235 -13.26 -7.50 26.32
C TYR F 235 -13.89 -6.13 26.23
N PRO F 236 -15.22 -6.09 26.17
CA PRO F 236 -15.94 -4.81 26.02
C PRO F 236 -15.81 -3.95 27.26
N PHE F 237 -15.80 -2.63 27.05
CA PHE F 237 -15.87 -1.71 28.19
C PHE F 237 -16.66 -0.47 27.85
N THR F 238 -17.05 0.27 28.89
CA THR F 238 -17.68 1.56 28.71
C THR F 238 -16.90 2.62 29.47
N ILE F 239 -17.04 3.86 29.01
CA ILE F 239 -16.61 5.00 29.81
C ILE F 239 -17.87 5.73 30.32
N THR F 240 -17.95 5.85 31.62
CA THR F 240 -19.12 6.48 32.24
C THR F 240 -18.65 7.54 33.19
N ASP F 241 -19.58 8.10 33.96
CA ASP F 241 -19.24 9.07 35.00
C ASP F 241 -18.30 8.49 36.04
N HIS F 242 -18.12 7.18 36.06
CA HIS F 242 -17.21 6.63 37.03
C HIS F 242 -15.92 6.07 36.40
N GLY F 243 -15.65 6.46 35.15
CA GLY F 243 -14.41 6.10 34.47
C GLY F 243 -14.60 4.82 33.65
N ILE F 244 -13.53 4.07 33.48
CA ILE F 244 -13.60 2.86 32.70
C ILE F 244 -14.23 1.71 33.50
N ASN F 245 -15.21 1.03 32.91
CA ASN F 245 -15.73 -0.23 33.45
C ASN F 245 -15.65 -1.31 32.40
N ILE F 246 -14.87 -2.35 32.66
CA ILE F 246 -14.66 -3.45 31.69
C ILE F 246 -15.48 -4.66 32.16
N PHE F 247 -16.13 -5.34 31.21
CA PHE F 247 -16.96 -6.50 31.54
C PHE F 247 -16.33 -7.77 30.98
N PRO F 248 -15.58 -8.53 31.83
CA PRO F 248 -14.87 -9.71 31.31
C PRO F 248 -15.80 -10.89 30.98
N LEU F 249 -17.01 -10.90 31.54
CA LEU F 249 -17.90 -12.01 31.21
C LEU F 249 -18.98 -11.60 30.20
#